data_6T5A
#
_entry.id   6T5A
#
_cell.length_a   79.51
_cell.length_b   106.3
_cell.length_c   106.01
_cell.angle_alpha   90
_cell.angle_beta   92.05
_cell.angle_gamma   90
#
_symmetry.space_group_name_H-M   'P 1 21 1'
#
loop_
_entity.id
_entity.type
_entity.pdbx_description
1 polymer 'Tegument protein UL51'
2 polymer 'Cytoplasmic envelopment protein 1'
3 non-polymer GLYCEROL
4 non-polymer 'CHLORIDE ION'
5 water water
#
loop_
_entity_poly.entity_id
_entity_poly.type
_entity_poly.pdbx_seq_one_letter_code
_entity_poly.pdbx_strand_id
1 'polypeptide(L)'
;MISGWGARPEEQYEMIRAAVPPSEAEPRLQEALVVVNALLPAPITLDDALGSLDDTRRLVKARALARTYHACMVNLERLA
RHHPGLEAPTIDGAVAAHQDKMRRLADTCMATILQMYMSVGAADKSADVLVSQAIR
;
A,B,C,D
2 'polypeptide(L)'
;MAAATADDEGSAATILKQAIAGDRSLVEAAEAISQQTLLRLACEVRQVGDRQPRFTATSIARVDVAPGCRLRFVLDGSPE
DAYVTSEDYFKRCCGQSSYRGFAVAVLTANEDHVHSLAVPPLVLLHRFSLFNPRDLLDFELACLLMYLENCPRSHATPST
FAKVLAWLGVAGRRTSPFERVRCLFLRSCHWVLNTLMFMVHVKPFDDEFVLPHWYMARYLLANNPPPVLSALFCATPTSS
SFRLPGPPPRSDCVAYNPAGIMGSCWASEEVRAPLVYWWLSETPKRQTSSLFYQFCGSLEVLFQ
;
E,F,G,H
#
# COMPACT_ATOMS: atom_id res chain seq x y z
N ALA A 18 -23.75 -19.29 21.29
CA ALA A 18 -24.11 -17.87 21.19
C ALA A 18 -24.64 -17.49 19.79
N ALA A 19 -24.16 -18.19 18.74
CA ALA A 19 -24.48 -17.96 17.34
C ALA A 19 -25.95 -18.10 16.99
N VAL A 20 -26.48 -17.11 16.26
CA VAL A 20 -27.87 -17.12 15.80
C VAL A 20 -27.88 -17.72 14.39
N PRO A 21 -28.53 -18.88 14.18
CA PRO A 21 -28.51 -19.48 12.83
C PRO A 21 -29.36 -18.70 11.83
N PRO A 22 -29.10 -18.82 10.51
CA PRO A 22 -29.94 -18.13 9.50
C PRO A 22 -31.43 -18.43 9.66
N SER A 23 -31.80 -19.67 10.06
CA SER A 23 -33.21 -20.06 10.23
C SER A 23 -33.95 -19.17 11.24
N GLU A 24 -33.22 -18.57 12.19
CA GLU A 24 -33.79 -17.64 13.17
C GLU A 24 -33.58 -16.16 12.78
N ALA A 25 -32.49 -15.83 12.11
CA ALA A 25 -32.22 -14.45 11.68
C ALA A 25 -31.54 -14.53 10.34
N GLU A 26 -32.39 -14.53 9.28
CA GLU A 26 -31.93 -14.69 7.91
C GLU A 26 -30.95 -13.63 7.50
N PRO A 27 -29.80 -14.03 6.94
CA PRO A 27 -28.83 -13.03 6.50
C PRO A 27 -29.33 -12.25 5.28
N ARG A 28 -28.79 -11.04 5.11
CA ARG A 28 -29.10 -10.14 4.00
C ARG A 28 -27.79 -9.90 3.25
N LEU A 29 -27.88 -9.82 1.93
CA LEU A 29 -26.75 -9.51 1.08
C LEU A 29 -27.09 -8.24 0.30
N GLN A 30 -26.28 -7.19 0.46
CA GLN A 30 -26.45 -5.91 -0.26
C GLN A 30 -25.26 -5.75 -1.18
N GLU A 31 -25.50 -5.31 -2.43
CA GLU A 31 -24.43 -5.16 -3.42
C GLU A 31 -24.48 -3.79 -4.06
N ALA A 32 -23.31 -3.26 -4.39
CA ALA A 32 -23.21 -1.95 -5.03
C ALA A 32 -21.93 -1.85 -5.83
N LEU A 33 -21.88 -0.86 -6.69
CA LEU A 33 -20.67 -0.50 -7.39
C LEU A 33 -20.22 0.75 -6.61
N VAL A 34 -18.95 0.78 -6.21
CA VAL A 34 -18.44 1.94 -5.45
C VAL A 34 -17.33 2.64 -6.23
N VAL A 35 -17.30 3.98 -6.15
CA VAL A 35 -16.26 4.80 -6.78
C VAL A 35 -15.73 5.72 -5.68
N VAL A 36 -14.43 5.62 -5.42
CA VAL A 36 -13.75 6.38 -4.38
C VAL A 36 -12.65 7.19 -5.05
N ASN A 37 -12.56 8.50 -4.75
CA ASN A 37 -11.52 9.36 -5.30
C ASN A 37 -11.01 10.30 -4.21
N ALA A 38 -9.68 10.37 -4.02
CA ALA A 38 -9.09 11.30 -3.06
C ALA A 38 -9.39 12.74 -3.48
N LEU A 39 -9.62 13.62 -2.52
CA LEU A 39 -9.87 15.02 -2.84
C LEU A 39 -8.57 15.73 -3.16
N LEU A 40 -7.50 15.35 -2.44
CA LEU A 40 -6.23 16.06 -2.51
C LEU A 40 -5.08 15.21 -3.02
N PRO A 41 -4.08 15.86 -3.67
CA PRO A 41 -2.91 15.11 -4.14
C PRO A 41 -1.99 14.71 -2.98
N ALA A 42 -1.56 13.43 -2.97
CA ALA A 42 -0.65 12.92 -1.94
C ALA A 42 0.70 13.65 -2.03
N PRO A 43 1.39 13.94 -0.90
CA PRO A 43 1.04 13.59 0.49
C PRO A 43 0.28 14.70 1.24
N ILE A 44 -0.43 15.62 0.52
CA ILE A 44 -1.15 16.73 1.15
C ILE A 44 -2.33 16.19 1.93
N THR A 45 -2.44 16.58 3.21
CA THR A 45 -3.51 16.11 4.09
C THR A 45 -4.65 17.13 4.11
N LEU A 46 -5.83 16.71 4.60
CA LEU A 46 -6.95 17.62 4.76
C LEU A 46 -6.59 18.79 5.71
N ASP A 47 -5.84 18.50 6.82
CA ASP A 47 -5.39 19.52 7.78
CA ASP A 47 -5.39 19.53 7.77
C ASP A 47 -4.51 20.56 7.06
N ASP A 48 -3.62 20.09 6.14
CA ASP A 48 -2.72 20.99 5.39
C ASP A 48 -3.54 21.96 4.53
N ALA A 49 -4.49 21.42 3.75
CA ALA A 49 -5.28 22.22 2.85
C ALA A 49 -6.24 23.14 3.59
N LEU A 50 -6.80 22.71 4.75
CA LEU A 50 -7.67 23.58 5.56
C LEU A 50 -6.86 24.70 6.22
N GLY A 51 -5.62 24.39 6.64
CA GLY A 51 -4.70 25.36 7.23
C GLY A 51 -4.31 26.41 6.19
N SER A 52 -4.12 25.97 4.93
CA SER A 52 -3.80 26.85 3.81
C SER A 52 -4.99 27.74 3.49
N LEU A 53 -6.21 27.18 3.48
CA LEU A 53 -7.41 27.98 3.20
C LEU A 53 -7.57 29.08 4.28
N ASP A 54 -7.26 28.76 5.54
CA ASP A 54 -7.35 29.71 6.64
C ASP A 54 -6.29 30.78 6.55
N ASP A 55 -5.02 30.40 6.24
CA ASP A 55 -3.93 31.35 6.06
C ASP A 55 -4.24 32.30 4.90
N THR A 56 -4.69 31.75 3.75
CA THR A 56 -5.03 32.52 2.56
C THR A 56 -6.13 33.52 2.86
N ARG A 57 -7.19 33.10 3.59
CA ARG A 57 -8.26 34.04 3.96
C ARG A 57 -7.76 35.18 4.87
N ARG A 58 -6.84 34.87 5.80
CA ARG A 58 -6.23 35.89 6.66
C ARG A 58 -5.33 36.84 5.85
N LEU A 59 -4.59 36.29 4.86
CA LEU A 59 -3.71 37.05 3.99
C LEU A 59 -4.48 37.93 2.99
N VAL A 60 -5.67 37.47 2.54
CA VAL A 60 -6.54 38.24 1.64
C VAL A 60 -7.05 39.46 2.42
N LYS A 61 -7.40 39.28 3.70
CA LYS A 61 -7.82 40.39 4.57
C LYS A 61 -6.65 41.35 4.81
N ALA A 62 -5.42 40.81 4.98
CA ALA A 62 -4.20 41.57 5.22
C ALA A 62 -3.75 42.42 4.02
N ARG A 63 -4.38 42.24 2.83
CA ARG A 63 -4.05 43.04 1.63
C ARG A 63 -4.26 44.52 1.93
N ALA A 64 -5.27 44.86 2.76
CA ALA A 64 -5.55 46.24 3.19
C ALA A 64 -4.35 46.88 3.88
N LEU A 65 -3.63 46.10 4.72
CA LEU A 65 -2.43 46.54 5.44
C LEU A 65 -1.25 46.76 4.50
N ALA A 66 -1.04 45.83 3.54
CA ALA A 66 0.05 45.93 2.56
C ALA A 66 -0.20 47.16 1.64
N ARG A 67 -1.47 47.38 1.24
CA ARG A 67 -1.88 48.52 0.42
C ARG A 67 -1.65 49.86 1.18
N THR A 68 -2.01 49.89 2.48
CA THR A 68 -1.85 51.08 3.32
C THR A 68 -0.37 51.41 3.51
N TYR A 69 0.45 50.39 3.77
CA TYR A 69 1.90 50.54 3.89
C TYR A 69 2.46 51.14 2.60
N HIS A 70 2.05 50.58 1.44
CA HIS A 70 2.47 51.08 0.14
C HIS A 70 2.08 52.55 -0.06
N ALA A 71 0.84 52.95 0.32
CA ALA A 71 0.41 54.36 0.20
C ALA A 71 1.31 55.30 1.03
N CYS A 72 1.70 54.85 2.25
CA CYS A 72 2.62 55.61 3.12
C CYS A 72 3.93 55.80 2.42
N MET A 73 4.45 54.73 1.79
CA MET A 73 5.76 54.77 1.13
C MET A 73 5.72 55.67 -0.11
N VAL A 74 4.60 55.66 -0.88
CA VAL A 74 4.44 56.56 -2.04
C VAL A 74 4.42 58.00 -1.52
N ASN A 75 3.66 58.26 -0.43
CA ASN A 75 3.60 59.61 0.16
C ASN A 75 4.96 60.07 0.62
N LEU A 76 5.79 59.17 1.18
CA LEU A 76 7.16 59.49 1.60
C LEU A 76 8.03 59.87 0.40
N GLU A 77 7.88 59.15 -0.73
CA GLU A 77 8.61 59.44 -1.97
C GLU A 77 8.17 60.80 -2.53
N ARG A 78 6.85 61.09 -2.52
CA ARG A 78 6.30 62.37 -2.99
C ARG A 78 6.83 63.55 -2.16
N LEU A 79 6.94 63.36 -0.84
CA LEU A 79 7.44 64.38 0.08
C LEU A 79 8.93 64.65 -0.14
N ALA A 80 9.72 63.59 -0.40
CA ALA A 80 11.16 63.70 -0.65
C ALA A 80 11.48 64.31 -2.02
N ARG A 81 10.69 63.99 -3.06
CA ARG A 81 10.88 64.48 -4.42
C ARG A 81 10.49 65.94 -4.61
N HIS A 82 9.35 66.37 -4.02
CA HIS A 82 8.84 67.73 -4.15
C HIS A 82 9.59 68.78 -3.31
N HIS A 83 10.43 68.34 -2.36
CA HIS A 83 11.19 69.22 -1.48
C HIS A 83 12.65 68.80 -1.37
N THR A 90 16.74 74.52 7.99
CA THR A 90 15.37 75.03 7.89
C THR A 90 14.71 75.24 9.23
N ILE A 91 13.84 76.26 9.33
CA ILE A 91 13.03 76.51 10.53
C ILE A 91 11.58 76.15 10.26
N ASP A 92 11.29 75.72 9.03
CA ASP A 92 9.97 75.32 8.59
C ASP A 92 9.86 73.80 8.76
N GLY A 93 9.17 73.35 9.81
CA GLY A 93 9.03 71.93 10.10
C GLY A 93 7.89 71.20 9.41
N ALA A 94 7.17 71.84 8.44
CA ALA A 94 5.98 71.25 7.79
C ALA A 94 6.22 69.91 7.08
N VAL A 95 7.26 69.84 6.23
CA VAL A 95 7.59 68.62 5.47
C VAL A 95 7.96 67.51 6.47
N ALA A 96 8.82 67.82 7.47
CA ALA A 96 9.22 66.87 8.50
C ALA A 96 8.03 66.34 9.31
N ALA A 97 7.03 67.21 9.62
CA ALA A 97 5.82 66.79 10.34
C ALA A 97 5.02 65.79 9.50
N HIS A 98 4.89 66.02 8.18
CA HIS A 98 4.20 65.11 7.26
C HIS A 98 4.93 63.77 7.16
N GLN A 99 6.27 63.81 7.02
CA GLN A 99 7.11 62.60 6.95
C GLN A 99 6.97 61.77 8.22
N ASP A 100 6.94 62.41 9.41
CA ASP A 100 6.75 61.71 10.69
C ASP A 100 5.42 60.96 10.73
N LYS A 101 4.33 61.59 10.26
CA LYS A 101 3.00 61.00 10.22
C LYS A 101 2.96 59.75 9.31
N MET A 102 3.58 59.84 8.12
CA MET A 102 3.64 58.75 7.17
C MET A 102 4.50 57.60 7.67
N ARG A 103 5.64 57.94 8.32
CA ARG A 103 6.56 56.96 8.90
C ARG A 103 5.88 56.19 10.04
N ARG A 104 5.12 56.89 10.90
CA ARG A 104 4.42 56.24 12.01
C ARG A 104 3.29 55.30 11.53
N LEU A 105 2.50 55.73 10.51
CA LEU A 105 1.43 54.89 10.00
C LEU A 105 2.00 53.64 9.31
N ALA A 106 3.10 53.80 8.53
CA ALA A 106 3.77 52.67 7.87
C ALA A 106 4.31 51.69 8.94
N ASP A 107 4.90 52.22 10.04
CA ASP A 107 5.40 51.40 11.15
C ASP A 107 4.27 50.58 11.79
N THR A 108 3.08 51.21 11.98
CA THR A 108 1.89 50.55 12.53
C THR A 108 1.43 49.39 11.63
N CYS A 109 1.40 49.62 10.29
CA CYS A 109 1.02 48.61 9.30
C CYS A 109 1.98 47.46 9.34
N MET A 110 3.29 47.78 9.37
CA MET A 110 4.36 46.80 9.42
C MET A 110 4.26 45.95 10.68
N ALA A 111 4.03 46.58 11.86
CA ALA A 111 3.88 45.88 13.15
C ALA A 111 2.72 44.87 13.13
N THR A 112 1.56 45.25 12.54
CA THR A 112 0.38 44.38 12.43
C THR A 112 0.64 43.18 11.50
N ILE A 113 1.35 43.42 10.37
CA ILE A 113 1.71 42.38 9.40
C ILE A 113 2.67 41.40 10.06
N LEU A 114 3.69 41.91 10.79
CA LEU A 114 4.67 41.08 11.49
C LEU A 114 4.04 40.20 12.56
N GLN A 115 3.02 40.71 13.27
CA GLN A 115 2.30 39.97 14.32
C GLN A 115 1.54 38.79 13.72
N MET A 116 0.90 38.99 12.54
CA MET A 116 0.19 37.93 11.81
C MET A 116 1.17 36.86 11.30
N TYR A 117 2.32 37.26 10.74
CA TYR A 117 3.34 36.34 10.24
C TYR A 117 4.05 35.59 11.36
N MET A 118 4.56 36.34 12.36
CA MET A 118 5.28 35.81 13.51
C MET A 118 4.33 35.76 14.70
N SER A 119 3.44 34.76 14.70
CA SER A 119 2.44 34.55 15.75
C SER A 119 3.05 33.94 17.00
N ALA B 18 -31.11 -13.30 -16.17
CA ALA B 18 -31.31 -13.10 -14.73
C ALA B 18 -31.26 -11.63 -14.32
N ALA B 19 -30.50 -10.79 -15.07
CA ALA B 19 -30.30 -9.36 -14.81
C ALA B 19 -31.58 -8.53 -14.85
N VAL B 20 -31.75 -7.67 -13.85
CA VAL B 20 -32.92 -6.79 -13.76
C VAL B 20 -32.55 -5.45 -14.42
N PRO B 21 -33.23 -5.05 -15.51
CA PRO B 21 -32.88 -3.78 -16.17
C PRO B 21 -33.32 -2.57 -15.35
N PRO B 22 -32.70 -1.39 -15.55
CA PRO B 22 -33.13 -0.19 -14.81
C PRO B 22 -34.61 0.13 -14.97
N SER B 23 -35.21 -0.15 -16.16
CA SER B 23 -36.64 0.11 -16.40
C SER B 23 -37.54 -0.64 -15.40
N GLU B 24 -37.07 -1.76 -14.85
CA GLU B 24 -37.80 -2.53 -13.81
C GLU B 24 -37.34 -2.22 -12.37
N ALA B 25 -36.07 -1.89 -12.18
CA ALA B 25 -35.56 -1.55 -10.86
C ALA B 25 -34.53 -0.45 -11.05
N GLU B 26 -35.01 0.80 -11.01
CA GLU B 26 -34.17 1.98 -11.27
C GLU B 26 -33.00 2.07 -10.32
N PRO B 27 -31.78 2.23 -10.85
CA PRO B 27 -30.63 2.38 -9.94
C PRO B 27 -30.67 3.68 -9.16
N ARG B 28 -30.00 3.69 -8.01
CA ARG B 28 -29.84 4.83 -7.11
C ARG B 28 -28.35 5.14 -7.03
N LEU B 29 -28.03 6.44 -6.99
CA LEU B 29 -26.69 6.92 -6.83
C LEU B 29 -26.64 7.80 -5.59
N GLN B 30 -25.81 7.44 -4.61
CA GLN B 30 -25.62 8.20 -3.37
C GLN B 30 -24.19 8.67 -3.36
N GLU B 31 -23.98 9.94 -2.97
CA GLU B 31 -22.66 10.58 -2.96
C GLU B 31 -22.38 11.23 -1.63
N ALA B 32 -21.13 11.13 -1.20
CA ALA B 32 -20.71 11.73 0.06
C ALA B 32 -19.27 12.11 0.01
N LEU B 33 -18.86 12.99 0.94
CA LEU B 33 -17.48 13.29 1.17
C LEU B 33 -17.17 12.42 2.40
N VAL B 34 -16.07 11.66 2.34
CA VAL B 34 -15.69 10.79 3.45
C VAL B 34 -14.34 11.20 4.02
N VAL B 35 -14.19 11.10 5.34
CA VAL B 35 -12.95 11.41 6.04
C VAL B 35 -12.66 10.22 6.94
N VAL B 36 -11.51 9.61 6.73
CA VAL B 36 -11.10 8.42 7.49
C VAL B 36 -9.77 8.73 8.17
N ASN B 37 -9.64 8.40 9.46
CA ASN B 37 -8.42 8.64 10.23
C ASN B 37 -8.17 7.46 11.14
N ALA B 38 -6.96 6.86 11.07
CA ALA B 38 -6.58 5.78 11.99
C ALA B 38 -6.56 6.30 13.42
N LEU B 39 -6.99 5.46 14.36
CA LEU B 39 -7.00 5.85 15.75
C LEU B 39 -5.61 5.76 16.34
N LEU B 40 -4.85 4.74 15.90
CA LEU B 40 -3.55 4.42 16.49
C LEU B 40 -2.38 4.55 15.53
N PRO B 41 -1.18 4.89 16.06
CA PRO B 41 0.01 5.00 15.19
C PRO B 41 0.51 3.62 14.74
N ALA B 42 0.78 3.48 13.43
CA ALA B 42 1.28 2.23 12.86
C ALA B 42 2.67 1.90 13.46
N PRO B 43 3.02 0.62 13.71
CA PRO B 43 2.24 -0.60 13.45
C PRO B 43 1.40 -1.08 14.66
N ILE B 44 1.04 -0.17 15.61
CA ILE B 44 0.26 -0.57 16.80
C ILE B 44 -1.14 -0.98 16.39
N THR B 45 -1.56 -2.17 16.84
CA THR B 45 -2.88 -2.70 16.52
C THR B 45 -3.86 -2.37 17.64
N LEU B 46 -5.17 -2.51 17.35
CA LEU B 46 -6.20 -2.30 18.38
C LEU B 46 -6.01 -3.31 19.54
N ASP B 47 -5.66 -4.59 19.22
CA ASP B 47 -5.42 -5.63 20.24
CA ASP B 47 -5.41 -5.62 20.23
C ASP B 47 -4.26 -5.19 21.16
N ASP B 48 -3.19 -4.61 20.58
CA ASP B 48 -2.03 -4.15 21.36
C ASP B 48 -2.43 -3.06 22.36
N ALA B 49 -3.17 -2.06 21.89
CA ALA B 49 -3.58 -0.94 22.73
C ALA B 49 -4.60 -1.35 23.76
N LEU B 50 -5.51 -2.30 23.43
CA LEU B 50 -6.50 -2.79 24.41
C LEU B 50 -5.81 -3.65 25.47
N GLY B 51 -4.81 -4.43 25.06
CA GLY B 51 -4.00 -5.26 25.98
C GLY B 51 -3.22 -4.37 26.94
N SER B 52 -2.70 -3.24 26.42
CA SER B 52 -1.98 -2.26 27.24
C SER B 52 -2.92 -1.59 28.22
N LEU B 53 -4.12 -1.21 27.78
CA LEU B 53 -5.10 -0.59 28.67
C LEU B 53 -5.48 -1.56 29.82
N ASP B 54 -5.60 -2.87 29.52
CA ASP B 54 -5.91 -3.89 30.51
C ASP B 54 -4.76 -4.10 31.48
N ASP B 55 -3.50 -4.19 30.98
CA ASP B 55 -2.31 -4.34 31.80
C ASP B 55 -2.15 -3.13 32.73
N THR B 56 -2.32 -1.91 32.19
CA THR B 56 -2.20 -0.66 32.94
C THR B 56 -3.24 -0.62 34.06
N ARG B 57 -4.50 -1.01 33.76
CA ARG B 57 -5.55 -1.03 34.81
C ARG B 57 -5.21 -2.04 35.93
N ARG B 58 -4.63 -3.20 35.57
CA ARG B 58 -4.21 -4.21 36.57
C ARG B 58 -3.02 -3.69 37.38
N LEU B 59 -2.06 -3.00 36.73
CA LEU B 59 -0.89 -2.43 37.38
C LEU B 59 -1.23 -1.23 38.28
N VAL B 60 -2.27 -0.45 37.92
CA VAL B 60 -2.77 0.68 38.74
C VAL B 60 -3.35 0.10 40.04
N LYS B 61 -4.09 -1.02 39.94
CA LYS B 61 -4.63 -1.71 41.12
C LYS B 61 -3.49 -2.29 41.97
N ALA B 62 -2.45 -2.84 41.32
CA ALA B 62 -1.27 -3.43 41.97
C ALA B 62 -0.39 -2.40 42.71
N ARG B 63 -0.64 -1.08 42.54
CA ARG B 63 0.11 -0.03 43.25
C ARG B 63 -0.01 -0.26 44.77
N ALA B 64 -1.19 -0.74 45.24
CA ALA B 64 -1.44 -1.05 46.66
C ALA B 64 -0.43 -2.07 47.20
N LEU B 65 -0.09 -3.09 46.38
CA LEU B 65 0.88 -4.14 46.74
C LEU B 65 2.30 -3.61 46.79
N ALA B 66 2.69 -2.76 45.81
CA ALA B 66 4.03 -2.15 45.78
C ALA B 66 4.20 -1.19 46.98
N ARG B 67 3.14 -0.45 47.32
CA ARG B 67 3.13 0.48 48.47
C ARG B 67 3.24 -0.30 49.79
N THR B 68 2.51 -1.43 49.90
CA THR B 68 2.54 -2.27 51.12
C THR B 68 3.91 -2.89 51.31
N TYR B 69 4.51 -3.40 50.22
CA TYR B 69 5.86 -3.96 50.25
C TYR B 69 6.84 -2.88 50.75
N HIS B 70 6.74 -1.67 50.18
CA HIS B 70 7.58 -0.55 50.58
C HIS B 70 7.44 -0.21 52.07
N ALA B 71 6.19 -0.21 52.61
CA ALA B 71 5.96 0.05 54.04
C ALA B 71 6.68 -0.99 54.91
N CYS B 72 6.64 -2.28 54.49
CA CYS B 72 7.32 -3.38 55.19
C CYS B 72 8.82 -3.12 55.21
N MET B 73 9.38 -2.69 54.06
CA MET B 73 10.82 -2.45 53.93
C MET B 73 11.25 -1.23 54.79
N VAL B 74 10.42 -0.18 54.85
CA VAL B 74 10.70 1.00 55.72
C VAL B 74 10.66 0.53 57.19
N ASN B 75 9.65 -0.28 57.57
CA ASN B 75 9.55 -0.81 58.94
C ASN B 75 10.75 -1.66 59.29
N LEU B 76 11.27 -2.45 58.33
CA LEU B 76 12.48 -3.26 58.53
C LEU B 76 13.70 -2.37 58.77
N GLU B 77 13.82 -1.26 58.02
CA GLU B 77 14.91 -0.29 58.19
C GLU B 77 14.81 0.38 59.58
N ARG B 78 13.59 0.78 59.99
CA ARG B 78 13.35 1.39 61.30
C ARG B 78 13.73 0.44 62.45
N LEU B 79 13.41 -0.85 62.30
CA LEU B 79 13.72 -1.87 63.29
C LEU B 79 15.23 -2.11 63.41
N ALA B 80 15.93 -2.13 62.27
CA ALA B 80 17.39 -2.34 62.21
C ALA B 80 18.17 -1.13 62.73
N ARG B 81 17.70 0.10 62.45
CA ARG B 81 18.37 1.34 62.87
C ARG B 81 18.21 1.65 64.36
N HIS B 82 17.01 1.44 64.92
CA HIS B 82 16.71 1.73 66.32
C HIS B 82 17.29 0.71 67.32
N HIS B 83 17.75 -0.46 66.83
CA HIS B 83 18.28 -1.53 67.67
C HIS B 83 19.57 -2.10 67.09
N THR B 90 21.30 -12.11 72.76
CA THR B 90 20.09 -11.61 73.42
C THR B 90 19.07 -12.70 73.74
N ILE B 91 18.34 -12.53 74.86
CA ILE B 91 17.24 -13.42 75.24
C ILE B 91 15.90 -12.72 75.02
N ASP B 92 15.95 -11.46 74.58
CA ASP B 92 14.78 -10.65 74.30
C ASP B 92 14.46 -10.81 72.80
N GLY B 93 13.43 -11.60 72.47
CA GLY B 93 13.07 -11.84 71.08
C GLY B 93 12.11 -10.86 70.43
N ALA B 94 11.78 -9.71 71.09
CA ALA B 94 10.79 -8.74 70.59
C ALA B 94 11.09 -8.14 69.21
N VAL B 95 12.32 -7.66 68.99
CA VAL B 95 12.72 -7.05 67.71
C VAL B 95 12.65 -8.12 66.61
N ALA B 96 13.21 -9.33 66.89
CA ALA B 96 13.18 -10.45 65.95
C ALA B 96 11.75 -10.86 65.57
N ALA B 97 10.81 -10.84 66.53
CA ALA B 97 9.40 -11.16 66.28
C ALA B 97 8.78 -10.13 65.33
N HIS B 98 9.08 -8.82 65.52
CA HIS B 98 8.60 -7.73 64.65
C HIS B 98 9.18 -7.88 63.23
N GLN B 99 10.51 -8.15 63.13
CA GLN B 99 11.19 -8.35 61.85
C GLN B 99 10.58 -9.52 61.08
N ASP B 100 10.27 -10.64 61.77
CA ASP B 100 9.64 -11.81 61.14
C ASP B 100 8.28 -11.45 60.52
N LYS B 101 7.46 -10.67 61.24
CA LYS B 101 6.13 -10.23 60.78
C LYS B 101 6.25 -9.36 59.51
N MET B 102 7.20 -8.41 59.49
CA MET B 102 7.43 -7.52 58.36
C MET B 102 7.98 -8.27 57.16
N ARG B 103 8.90 -9.23 57.40
CA ARG B 103 9.48 -10.07 56.36
C ARG B 103 8.43 -10.95 55.70
N ARG B 104 7.52 -11.54 56.50
CA ARG B 104 6.44 -12.39 55.98
C ARG B 104 5.42 -11.60 55.14
N LEU B 105 5.03 -10.39 55.60
CA LEU B 105 4.08 -9.57 54.86
C LEU B 105 4.68 -9.11 53.53
N ALA B 106 5.98 -8.70 53.54
CA ALA B 106 6.69 -8.29 52.33
C ALA B 106 6.77 -9.48 51.35
N ASP B 107 7.05 -10.71 51.86
CA ASP B 107 7.10 -11.92 51.04
C ASP B 107 5.76 -12.19 50.37
N THR B 108 4.64 -12.00 51.11
CA THR B 108 3.26 -12.16 50.60
C THR B 108 2.98 -11.18 49.45
N CYS B 109 3.37 -9.90 49.63
CA CYS B 109 3.22 -8.83 48.62
C CYS B 109 4.01 -9.18 47.40
N MET B 110 5.27 -9.58 47.60
CA MET B 110 6.20 -9.97 46.56
C MET B 110 5.61 -11.14 45.75
N ALA B 111 5.10 -12.21 46.42
CA ALA B 111 4.50 -13.38 45.78
C ALA B 111 3.30 -13.02 44.88
N THR B 112 2.43 -12.11 45.34
CA THR B 112 1.24 -11.65 44.60
C THR B 112 1.64 -10.85 43.35
N ILE B 113 2.67 -9.98 43.48
CA ILE B 113 3.18 -9.16 42.37
C ILE B 113 3.78 -10.09 41.31
N LEU B 114 4.61 -11.06 41.75
CA LEU B 114 5.25 -12.03 40.84
C LEU B 114 4.25 -12.87 40.07
N GLN B 115 3.11 -13.25 40.70
CA GLN B 115 2.06 -14.05 40.09
C GLN B 115 1.38 -13.25 38.96
N MET B 116 1.14 -11.95 39.19
CA MET B 116 0.55 -11.04 38.20
C MET B 116 1.51 -10.85 37.00
N TYR B 117 2.81 -10.65 37.26
CA TYR B 117 3.81 -10.45 36.21
C TYR B 117 4.09 -11.74 35.45
N MET B 118 4.37 -12.83 36.17
CA MET B 118 4.68 -14.15 35.62
C MET B 118 3.43 -15.02 35.72
N SER B 119 2.47 -14.77 34.81
CA SER B 119 1.20 -15.49 34.74
C SER B 119 1.38 -16.88 34.11
N ALA C 18 -18.91 18.48 26.62
CA ALA C 18 -19.69 18.40 25.38
C ALA C 18 -20.12 16.96 25.05
N ALA C 19 -19.33 15.96 25.48
CA ALA C 19 -19.55 14.54 25.21
C ALA C 19 -20.85 13.98 25.79
N VAL C 20 -21.57 13.22 24.95
CA VAL C 20 -22.84 12.60 25.34
C VAL C 20 -22.53 11.19 25.88
N PRO C 21 -22.80 10.91 27.17
CA PRO C 21 -22.49 9.57 27.69
C PRO C 21 -23.44 8.50 27.14
N PRO C 22 -23.03 7.22 27.12
CA PRO C 22 -23.93 6.14 26.65
C PRO C 22 -25.27 6.13 27.39
N SER C 23 -25.29 6.46 28.70
CA SER C 23 -26.53 6.47 29.50
C SER C 23 -27.60 7.41 28.91
N GLU C 24 -27.17 8.45 28.16
CA GLU C 24 -28.08 9.39 27.47
C GLU C 24 -28.28 9.05 25.99
N ALA C 25 -27.28 8.50 25.32
CA ALA C 25 -27.40 8.12 23.91
C ALA C 25 -26.62 6.84 23.74
N GLU C 26 -27.31 5.70 23.95
CA GLU C 26 -26.67 4.39 23.89
C GLU C 26 -26.00 4.13 22.57
N PRO C 27 -24.74 3.69 22.58
CA PRO C 27 -24.09 3.38 21.30
C PRO C 27 -24.66 2.12 20.66
N ARG C 28 -24.52 2.01 19.34
CA ARG C 28 -24.98 0.88 18.52
C ARG C 28 -23.73 0.29 17.86
N LEU C 29 -23.69 -1.03 17.75
CA LEU C 29 -22.63 -1.75 17.08
C LEU C 29 -23.26 -2.56 15.96
N GLN C 30 -22.81 -2.31 14.72
CA GLN C 30 -23.29 -3.03 13.53
C GLN C 30 -22.11 -3.82 12.99
N GLU C 31 -22.34 -5.07 12.59
CA GLU C 31 -21.29 -5.96 12.10
C GLU C 31 -21.72 -6.58 10.78
N ALA C 32 -20.75 -6.79 9.89
CA ALA C 32 -20.99 -7.38 8.58
C ALA C 32 -19.72 -8.01 8.07
N LEU C 33 -19.89 -8.90 7.11
CA LEU C 33 -18.81 -9.47 6.36
C LEU C 33 -18.83 -8.63 5.07
N VAL C 34 -17.68 -8.13 4.63
CA VAL C 34 -17.59 -7.30 3.43
CA VAL C 34 -17.58 -7.29 3.45
C VAL C 34 -16.66 -7.94 2.40
N VAL C 35 -17.03 -7.82 1.11
CA VAL C 35 -16.23 -8.34 0.00
C VAL C 35 -16.09 -7.20 -0.97
N VAL C 36 -14.86 -6.82 -1.29
CA VAL C 36 -14.55 -5.72 -2.18
C VAL C 36 -13.69 -6.26 -3.32
N ASN C 37 -14.04 -5.94 -4.57
CA ASN C 37 -13.27 -6.36 -5.75
C ASN C 37 -13.19 -5.22 -6.74
N ALA C 38 -11.96 -4.86 -7.18
CA ALA C 38 -11.76 -3.83 -8.19
C ALA C 38 -12.41 -4.25 -9.50
N LEU C 39 -12.99 -3.29 -10.23
CA LEU C 39 -13.61 -3.62 -11.51
C LEU C 39 -12.54 -3.78 -12.57
N LEU C 40 -11.50 -2.94 -12.51
CA LEU C 40 -10.49 -2.88 -13.56
C LEU C 40 -9.08 -3.29 -13.11
N PRO C 41 -8.26 -3.82 -14.06
CA PRO C 41 -6.87 -4.18 -13.71
C PRO C 41 -6.00 -2.92 -13.54
N ALA C 42 -5.19 -2.90 -12.48
CA ALA C 42 -4.28 -1.78 -12.22
C ALA C 42 -3.21 -1.72 -13.34
N PRO C 43 -2.74 -0.52 -13.76
CA PRO C 43 -3.10 0.82 -13.27
C PRO C 43 -4.24 1.50 -14.05
N ILE C 44 -5.11 0.73 -14.76
CA ILE C 44 -6.19 1.30 -15.58
C ILE C 44 -7.22 1.94 -14.67
N THR C 45 -7.56 3.20 -14.97
CA THR C 45 -8.52 3.96 -14.17
C THR C 45 -9.92 3.88 -14.80
N LEU C 46 -10.95 4.24 -14.02
CA LEU C 46 -12.31 4.29 -14.56
C LEU C 46 -12.39 5.29 -15.74
N ASP C 47 -11.71 6.46 -15.63
CA ASP C 47 -11.68 7.46 -16.71
CA ASP C 47 -11.68 7.46 -16.71
C ASP C 47 -11.09 6.86 -17.99
N ASP C 48 -10.03 6.04 -17.86
CA ASP C 48 -9.38 5.39 -19.01
C ASP C 48 -10.34 4.44 -19.72
N ALA C 49 -11.03 3.58 -18.94
CA ALA C 49 -11.96 2.61 -19.52
C ALA C 49 -13.20 3.27 -20.08
N LEU C 50 -13.70 4.37 -19.45
CA LEU C 50 -14.87 5.10 -19.99
C LEU C 50 -14.49 5.83 -21.27
N GLY C 51 -13.27 6.38 -21.31
CA GLY C 51 -12.75 7.08 -22.51
C GLY C 51 -12.59 6.09 -23.66
N SER C 52 -12.15 4.85 -23.34
CA SER C 52 -12.01 3.79 -24.34
C SER C 52 -13.37 3.35 -24.85
N LEU C 53 -14.35 3.22 -23.95
CA LEU C 53 -15.70 2.82 -24.38
C LEU C 53 -16.29 3.88 -25.33
N ASP C 54 -16.02 5.16 -25.06
CA ASP C 54 -16.49 6.27 -25.89
C ASP C 54 -15.78 6.28 -27.25
N ASP C 55 -14.45 6.11 -27.26
CA ASP C 55 -13.67 6.05 -28.51
C ASP C 55 -14.13 4.87 -29.36
N THR C 56 -14.31 3.69 -28.74
CA THR C 56 -14.75 2.46 -29.42
C THR C 56 -16.12 2.67 -30.05
N ARG C 57 -17.06 3.31 -29.32
CA ARG C 57 -18.40 3.55 -29.87
C ARG C 57 -18.34 4.51 -31.08
N ARG C 58 -17.46 5.53 -31.03
CA ARG C 58 -17.26 6.46 -32.15
C ARG C 58 -16.60 5.75 -33.34
N LEU C 59 -15.64 4.85 -33.07
CA LEU C 59 -14.93 4.09 -34.10
C LEU C 59 -15.80 3.00 -34.74
N VAL C 60 -16.78 2.44 -33.98
CA VAL C 60 -17.75 1.45 -34.49
C VAL C 60 -18.67 2.18 -35.49
N LYS C 61 -19.07 3.43 -35.16
CA LYS C 61 -19.89 4.25 -36.06
C LYS C 61 -19.08 4.62 -37.32
N ALA C 62 -17.79 4.93 -37.16
CA ALA C 62 -16.86 5.30 -38.23
C ALA C 62 -16.55 4.14 -39.21
N ARG C 63 -16.98 2.89 -38.90
CA ARG C 63 -16.78 1.75 -39.80
C ARG C 63 -17.44 2.05 -41.16
N ALA C 64 -18.60 2.76 -41.16
CA ALA C 64 -19.32 3.17 -42.37
C ALA C 64 -18.41 4.00 -43.31
N LEU C 65 -17.59 4.90 -42.73
CA LEU C 65 -16.64 5.75 -43.48
C LEU C 65 -15.50 4.95 -44.06
N ALA C 66 -14.94 4.00 -43.29
CA ALA C 66 -13.83 3.16 -43.76
C ALA C 66 -14.35 2.21 -44.89
N ARG C 67 -15.57 1.70 -44.75
CA ARG C 67 -16.21 0.84 -45.75
C ARG C 67 -16.49 1.63 -47.05
N THR C 68 -16.96 2.89 -46.93
CA THR C 68 -17.25 3.76 -48.08
C THR C 68 -15.97 4.11 -48.82
N TYR C 69 -14.91 4.45 -48.08
CA TYR C 69 -13.59 4.74 -48.65
C TYR C 69 -13.11 3.50 -49.44
N HIS C 70 -13.22 2.31 -48.83
CA HIS C 70 -12.83 1.05 -49.47
C HIS C 70 -13.62 0.83 -50.78
N ALA C 71 -14.94 1.10 -50.77
CA ALA C 71 -15.80 1.00 -51.96
C ALA C 71 -15.28 1.90 -53.10
N CYS C 72 -14.90 3.14 -52.77
CA CYS C 72 -14.33 4.11 -53.74
C CYS C 72 -13.05 3.56 -54.29
N MET C 73 -12.16 3.03 -53.43
CA MET C 73 -10.88 2.48 -53.88
C MET C 73 -11.09 1.24 -54.81
N VAL C 74 -12.08 0.39 -54.52
CA VAL C 74 -12.36 -0.79 -55.38
C VAL C 74 -12.87 -0.27 -56.73
N ASN C 75 -13.78 0.74 -56.69
CA ASN C 75 -14.30 1.33 -57.95
C ASN C 75 -13.19 1.93 -58.79
N LEU C 76 -12.20 2.58 -58.15
CA LEU C 76 -11.04 3.15 -58.84
C LEU C 76 -10.20 2.04 -59.49
N GLU C 77 -10.02 0.90 -58.80
CA GLU C 77 -9.28 -0.23 -59.37
C GLU C 77 -10.06 -0.83 -60.56
N ARG C 78 -11.39 -0.95 -60.46
CA ARG C 78 -12.24 -1.48 -61.53
C ARG C 78 -12.18 -0.57 -62.77
N LEU C 79 -12.14 0.75 -62.56
CA LEU C 79 -12.06 1.74 -63.65
C LEU C 79 -10.70 1.68 -64.36
N ALA C 80 -9.61 1.52 -63.58
CA ALA C 80 -8.25 1.44 -64.10
C ALA C 80 -7.97 0.13 -64.84
N ARG C 81 -8.52 -0.99 -64.36
CA ARG C 81 -8.33 -2.32 -64.95
C ARG C 81 -9.10 -2.53 -66.24
N HIS C 82 -10.36 -2.08 -66.30
CA HIS C 82 -11.24 -2.25 -67.46
C HIS C 82 -10.93 -1.32 -68.63
N HIS C 83 -10.10 -0.27 -68.41
CA HIS C 83 -9.74 0.71 -69.43
C HIS C 83 -8.25 1.00 -69.44
N THR C 90 -7.08 10.72 -75.87
CA THR C 90 -8.52 10.49 -75.93
C THR C 90 -9.34 11.78 -75.87
N ILE C 91 -10.49 11.79 -76.56
CA ILE C 91 -11.45 12.89 -76.52
C ILE C 91 -12.68 12.47 -75.74
N ASP C 92 -12.71 11.21 -75.30
CA ASP C 92 -13.80 10.63 -74.54
C ASP C 92 -13.45 10.77 -73.04
N GLY C 93 -14.09 11.73 -72.36
CA GLY C 93 -13.79 11.97 -70.94
C GLY C 93 -14.60 11.18 -69.92
N ALA C 94 -15.38 10.14 -70.38
CA ALA C 94 -16.27 9.36 -69.49
C ALA C 94 -15.57 8.67 -68.31
N VAL C 95 -14.48 7.92 -68.59
CA VAL C 95 -13.74 7.19 -67.54
C VAL C 95 -13.14 8.20 -66.54
N ALA C 96 -12.53 9.29 -67.05
CA ALA C 96 -11.95 10.35 -66.22
C ALA C 96 -13.01 11.02 -65.32
N ALA C 97 -14.23 11.23 -65.84
CA ALA C 97 -15.33 11.81 -65.05
C ALA C 97 -15.72 10.87 -63.89
N HIS C 98 -15.78 9.54 -64.14
CA HIS C 98 -16.07 8.53 -63.11
C HIS C 98 -14.96 8.51 -62.05
N GLN C 99 -13.68 8.51 -62.49
CA GLN C 99 -12.53 8.52 -61.59
C GLN C 99 -12.53 9.75 -60.70
N ASP C 100 -12.86 10.95 -61.25
CA ASP C 100 -12.95 12.18 -60.47
C ASP C 100 -13.99 12.08 -59.35
N LYS C 101 -15.17 11.50 -59.65
CA LYS C 101 -16.26 11.30 -58.69
C LYS C 101 -15.83 10.39 -57.53
N MET C 102 -15.16 9.27 -57.85
CA MET C 102 -14.69 8.30 -56.86
C MET C 102 -13.57 8.87 -56.01
N ARG C 103 -12.65 9.64 -56.65
CA ARG C 103 -11.54 10.29 -55.96
C ARG C 103 -12.05 11.34 -54.96
N ARG C 104 -13.06 12.13 -55.36
CA ARG C 104 -13.65 13.15 -54.49
C ARG C 104 -14.40 12.54 -53.29
N LEU C 105 -15.18 11.46 -53.52
CA LEU C 105 -15.90 10.82 -52.41
C LEU C 105 -14.91 10.18 -51.42
N ALA C 106 -13.83 9.52 -51.94
CA ALA C 106 -12.80 8.91 -51.08
C ALA C 106 -12.11 10.02 -50.25
N ASP C 107 -11.81 11.17 -50.89
CA ASP C 107 -11.20 12.32 -50.20
C ASP C 107 -12.10 12.82 -49.07
N THR C 108 -13.42 12.90 -49.31
CA THR C 108 -14.42 13.32 -48.29
C THR C 108 -14.43 12.34 -47.10
N CYS C 109 -14.41 11.00 -47.36
CA CYS C 109 -14.35 9.98 -46.30
C CYS C 109 -13.09 10.13 -45.51
N MET C 110 -11.95 10.26 -46.22
CA MET C 110 -10.63 10.43 -45.63
C MET C 110 -10.60 11.66 -44.71
N ALA C 111 -11.12 12.81 -45.18
CA ALA C 111 -11.18 14.05 -44.41
C ALA C 111 -11.99 13.90 -43.11
N THR C 112 -13.14 13.19 -43.15
CA THR C 112 -14.00 12.96 -41.98
C THR C 112 -13.32 12.05 -40.95
N ILE C 113 -12.61 11.00 -41.43
CA ILE C 113 -11.89 10.07 -40.57
C ILE C 113 -10.74 10.81 -39.88
N LEU C 114 -9.99 11.63 -40.65
CA LEU C 114 -8.86 12.40 -40.10
C LEU C 114 -9.30 13.40 -39.04
N GLN C 115 -10.49 14.01 -39.19
CA GLN C 115 -11.04 14.99 -38.25
C GLN C 115 -11.37 14.30 -36.92
N MET C 116 -11.92 13.07 -36.98
CA MET C 116 -12.25 12.26 -35.79
C MET C 116 -10.96 11.84 -35.06
N TYR C 117 -9.94 11.39 -35.80
CA TYR C 117 -8.66 10.95 -35.23
C TYR C 117 -7.86 12.13 -34.68
N MET C 118 -7.66 13.18 -35.51
CA MET C 118 -6.91 14.39 -35.17
C MET C 118 -7.90 15.49 -34.81
N SER C 119 -8.46 15.39 -33.59
CA SER C 119 -9.44 16.34 -33.05
C SER C 119 -8.76 17.65 -32.60
N ALA D 18 -26.18 24.58 -10.94
CA ALA D 18 -26.69 23.23 -10.66
C ALA D 18 -26.58 22.85 -9.18
N ALA D 19 -25.59 23.41 -8.45
CA ALA D 19 -25.33 23.12 -7.03
C ALA D 19 -26.45 23.56 -6.10
N VAL D 20 -26.84 22.66 -5.18
CA VAL D 20 -27.89 22.93 -4.21
C VAL D 20 -27.22 23.50 -2.93
N PRO D 21 -27.51 24.75 -2.54
CA PRO D 21 -26.85 25.29 -1.33
C PRO D 21 -27.38 24.65 -0.03
N PRO D 22 -26.60 24.67 1.05
CA PRO D 22 -27.07 24.10 2.33
C PRO D 22 -28.41 24.68 2.79
N SER D 23 -28.66 25.98 2.53
CA SER D 23 -29.92 26.63 2.92
C SER D 23 -31.16 25.94 2.32
N GLU D 24 -31.00 25.24 1.17
CA GLU D 24 -32.07 24.48 0.52
C GLU D 24 -32.02 22.99 0.86
N ALA D 25 -30.83 22.42 1.07
CA ALA D 25 -30.69 21.01 1.40
C ALA D 25 -29.53 20.91 2.37
N GLU D 26 -29.87 21.02 3.65
CA GLU D 26 -28.86 21.03 4.73
C GLU D 26 -28.03 19.78 4.74
N PRO D 27 -26.69 19.93 4.75
CA PRO D 27 -25.84 18.73 4.83
C PRO D 27 -25.98 18.02 6.17
N ARG D 28 -25.69 16.72 6.16
CA ARG D 28 -25.72 15.84 7.34
C ARG D 28 -24.31 15.31 7.53
N LEU D 29 -23.89 15.21 8.79
CA LEU D 29 -22.60 14.65 9.14
C LEU D 29 -22.84 13.46 10.07
N GLN D 30 -22.38 12.26 9.65
CA GLN D 30 -22.49 11.03 10.43
C GLN D 30 -21.09 10.60 10.79
N GLU D 31 -20.88 10.20 12.06
CA GLU D 31 -19.57 9.81 12.56
C GLU D 31 -19.63 8.45 13.22
N ALA D 32 -18.58 7.66 13.06
CA ALA D 32 -18.51 6.34 13.67
C ALA D 32 -17.07 5.96 13.91
N LEU D 33 -16.88 4.95 14.75
CA LEU D 33 -15.60 4.31 14.95
C LEU D 33 -15.75 3.04 14.10
N VAL D 34 -14.79 2.75 13.23
CA VAL D 34 -14.85 1.55 12.40
C VAL D 34 -13.68 0.62 12.68
N VAL D 35 -13.92 -0.70 12.62
CA VAL D 35 -12.88 -1.72 12.83
C VAL D 35 -13.01 -2.67 11.66
N VAL D 36 -11.93 -2.81 10.89
CA VAL D 36 -11.89 -3.68 9.71
C VAL D 36 -10.80 -4.70 9.92
N ASN D 37 -11.09 -6.00 9.66
CA ASN D 37 -10.11 -7.08 9.79
C ASN D 37 -10.28 -8.05 8.63
N ALA D 38 -9.18 -8.37 7.92
CA ALA D 38 -9.21 -9.35 6.86
C ALA D 38 -9.59 -10.72 7.43
N LEU D 39 -10.38 -11.49 6.66
CA LEU D 39 -10.76 -12.83 7.11
C LEU D 39 -9.60 -13.80 6.92
N LEU D 40 -8.86 -13.61 5.82
CA LEU D 40 -7.82 -14.55 5.41
C LEU D 40 -6.42 -13.99 5.40
N PRO D 41 -5.40 -14.84 5.65
CA PRO D 41 -4.00 -14.37 5.58
C PRO D 41 -3.55 -14.12 4.14
N ALA D 42 -2.91 -12.97 3.91
CA ALA D 42 -2.40 -12.58 2.59
C ALA D 42 -1.29 -13.56 2.18
N PRO D 43 -1.17 -13.91 0.88
CA PRO D 43 -1.96 -13.46 -0.29
C PRO D 43 -3.16 -14.37 -0.63
N ILE D 44 -3.68 -15.16 0.34
CA ILE D 44 -4.81 -16.08 0.07
C ILE D 44 -6.06 -15.26 -0.21
N THR D 45 -6.76 -15.60 -1.29
CA THR D 45 -7.98 -14.90 -1.71
C THR D 45 -9.20 -15.66 -1.24
N LEU D 46 -10.38 -15.00 -1.25
CA LEU D 46 -11.63 -15.66 -0.92
C LEU D 46 -11.90 -16.85 -1.90
N ASP D 47 -11.62 -16.66 -3.22
CA ASP D 47 -11.80 -17.69 -4.23
CA ASP D 47 -11.80 -17.69 -4.23
C ASP D 47 -10.93 -18.91 -3.89
N ASP D 48 -9.68 -18.68 -3.43
CA ASP D 48 -8.75 -19.77 -3.05
C ASP D 48 -9.32 -20.59 -1.90
N ALA D 49 -9.76 -19.91 -0.84
CA ALA D 49 -10.28 -20.57 0.36
C ALA D 49 -11.61 -21.26 0.11
N LEU D 50 -12.48 -20.67 -0.76
CA LEU D 50 -13.75 -21.32 -1.12
C LEU D 50 -13.50 -22.56 -1.99
N GLY D 51 -12.52 -22.47 -2.89
CA GLY D 51 -12.13 -23.60 -3.75
C GLY D 51 -11.56 -24.73 -2.91
N SER D 52 -10.80 -24.37 -1.85
CA SER D 52 -10.22 -25.36 -0.92
C SER D 52 -11.32 -26.02 -0.11
N LEU D 53 -12.30 -25.24 0.36
CA LEU D 53 -13.41 -25.79 1.13
C LEU D 53 -14.20 -26.79 0.25
N ASP D 54 -14.38 -26.48 -1.05
CA ASP D 54 -15.08 -27.35 -1.99
C ASP D 54 -14.28 -28.62 -2.28
N ASP D 55 -12.96 -28.50 -2.54
CA ASP D 55 -12.08 -29.66 -2.76
C ASP D 55 -12.09 -30.57 -1.53
N THR D 56 -11.93 -30.00 -0.32
CA THR D 56 -11.91 -30.73 0.94
C THR D 56 -13.20 -31.49 1.15
N ARG D 57 -14.37 -30.84 0.86
CA ARG D 57 -15.65 -31.53 1.00
C ARG D 57 -15.78 -32.71 0.02
N ARG D 58 -15.25 -32.56 -1.21
CA ARG D 58 -15.25 -33.64 -2.21
C ARG D 58 -14.31 -34.78 -1.78
N LEU D 59 -13.15 -34.42 -1.20
CA LEU D 59 -12.15 -35.38 -0.73
C LEU D 59 -12.60 -36.12 0.53
N VAL D 60 -13.41 -35.48 1.40
CA VAL D 60 -14.00 -36.09 2.60
C VAL D 60 -15.01 -37.16 2.14
N LYS D 61 -15.79 -36.86 1.08
CA LYS D 61 -16.74 -37.83 0.51
C LYS D 61 -15.98 -39.00 -0.13
N ALA D 62 -14.86 -38.70 -0.82
CA ALA D 62 -13.99 -39.68 -1.48
C ALA D 62 -13.26 -40.64 -0.52
N ARG D 63 -13.31 -40.38 0.80
CA ARG D 63 -12.69 -41.27 1.81
C ARG D 63 -13.27 -42.69 1.67
N ALA D 64 -14.57 -42.80 1.33
CA ALA D 64 -15.25 -44.07 1.11
C ALA D 64 -14.56 -44.91 0.00
N LEU D 65 -14.11 -44.23 -1.07
CA LEU D 65 -13.40 -44.87 -2.19
C LEU D 65 -12.01 -45.34 -1.80
N ALA D 66 -11.26 -44.52 -1.03
CA ALA D 66 -9.91 -44.86 -0.58
C ALA D 66 -10.00 -46.05 0.41
N ARG D 67 -11.01 -46.04 1.28
CA ARG D 67 -11.25 -47.12 2.26
C ARG D 67 -11.61 -48.43 1.53
N THR D 68 -12.46 -48.35 0.48
CA THR D 68 -12.88 -49.52 -0.30
C THR D 68 -11.69 -50.12 -1.05
N TYR D 69 -10.86 -49.26 -1.66
CA TYR D 69 -9.64 -49.68 -2.35
C TYR D 69 -8.73 -50.42 -1.37
N HIS D 70 -8.54 -49.85 -0.17
CA HIS D 70 -7.74 -50.47 0.88
C HIS D 70 -8.29 -51.85 1.29
N ALA D 71 -9.61 -52.02 1.45
CA ALA D 71 -10.23 -53.31 1.77
C ALA D 71 -9.94 -54.37 0.69
N CYS D 72 -9.97 -53.97 -0.60
CA CYS D 72 -9.65 -54.85 -1.71
C CYS D 72 -8.20 -55.28 -1.61
N MET D 73 -7.30 -54.35 -1.25
CA MET D 73 -5.86 -54.65 -1.16
C MET D 73 -5.58 -55.58 0.02
N VAL D 74 -6.27 -55.40 1.16
CA VAL D 74 -6.13 -56.29 2.32
C VAL D 74 -6.64 -57.69 1.92
N ASN D 75 -7.80 -57.75 1.22
CA ASN D 75 -8.34 -59.04 0.77
C ASN D 75 -7.39 -59.74 -0.17
N LEU D 76 -6.71 -58.99 -1.05
CA LEU D 76 -5.70 -59.54 -1.96
C LEU D 76 -4.52 -60.12 -1.18
N GLU D 77 -4.06 -59.42 -0.12
CA GLU D 77 -2.97 -59.90 0.74
C GLU D 77 -3.40 -61.18 1.47
N ARG D 78 -4.65 -61.22 2.00
CA ARG D 78 -5.18 -62.38 2.71
C ARG D 78 -5.27 -63.61 1.77
N LEU D 79 -5.66 -63.39 0.51
CA LEU D 79 -5.78 -64.45 -0.49
C LEU D 79 -4.41 -65.01 -0.86
N ALA D 80 -3.40 -64.13 -1.00
CA ALA D 80 -2.02 -64.51 -1.35
C ALA D 80 -1.31 -65.23 -0.21
N ARG D 81 -1.53 -64.81 1.06
CA ARG D 81 -0.91 -65.38 2.25
C ARG D 81 -1.46 -66.75 2.64
N HIS D 82 -2.79 -66.94 2.56
CA HIS D 82 -3.46 -68.18 2.94
C HIS D 82 -3.32 -69.31 1.91
N HIS D 83 -2.85 -68.99 0.68
CA HIS D 83 -2.71 -69.97 -0.40
C HIS D 83 -1.36 -69.83 -1.11
N THR D 90 -2.48 -75.95 -10.95
CA THR D 90 -3.78 -76.18 -10.31
C THR D 90 -4.95 -76.20 -11.29
N ILE D 91 -5.97 -77.03 -11.01
CA ILE D 91 -7.21 -77.07 -11.79
C ILE D 91 -8.35 -76.45 -10.97
N ASP D 92 -8.04 -76.02 -9.74
CA ASP D 92 -8.99 -75.40 -8.84
C ASP D 92 -8.86 -73.86 -9.02
N GLY D 93 -9.81 -73.25 -9.73
CA GLY D 93 -9.73 -71.81 -9.98
C GLY D 93 -10.37 -70.89 -8.94
N ALA D 94 -10.76 -71.41 -7.75
CA ALA D 94 -11.47 -70.64 -6.71
C ALA D 94 -10.71 -69.40 -6.21
N VAL D 95 -9.43 -69.55 -5.84
CA VAL D 95 -8.60 -68.45 -5.34
C VAL D 95 -8.44 -67.38 -6.44
N ALA D 96 -8.13 -67.83 -7.68
CA ALA D 96 -8.00 -66.93 -8.83
C ALA D 96 -9.29 -66.16 -9.12
N ALA D 97 -10.47 -66.80 -8.96
CA ALA D 97 -11.77 -66.13 -9.15
C ALA D 97 -11.96 -65.02 -8.10
N HIS D 98 -11.58 -65.28 -6.83
CA HIS D 98 -11.67 -64.29 -5.75
C HIS D 98 -10.73 -63.12 -6.01
N GLN D 99 -9.47 -63.41 -6.43
CA GLN D 99 -8.46 -62.39 -6.75
C GLN D 99 -8.93 -61.50 -7.88
N ASP D 100 -9.57 -62.08 -8.93
CA ASP D 100 -10.10 -61.31 -10.06
C ASP D 100 -11.17 -60.31 -9.60
N LYS D 101 -12.09 -60.74 -8.71
CA LYS D 101 -13.15 -59.91 -8.16
C LYS D 101 -12.58 -58.71 -7.37
N MET D 102 -11.56 -58.96 -6.52
CA MET D 102 -10.93 -57.93 -5.71
C MET D 102 -10.12 -56.96 -6.56
N ARG D 103 -9.43 -57.49 -7.59
CA ARG D 103 -8.65 -56.67 -8.54
C ARG D 103 -9.56 -55.75 -9.35
N ARG D 104 -10.73 -56.25 -9.79
CA ARG D 104 -11.68 -55.45 -10.56
C ARG D 104 -12.33 -54.34 -9.72
N LEU D 105 -12.71 -54.64 -8.46
CA LEU D 105 -13.30 -53.63 -7.59
C LEU D 105 -12.27 -52.55 -7.24
N ALA D 106 -11.01 -52.94 -6.96
CA ALA D 106 -9.92 -51.98 -6.68
C ALA D 106 -9.69 -51.09 -7.90
N ASP D 107 -9.70 -51.67 -9.12
CA ASP D 107 -9.54 -50.92 -10.38
C ASP D 107 -10.64 -49.88 -10.54
N THR D 108 -11.91 -50.26 -10.22
CA THR D 108 -13.08 -49.37 -10.28
C THR D 108 -12.92 -48.18 -9.32
N CYS D 109 -12.44 -48.46 -8.08
CA CYS D 109 -12.19 -47.44 -7.07
C CYS D 109 -11.12 -46.49 -7.55
N MET D 110 -10.04 -47.06 -8.08
CA MET D 110 -8.90 -46.31 -8.60
C MET D 110 -9.34 -45.39 -9.74
N ALA D 111 -10.15 -45.91 -10.70
CA ALA D 111 -10.67 -45.14 -11.84
C ALA D 111 -11.50 -43.93 -11.38
N THR D 112 -12.37 -44.11 -10.37
CA THR D 112 -13.22 -43.04 -9.82
C THR D 112 -12.41 -41.95 -9.12
N ILE D 113 -11.38 -42.35 -8.35
CA ILE D 113 -10.48 -41.44 -7.64
C ILE D 113 -9.68 -40.63 -8.66
N LEU D 114 -9.14 -41.29 -9.70
CA LEU D 114 -8.37 -40.63 -10.76
C LEU D 114 -9.18 -39.61 -11.53
N GLN D 115 -10.48 -39.89 -11.77
CA GLN D 115 -11.40 -39.00 -12.48
C GLN D 115 -11.63 -37.71 -11.67
N MET D 116 -11.79 -37.83 -10.35
CA MET D 116 -11.95 -36.71 -9.42
C MET D 116 -10.67 -35.84 -9.38
N TYR D 117 -9.49 -36.48 -9.29
CA TYR D 117 -8.22 -35.77 -9.25
C TYR D 117 -7.88 -35.12 -10.59
N MET D 118 -7.92 -35.92 -11.68
CA MET D 118 -7.61 -35.49 -13.04
C MET D 118 -8.93 -35.23 -13.78
N SER D 119 -9.55 -34.09 -13.47
CA SER D 119 -10.81 -33.65 -14.07
C SER D 119 -10.60 -33.12 -15.49
N SER E 11 -12.00 17.47 11.33
CA SER E 11 -11.88 18.24 10.10
C SER E 11 -13.15 18.20 9.24
N ALA E 12 -13.97 17.10 9.28
CA ALA E 12 -15.23 17.04 8.52
C ALA E 12 -16.25 18.03 9.09
N ALA E 13 -16.23 18.23 10.44
CA ALA E 13 -17.08 19.22 11.12
C ALA E 13 -16.70 20.64 10.64
N THR E 14 -15.42 20.87 10.30
CA THR E 14 -14.94 22.16 9.78
C THR E 14 -15.52 22.40 8.38
N ILE E 15 -15.54 21.36 7.52
CA ILE E 15 -16.09 21.46 6.17
C ILE E 15 -17.59 21.79 6.26
N LEU E 16 -18.31 21.08 7.15
CA LEU E 16 -19.74 21.27 7.38
C LEU E 16 -20.00 22.72 7.81
N LYS E 17 -19.25 23.21 8.80
CA LYS E 17 -19.38 24.60 9.30
C LYS E 17 -19.12 25.61 8.16
N GLN E 18 -18.07 25.40 7.36
CA GLN E 18 -17.72 26.28 6.23
C GLN E 18 -18.79 26.26 5.15
N ALA E 19 -19.33 25.09 4.81
CA ALA E 19 -20.38 24.97 3.81
C ALA E 19 -21.61 25.76 4.26
N ILE E 20 -22.06 25.58 5.50
CA ILE E 20 -23.24 26.28 6.04
C ILE E 20 -22.99 27.80 6.14
N ALA E 21 -21.85 28.20 6.73
CA ALA E 21 -21.51 29.63 6.94
C ALA E 21 -21.43 30.43 5.63
N GLY E 22 -20.91 29.84 4.56
CA GLY E 22 -20.78 30.50 3.27
C GLY E 22 -21.93 30.19 2.33
N ASP E 23 -22.85 29.32 2.76
CA ASP E 23 -23.97 28.78 1.97
C ASP E 23 -23.44 28.15 0.67
N ARG E 24 -22.35 27.38 0.80
CA ARG E 24 -21.71 26.71 -0.34
C ARG E 24 -22.06 25.24 -0.28
N SER E 25 -22.43 24.62 -1.41
CA SER E 25 -22.73 23.18 -1.45
C SER E 25 -21.48 22.42 -0.98
N LEU E 26 -21.62 21.13 -0.61
CA LEU E 26 -20.44 20.37 -0.19
C LEU E 26 -19.40 20.26 -1.32
N VAL E 27 -19.87 20.22 -2.59
CA VAL E 27 -19.01 20.19 -3.79
C VAL E 27 -18.19 21.50 -3.83
N GLU E 28 -18.84 22.64 -3.62
CA GLU E 28 -18.18 23.95 -3.62
C GLU E 28 -17.23 24.08 -2.44
N ALA E 29 -17.64 23.59 -1.26
CA ALA E 29 -16.78 23.66 -0.07
C ALA E 29 -15.51 22.82 -0.28
N ALA E 30 -15.66 21.61 -0.87
CA ALA E 30 -14.52 20.72 -1.15
C ALA E 30 -13.60 21.32 -2.21
N GLU E 31 -14.20 21.94 -3.26
CA GLU E 31 -13.43 22.59 -4.32
C GLU E 31 -12.56 23.74 -3.77
N ALA E 32 -13.08 24.53 -2.81
CA ALA E 32 -12.32 25.64 -2.19
C ALA E 32 -11.09 25.10 -1.45
N ILE E 33 -11.23 23.92 -0.81
CA ILE E 33 -10.13 23.26 -0.11
C ILE E 33 -9.11 22.73 -1.13
N SER E 34 -9.56 21.95 -2.15
CA SER E 34 -8.63 21.40 -3.15
C SER E 34 -7.92 22.48 -3.99
N GLN E 35 -8.58 23.64 -4.18
CA GLN E 35 -8.00 24.77 -4.93
C GLN E 35 -6.78 25.39 -4.25
N GLN E 36 -6.53 25.05 -2.96
CA GLN E 36 -5.34 25.51 -2.24
C GLN E 36 -4.09 24.75 -2.66
N THR E 37 -4.24 23.62 -3.39
CA THR E 37 -3.10 22.81 -3.82
C THR E 37 -2.68 23.19 -5.23
N LEU E 38 -1.37 23.10 -5.50
CA LEU E 38 -0.84 23.40 -6.81
C LEU E 38 0.47 22.69 -6.93
N LEU E 39 0.97 22.63 -8.15
CA LEU E 39 2.29 22.10 -8.48
C LEU E 39 3.19 23.27 -8.78
N ARG E 40 4.45 23.16 -8.37
CA ARG E 40 5.46 24.19 -8.61
C ARG E 40 6.74 23.50 -8.96
N LEU E 41 7.76 24.27 -9.40
CA LEU E 41 9.10 23.76 -9.71
C LEU E 41 9.10 22.75 -10.84
N ALA E 42 8.28 23.01 -11.85
CA ALA E 42 8.16 22.15 -13.03
C ALA E 42 9.45 22.20 -13.82
N CYS E 43 10.00 21.03 -14.12
CA CYS E 43 11.26 20.93 -14.87
C CYS E 43 11.34 19.60 -15.58
N GLU E 44 12.08 19.58 -16.70
CA GLU E 44 12.30 18.36 -17.45
C GLU E 44 13.52 17.65 -16.86
N VAL E 45 13.40 16.31 -16.68
CA VAL E 45 14.50 15.50 -16.14
C VAL E 45 15.16 14.72 -17.26
N ARG E 46 16.49 14.88 -17.40
CA ARG E 46 17.28 14.15 -18.38
C ARG E 46 18.44 13.49 -17.66
N GLN E 47 18.64 12.18 -17.92
CA GLN E 47 19.74 11.44 -17.31
C GLN E 47 20.19 10.32 -18.22
N VAL E 48 21.51 10.29 -18.51
CA VAL E 48 22.14 9.28 -19.38
C VAL E 48 22.67 8.18 -18.44
N GLY E 49 21.96 7.05 -18.41
CA GLY E 49 22.29 5.90 -17.57
C GLY E 49 22.22 6.25 -16.10
N ASP E 50 23.37 6.08 -15.40
CA ASP E 50 23.48 6.41 -13.98
C ASP E 50 24.36 7.65 -13.73
N ARG E 51 24.64 8.43 -14.81
CA ARG E 51 25.43 9.66 -14.75
C ARG E 51 24.67 10.80 -14.05
N GLN E 52 25.30 11.99 -13.94
CA GLN E 52 24.73 13.17 -13.29
C GLN E 52 23.44 13.62 -14.01
N PRO E 53 22.28 13.68 -13.30
CA PRO E 53 21.04 14.11 -13.96
C PRO E 53 21.00 15.61 -14.21
N ARG E 54 20.12 16.04 -15.12
CA ARG E 54 19.92 17.45 -15.48
C ARG E 54 18.45 17.80 -15.31
N PHE E 55 18.18 18.93 -14.65
CA PHE E 55 16.86 19.45 -14.37
C PHE E 55 16.77 20.79 -15.11
N THR E 56 15.95 20.83 -16.17
CA THR E 56 15.84 22.00 -17.04
C THR E 56 14.43 22.57 -17.02
N ALA E 57 14.32 23.85 -16.66
CA ALA E 57 13.05 24.57 -16.62
C ALA E 57 13.05 25.72 -17.65
N THR E 58 14.14 25.82 -18.44
CA THR E 58 14.34 26.89 -19.43
C THR E 58 14.04 26.50 -20.89
N SER E 59 13.68 25.22 -21.14
CA SER E 59 13.45 24.65 -22.48
C SER E 59 12.52 25.44 -23.39
N ILE E 60 11.47 26.06 -22.84
CA ILE E 60 10.51 26.84 -23.64
C ILE E 60 10.69 28.34 -23.40
N ALA E 61 11.19 29.03 -24.43
CA ALA E 61 11.45 30.47 -24.40
C ALA E 61 10.19 31.28 -24.71
N ARG E 62 9.30 30.76 -25.57
CA ARG E 62 8.08 31.45 -25.98
C ARG E 62 6.93 30.47 -26.24
N VAL E 63 5.70 30.94 -25.99
CA VAL E 63 4.48 30.15 -26.21
C VAL E 63 3.52 30.94 -27.12
N ASP E 64 2.86 30.26 -28.07
CA ASP E 64 1.85 30.83 -28.96
C ASP E 64 0.74 29.81 -29.20
N VAL E 65 -0.47 30.30 -29.52
CA VAL E 65 -1.65 29.47 -29.76
C VAL E 65 -1.96 29.46 -31.28
N ALA E 66 -2.00 28.25 -31.87
CA ALA E 66 -2.27 28.00 -33.30
C ALA E 66 -3.77 28.30 -33.66
N PRO E 67 -4.16 28.45 -34.96
CA PRO E 67 -5.58 28.72 -35.27
C PRO E 67 -6.60 27.73 -34.69
N GLY E 68 -6.23 26.44 -34.63
CA GLY E 68 -7.06 25.38 -34.08
C GLY E 68 -6.87 25.16 -32.58
N CYS E 69 -6.50 26.25 -31.86
CA CYS E 69 -6.23 26.32 -30.42
C CYS E 69 -5.30 25.21 -29.89
N ARG E 70 -4.17 24.99 -30.58
CA ARG E 70 -3.12 24.05 -30.21
C ARG E 70 -1.89 24.86 -29.84
N LEU E 71 -1.13 24.40 -28.84
CA LEU E 71 0.05 25.10 -28.39
C LEU E 71 1.27 24.92 -29.31
N ARG E 72 2.03 26.00 -29.52
CA ARG E 72 3.28 25.98 -30.28
C ARG E 72 4.37 26.69 -29.48
N PHE E 73 5.62 26.21 -29.59
CA PHE E 73 6.69 26.78 -28.77
C PHE E 73 7.93 27.20 -29.53
N VAL E 74 8.64 28.18 -28.98
CA VAL E 74 9.96 28.56 -29.45
C VAL E 74 10.84 27.98 -28.37
N LEU E 75 11.70 27.03 -28.74
CA LEU E 75 12.57 26.38 -27.77
C LEU E 75 13.79 27.24 -27.45
N ASP E 76 14.44 27.01 -26.30
CA ASP E 76 15.63 27.74 -25.86
C ASP E 76 16.79 27.48 -26.84
N GLY E 77 17.38 28.56 -27.34
CA GLY E 77 18.48 28.51 -28.28
C GLY E 77 18.07 28.59 -29.73
N SER E 78 16.77 28.40 -30.03
CA SER E 78 16.21 28.46 -31.38
C SER E 78 15.93 29.91 -31.81
N PRO E 79 15.92 30.24 -33.13
CA PRO E 79 15.61 31.63 -33.54
C PRO E 79 14.25 32.12 -33.02
N GLU E 80 14.17 33.42 -32.69
CA GLU E 80 13.04 34.14 -32.10
C GLU E 80 11.64 33.73 -32.62
N ASP E 81 11.50 33.50 -33.94
CA ASP E 81 10.25 33.14 -34.58
C ASP E 81 10.25 31.71 -35.17
N ALA E 82 11.10 30.81 -34.64
CA ALA E 82 11.17 29.43 -35.10
C ALA E 82 10.39 28.53 -34.15
N TYR E 83 9.07 28.44 -34.40
CA TYR E 83 8.14 27.65 -33.60
C TYR E 83 8.14 26.17 -33.97
N VAL E 84 7.89 25.33 -32.97
CA VAL E 84 7.72 23.89 -33.09
C VAL E 84 6.33 23.61 -32.52
N THR E 85 5.57 22.67 -33.12
CA THR E 85 4.26 22.33 -32.57
C THR E 85 4.51 21.57 -31.27
N SER E 86 3.56 21.64 -30.31
CA SER E 86 3.66 20.92 -29.05
C SER E 86 3.75 19.41 -29.30
N GLU E 87 3.07 18.93 -30.38
CA GLU E 87 3.09 17.54 -30.80
C GLU E 87 4.50 17.10 -31.21
N ASP E 88 5.20 17.89 -32.05
CA ASP E 88 6.57 17.58 -32.48
C ASP E 88 7.54 17.57 -31.27
N TYR E 89 7.37 18.50 -30.31
CA TYR E 89 8.20 18.55 -29.09
C TYR E 89 7.91 17.35 -28.17
N PHE E 90 6.63 16.91 -28.11
CA PHE E 90 6.19 15.72 -27.36
C PHE E 90 6.86 14.46 -27.95
N LYS E 91 6.85 14.31 -29.29
CA LYS E 91 7.47 13.17 -30.00
C LYS E 91 9.00 13.14 -29.79
N ARG E 92 9.65 14.32 -29.87
CA ARG E 92 11.09 14.48 -29.70
C ARG E 92 11.50 14.03 -28.28
N CYS E 93 10.75 14.45 -27.24
CA CYS E 93 11.02 14.07 -25.85
C CYS E 93 10.79 12.58 -25.61
N CYS E 94 9.70 12.02 -26.17
CA CYS E 94 9.38 10.58 -26.07
C CYS E 94 10.44 9.70 -26.73
N GLY E 95 11.09 10.25 -27.77
CA GLY E 95 12.14 9.58 -28.52
C GLY E 95 13.54 9.72 -27.95
N GLN E 96 13.72 10.57 -26.92
CA GLN E 96 15.02 10.78 -26.25
C GLN E 96 15.18 9.76 -25.12
N SER E 97 16.20 8.89 -25.23
CA SER E 97 16.48 7.85 -24.22
C SER E 97 16.81 8.42 -22.84
N SER E 98 17.42 9.62 -22.79
CA SER E 98 17.79 10.28 -21.53
C SER E 98 16.60 10.94 -20.85
N TYR E 99 15.54 11.28 -21.60
CA TYR E 99 14.33 11.94 -21.10
C TYR E 99 13.58 11.06 -20.10
N ARG E 100 13.32 11.59 -18.89
CA ARG E 100 12.65 10.83 -17.82
C ARG E 100 11.27 11.35 -17.44
N GLY E 101 10.88 12.48 -18.01
CA GLY E 101 9.60 13.14 -17.74
C GLY E 101 9.81 14.47 -17.04
N PHE E 102 8.77 14.95 -16.35
CA PHE E 102 8.84 16.21 -15.60
C PHE E 102 8.87 15.97 -14.09
N ALA E 103 9.70 16.72 -13.36
CA ALA E 103 9.66 16.67 -11.91
C ALA E 103 8.81 17.86 -11.49
N VAL E 104 7.94 17.66 -10.50
CA VAL E 104 7.06 18.70 -9.95
C VAL E 104 6.99 18.53 -8.44
N ALA E 105 6.78 19.64 -7.70
CA ALA E 105 6.60 19.58 -6.25
C ALA E 105 5.18 20.02 -5.95
N VAL E 106 4.48 19.28 -5.09
CA VAL E 106 3.11 19.61 -4.69
C VAL E 106 3.16 20.45 -3.42
N LEU E 107 2.38 21.55 -3.39
CA LEU E 107 2.37 22.50 -2.28
C LEU E 107 0.96 22.94 -2.04
N THR E 108 0.75 23.67 -0.94
CA THR E 108 -0.46 24.43 -0.68
C THR E 108 -0.04 25.88 -0.90
N ALA E 109 -0.98 26.76 -1.32
CA ALA E 109 -0.71 28.18 -1.66
C ALA E 109 0.00 28.99 -0.54
N ASN E 110 -0.29 28.66 0.73
CA ASN E 110 0.33 29.33 1.88
C ASN E 110 1.80 29.01 2.05
N GLU E 111 2.31 27.94 1.39
CA GLU E 111 3.72 27.52 1.52
C GLU E 111 4.68 28.28 0.57
N ASP E 112 4.15 28.89 -0.50
CA ASP E 112 5.00 29.62 -1.45
C ASP E 112 5.28 31.03 -0.87
N HIS E 113 6.49 31.23 -0.32
CA HIS E 113 6.90 32.48 0.32
C HIS E 113 7.78 33.38 -0.57
N VAL E 114 7.59 33.30 -1.91
CA VAL E 114 8.22 34.15 -2.94
C VAL E 114 9.72 33.80 -3.16
N HIS E 115 10.61 34.10 -2.20
CA HIS E 115 12.04 33.79 -2.35
C HIS E 115 12.42 32.50 -1.62
N SER E 116 11.44 31.82 -1.03
CA SER E 116 11.62 30.57 -0.30
C SER E 116 10.28 29.82 -0.27
N LEU E 117 10.34 28.55 0.15
CA LEU E 117 9.15 27.72 0.38
C LEU E 117 9.12 27.44 1.87
N ALA E 118 7.94 27.56 2.51
CA ALA E 118 7.84 27.30 3.94
C ALA E 118 7.72 25.79 4.19
N VAL E 119 8.58 25.02 3.53
CA VAL E 119 8.61 23.56 3.64
C VAL E 119 10.06 23.19 3.94
N PRO E 120 10.38 22.62 5.13
CA PRO E 120 11.79 22.22 5.41
C PRO E 120 12.36 21.30 4.31
N PRO E 121 13.68 21.39 3.99
CA PRO E 121 14.24 20.56 2.89
C PRO E 121 13.96 19.05 2.97
N LEU E 122 13.97 18.46 4.18
CA LEU E 122 13.71 17.04 4.34
C LEU E 122 12.25 16.69 4.14
N VAL E 123 11.34 17.66 4.32
CA VAL E 123 9.91 17.51 4.06
C VAL E 123 9.67 17.68 2.54
N LEU E 124 10.35 18.66 1.91
CA LEU E 124 10.23 18.93 0.48
C LEU E 124 10.59 17.71 -0.37
N LEU E 125 11.55 16.91 0.10
CA LEU E 125 11.99 15.64 -0.49
C LEU E 125 10.80 14.75 -0.82
N HIS E 126 9.79 14.75 0.08
CA HIS E 126 8.59 13.93 -0.03
C HIS E 126 7.44 14.59 -0.82
N ARG E 127 7.67 15.80 -1.36
CA ARG E 127 6.68 16.53 -2.16
C ARG E 127 6.89 16.39 -3.67
N PHE E 128 8.04 15.84 -4.08
CA PHE E 128 8.33 15.67 -5.50
C PHE E 128 7.70 14.41 -6.04
N SER E 129 7.28 14.47 -7.31
CA SER E 129 6.75 13.34 -8.05
C SER E 129 7.21 13.48 -9.50
N LEU E 130 7.27 12.35 -10.20
CA LEU E 130 7.71 12.29 -11.58
C LEU E 130 6.50 12.14 -12.49
N PHE E 131 6.36 13.05 -13.45
CA PHE E 131 5.24 13.06 -14.38
C PHE E 131 5.63 12.55 -15.74
N ASN E 132 4.92 11.52 -16.20
CA ASN E 132 5.12 10.99 -17.53
C ASN E 132 3.82 11.26 -18.28
N PRO E 133 3.79 12.36 -19.09
CA PRO E 133 2.57 12.71 -19.81
C PRO E 133 1.96 11.53 -20.56
N ARG E 134 0.66 11.30 -20.32
CA ARG E 134 -0.13 10.20 -20.86
C ARG E 134 -0.58 10.50 -22.30
N ASP E 135 -0.68 11.79 -22.66
CA ASP E 135 -1.07 12.27 -23.99
C ASP E 135 -0.56 13.71 -24.22
N LEU E 136 -0.89 14.31 -25.37
CA LEU E 136 -0.47 15.66 -25.73
C LEU E 136 -0.94 16.73 -24.75
N LEU E 137 -2.23 16.72 -24.36
CA LEU E 137 -2.77 17.72 -23.42
C LEU E 137 -1.99 17.76 -22.10
N ASP E 138 -1.65 16.58 -21.55
CA ASP E 138 -0.84 16.44 -20.34
C ASP E 138 0.52 17.09 -20.53
N PHE E 139 1.18 16.81 -21.68
CA PHE E 139 2.49 17.37 -22.03
C PHE E 139 2.44 18.89 -22.13
N GLU E 140 1.41 19.44 -22.81
CA GLU E 140 1.18 20.87 -23.00
C GLU E 140 1.02 21.60 -21.66
N LEU E 141 0.25 21.00 -20.73
CA LEU E 141 0.02 21.53 -19.38
C LEU E 141 1.28 21.65 -18.57
N ALA E 142 2.15 20.61 -18.62
CA ALA E 142 3.41 20.60 -17.89
C ALA E 142 4.36 21.64 -18.52
N CYS E 143 4.38 21.72 -19.87
CA CYS E 143 5.18 22.67 -20.64
C CYS E 143 4.76 24.11 -20.31
N LEU E 144 3.44 24.38 -20.25
CA LEU E 144 2.89 25.70 -19.94
C LEU E 144 3.18 26.13 -18.52
N LEU E 145 3.04 25.22 -17.53
CA LEU E 145 3.36 25.52 -16.14
C LEU E 145 4.83 25.93 -16.03
N MET E 146 5.72 25.14 -16.63
CA MET E 146 7.16 25.40 -16.61
C MET E 146 7.47 26.75 -17.28
N TYR E 147 6.82 27.03 -18.44
CA TYR E 147 7.00 28.29 -19.16
C TYR E 147 6.62 29.50 -18.28
N LEU E 148 5.41 29.45 -17.69
CA LEU E 148 4.86 30.52 -16.86
C LEU E 148 5.73 30.81 -15.63
N GLU E 149 6.30 29.77 -15.03
CA GLU E 149 7.14 29.93 -13.84
C GLU E 149 8.46 30.61 -14.20
N ASN E 150 8.94 30.44 -15.45
CA ASN E 150 10.23 30.95 -15.89
C ASN E 150 10.13 32.14 -16.84
N CYS E 151 8.90 32.60 -17.11
CA CYS E 151 8.61 33.72 -18.02
C CYS E 151 9.25 35.05 -17.55
N PRO E 152 10.13 35.68 -18.38
CA PRO E 152 10.70 36.97 -17.97
C PRO E 152 9.75 38.14 -18.23
N ARG E 153 10.12 39.36 -17.77
CA ARG E 153 9.34 40.60 -17.96
C ARG E 153 8.95 40.86 -19.42
N SER E 154 9.89 40.64 -20.37
CA SER E 154 9.70 40.87 -21.81
C SER E 154 8.52 40.13 -22.42
N HIS E 155 8.23 38.91 -21.92
CA HIS E 155 7.12 38.10 -22.45
C HIS E 155 5.86 38.15 -21.58
N ALA E 156 5.93 38.79 -20.39
CA ALA E 156 4.79 38.93 -19.49
C ALA E 156 3.98 40.15 -19.95
N THR E 157 3.28 39.99 -21.07
CA THR E 157 2.52 41.04 -21.74
C THR E 157 1.02 40.73 -21.83
N PRO E 158 0.15 41.78 -21.98
CA PRO E 158 -1.30 41.51 -22.14
C PRO E 158 -1.65 40.49 -23.23
N SER E 159 -0.95 40.54 -24.39
CA SER E 159 -1.14 39.62 -25.52
C SER E 159 -0.88 38.16 -25.10
N THR E 160 0.26 37.90 -24.42
CA THR E 160 0.61 36.57 -23.90
C THR E 160 -0.46 36.12 -22.89
N PHE E 161 -0.87 37.02 -21.97
CA PHE E 161 -1.88 36.71 -20.94
C PHE E 161 -3.22 36.29 -21.56
N ALA E 162 -3.69 37.03 -22.59
CA ALA E 162 -4.94 36.75 -23.30
C ALA E 162 -4.90 35.37 -23.99
N LYS E 163 -3.78 35.04 -24.68
CA LYS E 163 -3.58 33.77 -25.41
C LYS E 163 -3.56 32.59 -24.45
N VAL E 164 -2.84 32.75 -23.33
CA VAL E 164 -2.72 31.72 -22.29
C VAL E 164 -4.10 31.45 -21.66
N LEU E 165 -4.84 32.49 -21.28
CA LEU E 165 -6.18 32.35 -20.69
C LEU E 165 -7.16 31.66 -21.63
N ALA E 166 -7.17 32.08 -22.92
CA ALA E 166 -8.03 31.50 -23.95
C ALA E 166 -7.72 30.00 -24.11
N TRP E 167 -6.44 29.62 -24.15
CA TRP E 167 -6.03 28.21 -24.26
C TRP E 167 -6.47 27.42 -23.02
N LEU E 168 -6.26 27.99 -21.80
CA LEU E 168 -6.66 27.37 -20.54
C LEU E 168 -8.17 27.17 -20.46
N GLY E 169 -8.93 28.10 -21.07
CA GLY E 169 -10.38 28.03 -21.14
C GLY E 169 -10.83 26.85 -21.98
N VAL E 170 -10.18 26.64 -23.14
CA VAL E 170 -10.47 25.54 -24.06
C VAL E 170 -10.06 24.20 -23.40
N ALA E 171 -8.87 24.17 -22.76
CA ALA E 171 -8.38 22.98 -22.05
C ALA E 171 -9.31 22.62 -20.87
N GLY E 172 -9.79 23.63 -20.15
CA GLY E 172 -10.70 23.49 -19.03
C GLY E 172 -12.04 22.87 -19.40
N ARG E 173 -12.62 23.30 -20.55
CA ARG E 173 -13.89 22.79 -21.08
C ARG E 173 -13.80 21.33 -21.53
N ARG E 174 -12.61 20.87 -21.95
CA ARG E 174 -12.30 19.50 -22.34
C ARG E 174 -12.11 18.59 -21.11
N THR E 175 -11.87 19.19 -19.93
CA THR E 175 -11.57 18.50 -18.66
C THR E 175 -12.72 18.46 -17.65
N SER E 176 -13.01 17.24 -17.12
CA SER E 176 -14.03 17.02 -16.09
C SER E 176 -13.37 17.08 -14.69
N PRO E 177 -14.09 17.47 -13.61
CA PRO E 177 -13.46 17.53 -12.27
C PRO E 177 -12.95 16.19 -11.70
N PHE E 178 -13.30 15.07 -12.35
CA PHE E 178 -12.88 13.72 -11.96
C PHE E 178 -11.54 13.35 -12.59
N GLU E 179 -11.00 14.22 -13.49
CA GLU E 179 -9.68 14.12 -14.09
C GLU E 179 -8.78 15.00 -13.19
N ARG E 180 -8.52 14.48 -11.99
CA ARG E 180 -7.86 15.13 -10.87
C ARG E 180 -6.48 15.70 -11.17
N VAL E 181 -5.65 14.94 -11.93
CA VAL E 181 -4.30 15.37 -12.27
C VAL E 181 -4.33 16.54 -13.29
N ARG E 182 -5.17 16.44 -14.35
CA ARG E 182 -5.31 17.52 -15.35
C ARG E 182 -5.77 18.80 -14.66
N CYS E 183 -6.77 18.69 -13.76
CA CYS E 183 -7.31 19.79 -12.96
C CYS E 183 -6.22 20.43 -12.11
N LEU E 184 -5.36 19.60 -11.49
CA LEU E 184 -4.24 20.09 -10.68
C LEU E 184 -3.29 20.93 -11.52
N PHE E 185 -2.91 20.45 -12.71
CA PHE E 185 -2.02 21.21 -13.61
C PHE E 185 -2.70 22.50 -14.11
N LEU E 186 -4.00 22.43 -14.42
CA LEU E 186 -4.79 23.57 -14.88
C LEU E 186 -4.83 24.69 -13.83
N ARG E 187 -5.19 24.36 -12.56
CA ARG E 187 -5.25 25.39 -11.52
C ARG E 187 -3.85 25.92 -11.18
N SER E 188 -2.80 25.06 -11.29
CA SER E 188 -1.42 25.51 -11.08
C SER E 188 -1.09 26.60 -12.11
N CYS E 189 -1.53 26.43 -13.37
CA CYS E 189 -1.33 27.44 -14.43
C CYS E 189 -2.06 28.72 -14.08
N HIS E 190 -3.31 28.62 -13.55
CA HIS E 190 -4.08 29.80 -13.16
C HIS E 190 -3.41 30.57 -12.00
N TRP E 191 -2.85 29.86 -10.98
CA TRP E 191 -2.14 30.50 -9.86
C TRP E 191 -0.92 31.25 -10.41
N VAL E 192 -0.10 30.57 -11.22
CA VAL E 192 1.15 31.16 -11.72
C VAL E 192 0.85 32.32 -12.68
N LEU E 193 -0.14 32.16 -13.56
CA LEU E 193 -0.54 33.20 -14.52
C LEU E 193 -1.03 34.47 -13.83
N ASN E 194 -2.02 34.34 -12.92
CA ASN E 194 -2.59 35.51 -12.24
C ASN E 194 -1.59 36.21 -11.34
N THR E 195 -0.68 35.44 -10.69
CA THR E 195 0.37 36.04 -9.85
C THR E 195 1.35 36.80 -10.74
N LEU E 196 1.71 36.22 -11.90
CA LEU E 196 2.61 36.85 -12.87
C LEU E 196 2.07 38.20 -13.34
N MET E 197 0.76 38.26 -13.67
CA MET E 197 0.08 39.49 -14.11
C MET E 197 0.15 40.54 -13.00
N PHE E 198 -0.17 40.13 -11.76
CA PHE E 198 -0.10 41.00 -10.60
C PHE E 198 1.30 41.57 -10.40
N MET E 199 2.34 40.72 -10.52
CA MET E 199 3.74 41.12 -10.32
C MET E 199 4.24 42.12 -11.36
N VAL E 200 3.63 42.12 -12.57
CA VAL E 200 3.98 43.11 -13.62
C VAL E 200 2.98 44.29 -13.61
N HIS E 201 2.22 44.45 -12.51
CA HIS E 201 1.28 45.57 -12.30
C HIS E 201 0.15 45.62 -13.35
N VAL E 202 -0.30 44.44 -13.76
CA VAL E 202 -1.41 44.26 -14.68
C VAL E 202 -2.51 43.65 -13.80
N LYS E 203 -3.76 44.09 -14.01
CA LYS E 203 -4.92 43.58 -13.28
C LYS E 203 -5.08 42.08 -13.62
N PRO E 204 -5.01 41.19 -12.60
CA PRO E 204 -5.18 39.77 -12.88
C PRO E 204 -6.59 39.46 -13.36
N PHE E 205 -6.74 38.38 -14.14
CA PHE E 205 -8.03 37.90 -14.61
C PHE E 205 -8.89 37.49 -13.41
N ASP E 206 -8.24 36.90 -12.38
CA ASP E 206 -8.88 36.46 -11.14
C ASP E 206 -7.93 36.71 -9.97
N ASP E 207 -8.21 37.76 -9.16
CA ASP E 207 -7.34 38.11 -8.04
C ASP E 207 -7.36 37.04 -6.91
N GLU E 208 -8.32 36.09 -6.95
CA GLU E 208 -8.37 34.98 -5.99
C GLU E 208 -7.25 33.97 -6.34
N PHE E 209 -6.70 34.06 -7.57
CA PHE E 209 -5.59 33.21 -8.03
C PHE E 209 -4.21 33.90 -7.98
N VAL E 210 -4.10 35.00 -7.22
CA VAL E 210 -2.79 35.60 -6.94
C VAL E 210 -2.30 34.91 -5.66
N LEU E 211 -1.11 34.29 -5.70
CA LEU E 211 -0.55 33.59 -4.54
C LEU E 211 -0.50 34.55 -3.35
N PRO E 212 -1.04 34.16 -2.17
CA PRO E 212 -1.26 35.14 -1.09
C PRO E 212 -0.03 35.84 -0.55
N HIS E 213 1.13 35.14 -0.46
CA HIS E 213 2.38 35.76 0.02
C HIS E 213 2.97 36.69 -1.03
N TRP E 214 2.72 36.40 -2.32
CA TRP E 214 3.18 37.24 -3.45
C TRP E 214 2.40 38.56 -3.47
N TYR E 215 1.09 38.52 -3.10
CA TYR E 215 0.30 39.73 -3.03
C TYR E 215 0.91 40.70 -2.01
N MET E 216 1.32 40.14 -0.85
CA MET E 216 1.96 40.90 0.23
C MET E 216 3.34 41.39 -0.18
N ALA E 217 4.18 40.49 -0.74
CA ALA E 217 5.55 40.81 -1.13
C ALA E 217 5.68 41.93 -2.16
N ARG E 218 4.78 42.00 -3.16
CA ARG E 218 4.85 43.08 -4.14
C ARG E 218 4.78 44.47 -3.47
N TYR E 219 3.95 44.61 -2.43
CA TYR E 219 3.85 45.87 -1.71
C TYR E 219 4.97 46.06 -0.71
N LEU E 220 5.24 45.03 0.11
CA LEU E 220 6.23 45.13 1.19
C LEU E 220 7.69 45.18 0.73
N LEU E 221 8.03 44.56 -0.42
CA LEU E 221 9.41 44.56 -0.92
C LEU E 221 9.63 45.47 -2.14
N ALA E 222 8.67 46.37 -2.44
CA ALA E 222 8.70 47.25 -3.62
C ALA E 222 9.98 48.04 -3.83
N ASN E 223 10.49 48.71 -2.77
CA ASN E 223 11.68 49.54 -2.87
C ASN E 223 12.40 49.63 -1.54
N ASN E 224 13.71 49.28 -1.53
CA ASN E 224 14.59 49.30 -0.35
C ASN E 224 13.86 48.79 0.92
N PRO E 225 13.33 47.54 0.92
CA PRO E 225 12.59 47.06 2.10
C PRO E 225 13.45 46.95 3.37
N PRO E 226 12.88 47.17 4.58
CA PRO E 226 13.69 46.96 5.79
C PRO E 226 13.96 45.46 6.00
N PRO E 227 15.13 45.07 6.57
CA PRO E 227 15.42 43.62 6.76
C PRO E 227 14.28 42.80 7.39
N VAL E 228 13.55 43.38 8.37
CA VAL E 228 12.42 42.76 9.06
C VAL E 228 11.29 42.33 8.09
N LEU E 229 11.09 43.07 6.98
CA LEU E 229 10.09 42.71 5.95
C LEU E 229 10.64 41.67 4.99
N SER E 230 11.90 41.83 4.56
CA SER E 230 12.58 40.88 3.67
C SER E 230 12.68 39.49 4.33
N ALA E 231 12.82 39.45 5.66
CA ALA E 231 12.93 38.21 6.46
C ALA E 231 11.70 37.31 6.37
N LEU E 232 10.51 37.90 6.07
CA LEU E 232 9.26 37.14 5.92
C LEU E 232 9.24 36.26 4.67
N PHE E 233 10.10 36.57 3.71
CA PHE E 233 10.12 35.91 2.41
C PHE E 233 11.46 35.27 2.02
N CYS E 234 12.55 35.72 2.65
CA CYS E 234 13.97 35.37 2.42
C CYS E 234 14.45 35.97 1.09
N CYS E 253 23.45 21.49 -11.56
CA CYS E 253 22.75 20.68 -12.55
C CYS E 253 21.25 21.08 -12.71
N VAL E 254 20.83 22.20 -12.10
CA VAL E 254 19.47 22.74 -12.17
C VAL E 254 19.49 24.06 -12.98
N ALA E 255 18.90 24.04 -14.18
CA ALA E 255 18.79 25.20 -15.06
C ALA E 255 17.38 25.79 -14.98
N TYR E 256 17.28 27.03 -14.53
CA TYR E 256 16.06 27.81 -14.42
C TYR E 256 16.37 29.21 -14.94
N ASN E 257 15.35 29.99 -15.31
CA ASN E 257 15.60 31.32 -15.84
C ASN E 257 15.83 32.28 -14.66
N PRO E 258 17.05 32.88 -14.49
CA PRO E 258 17.24 33.80 -13.35
C PRO E 258 16.39 35.07 -13.44
N ALA E 259 15.93 35.42 -14.65
CA ALA E 259 15.05 36.57 -14.92
C ALA E 259 13.55 36.16 -14.90
N GLY E 260 13.27 34.89 -14.58
CA GLY E 260 11.91 34.38 -14.47
C GLY E 260 11.23 35.02 -13.27
N ILE E 261 10.16 35.81 -13.52
CA ILE E 261 9.43 36.51 -12.45
C ILE E 261 8.85 35.56 -11.41
N MET E 262 8.22 34.46 -11.84
CA MET E 262 7.59 33.50 -10.92
C MET E 262 8.50 32.37 -10.44
N GLY E 263 9.76 32.37 -10.87
CA GLY E 263 10.70 31.31 -10.53
C GLY E 263 11.66 31.60 -9.40
N SER E 264 11.45 32.69 -8.61
CA SER E 264 12.39 33.07 -7.54
C SER E 264 12.61 32.00 -6.46
N CYS E 265 11.68 31.03 -6.26
CA CYS E 265 11.89 29.91 -5.30
C CYS E 265 13.06 29.02 -5.70
N TRP E 266 13.37 28.94 -7.02
CA TRP E 266 14.48 28.14 -7.55
C TRP E 266 15.84 28.59 -7.02
N ALA E 267 16.00 29.88 -6.63
CA ALA E 267 17.29 30.40 -6.15
C ALA E 267 17.78 29.72 -4.86
N SER E 268 16.85 29.29 -4.00
CA SER E 268 17.09 28.66 -2.71
C SER E 268 17.75 27.27 -2.82
N GLU E 269 18.86 27.09 -2.08
CA GLU E 269 19.57 25.81 -1.98
C GLU E 269 18.67 24.78 -1.24
N GLU E 270 17.75 25.28 -0.39
CA GLU E 270 16.78 24.47 0.37
C GLU E 270 15.65 23.95 -0.53
N VAL E 271 15.66 24.34 -1.83
CA VAL E 271 14.73 23.91 -2.86
C VAL E 271 15.47 22.96 -3.83
N ARG E 272 16.66 23.38 -4.34
CA ARG E 272 17.45 22.62 -5.33
C ARG E 272 18.14 21.37 -4.79
N ALA E 273 18.75 21.43 -3.58
CA ALA E 273 19.41 20.23 -3.02
C ALA E 273 18.38 19.11 -2.78
N PRO E 274 17.16 19.35 -2.19
CA PRO E 274 16.18 18.27 -2.07
C PRO E 274 15.74 17.67 -3.42
N LEU E 275 15.64 18.49 -4.50
CA LEU E 275 15.23 17.99 -5.83
C LEU E 275 16.25 16.94 -6.33
N VAL E 276 17.53 17.28 -6.26
CA VAL E 276 18.63 16.42 -6.69
C VAL E 276 18.69 15.15 -5.79
N TYR E 277 18.63 15.34 -4.46
CA TYR E 277 18.68 14.23 -3.51
C TYR E 277 17.48 13.31 -3.69
N TRP E 278 16.27 13.86 -3.97
CA TRP E 278 15.07 13.07 -4.24
C TRP E 278 15.33 12.21 -5.48
N TRP E 279 15.88 12.81 -6.54
CA TRP E 279 16.16 12.08 -7.77
C TRP E 279 17.16 10.94 -7.59
N LEU E 280 18.29 11.21 -6.90
N LEU E 280 18.13 11.08 -6.69
CA LEU E 280 19.39 10.28 -6.70
CA LEU E 280 19.14 10.04 -6.47
C LEU E 280 19.04 9.06 -5.85
C LEU E 280 18.84 9.07 -5.29
N SER E 281 18.00 9.19 -4.97
N SER E 281 17.96 9.44 -4.34
CA SER E 281 17.55 8.12 -4.09
CA SER E 281 17.67 8.58 -3.17
C SER E 281 17.08 6.89 -4.88
C SER E 281 16.27 7.94 -3.14
N GLU E 282 17.45 5.70 -4.41
N GLU E 282 15.26 8.56 -3.80
CA GLU E 282 17.12 4.42 -5.04
CA GLU E 282 13.90 8.01 -3.82
C GLU E 282 15.69 3.96 -4.73
C GLU E 282 13.84 6.79 -4.75
N THR E 283 15.01 4.62 -3.76
N THR E 283 13.81 5.58 -4.14
CA THR E 283 13.61 4.34 -3.38
CA THR E 283 13.75 4.31 -4.87
C THR E 283 12.70 4.72 -4.56
C THR E 283 12.37 4.14 -5.53
N PRO E 284 11.78 3.81 -5.03
N PRO E 284 11.23 4.04 -4.80
CA PRO E 284 10.89 4.15 -6.17
CA PRO E 284 9.93 3.93 -5.49
C PRO E 284 10.19 5.51 -6.04
C PRO E 284 9.33 5.33 -5.70
N LYS E 285 10.06 6.21 -7.16
N LYS E 285 9.84 6.03 -6.73
CA LYS E 285 9.45 7.54 -7.21
CA LYS E 285 9.42 7.39 -7.09
C LYS E 285 7.94 7.53 -7.37
C LYS E 285 7.93 7.49 -7.34
N ARG E 286 7.29 8.48 -6.70
CA ARG E 286 5.86 8.70 -6.80
C ARG E 286 5.58 9.26 -8.19
N GLN E 287 4.55 8.73 -8.86
CA GLN E 287 4.13 9.14 -10.20
CA GLN E 287 4.17 9.18 -10.19
C GLN E 287 3.10 10.23 -10.03
N THR E 288 3.27 11.38 -10.71
CA THR E 288 2.30 12.49 -10.61
C THR E 288 0.89 12.02 -11.02
N SER E 289 0.82 11.10 -12.01
CA SER E 289 -0.48 10.60 -12.49
C SER E 289 -1.22 9.75 -11.43
N SER E 290 -0.53 9.37 -10.34
CA SER E 290 -1.07 8.58 -9.22
C SER E 290 -1.25 9.37 -7.90
N LEU E 291 -1.14 10.72 -7.93
CA LEU E 291 -1.30 11.54 -6.72
C LEU E 291 -2.66 11.41 -6.03
N PHE E 292 -3.70 11.11 -6.81
CA PHE E 292 -5.06 10.99 -6.29
C PHE E 292 -5.51 9.55 -6.27
N TYR E 293 -5.55 8.95 -5.07
CA TYR E 293 -6.01 7.59 -4.90
C TYR E 293 -7.39 7.42 -5.53
N GLN E 294 -7.58 6.31 -6.26
CA GLN E 294 -8.87 5.94 -6.80
C GLN E 294 -9.15 4.47 -6.59
N PHE E 295 -10.41 4.16 -6.31
CA PHE E 295 -10.92 2.81 -6.28
C PHE E 295 -12.24 2.77 -7.02
N CYS E 296 -12.41 1.76 -7.89
CA CYS E 296 -13.68 1.53 -8.53
C CYS E 296 -13.91 0.02 -8.51
N GLY E 297 -15.04 -0.40 -7.97
CA GLY E 297 -15.30 -1.83 -7.88
C GLY E 297 -16.58 -2.22 -7.20
N SER E 298 -16.77 -3.50 -7.01
CA SER E 298 -17.98 -4.01 -6.38
C SER E 298 -17.81 -4.05 -4.86
N LEU E 299 -18.90 -3.77 -4.15
CA LEU E 299 -18.95 -3.85 -2.70
C LEU E 299 -20.10 -4.76 -2.33
N GLU E 300 -19.81 -5.85 -1.61
CA GLU E 300 -20.83 -6.78 -1.14
C GLU E 300 -20.81 -6.75 0.39
N VAL E 301 -22.01 -6.59 1.00
CA VAL E 301 -22.16 -6.51 2.46
C VAL E 301 -23.11 -7.61 2.91
N LEU E 302 -22.64 -8.50 3.79
CA LEU E 302 -23.43 -9.62 4.31
C LEU E 302 -23.63 -9.45 5.81
N PHE E 303 -24.88 -9.51 6.29
CA PHE E 303 -25.14 -9.36 7.73
C PHE E 303 -26.41 -10.06 8.15
N GLN E 304 -26.53 -10.36 9.44
CA GLN E 304 -27.72 -10.96 10.06
C GLN E 304 -28.37 -9.95 11.01
N SER F 11 -13.03 -7.04 18.91
CA SER F 11 -12.45 -5.90 19.62
C SER F 11 -13.39 -4.68 19.67
N ALA F 12 -14.28 -4.47 18.67
CA ALA F 12 -15.26 -3.36 18.71
C ALA F 12 -16.28 -3.59 19.81
N ALA F 13 -16.66 -4.86 20.06
CA ALA F 13 -17.56 -5.25 21.15
C ALA F 13 -16.91 -4.91 22.51
N THR F 14 -15.57 -4.98 22.61
CA THR F 14 -14.82 -4.63 23.82
C THR F 14 -14.91 -3.11 24.07
N ILE F 15 -14.77 -2.30 23.02
CA ILE F 15 -14.89 -0.83 23.12
C ILE F 15 -16.31 -0.46 23.59
N LEU F 16 -17.32 -1.11 23.00
CA LEU F 16 -18.73 -0.88 23.33
C LEU F 16 -18.97 -1.20 24.81
N LYS F 17 -18.48 -2.37 25.27
CA LYS F 17 -18.60 -2.80 26.67
C LYS F 17 -17.92 -1.79 27.62
N GLN F 18 -16.71 -1.33 27.27
CA GLN F 18 -15.95 -0.35 28.07
C GLN F 18 -16.65 1.00 28.12
N ALA F 19 -17.17 1.47 26.99
CA ALA F 19 -17.88 2.75 26.94
C ALA F 19 -19.12 2.69 27.86
N ILE F 20 -19.93 1.63 27.77
CA ILE F 20 -21.13 1.47 28.61
C ILE F 20 -20.76 1.30 30.09
N ALA F 21 -19.82 0.40 30.41
CA ALA F 21 -19.43 0.11 31.79
C ALA F 21 -18.90 1.34 32.55
N GLY F 22 -18.13 2.19 31.88
CA GLY F 22 -17.56 3.40 32.47
C GLY F 22 -18.40 4.63 32.25
N ASP F 23 -19.49 4.50 31.47
CA ASP F 23 -20.39 5.58 31.02
C ASP F 23 -19.55 6.67 30.30
N ARG F 24 -18.63 6.22 29.43
CA ARG F 24 -17.76 7.10 28.66
C ARG F 24 -18.26 7.13 27.22
N SER F 25 -18.32 8.32 26.60
CA SER F 25 -18.76 8.43 25.19
C SER F 25 -17.79 7.61 24.33
N LEU F 26 -18.17 7.29 23.09
CA LEU F 26 -17.25 6.52 22.21
C LEU F 26 -15.94 7.30 21.97
N VAL F 27 -16.02 8.66 21.92
CA VAL F 27 -14.84 9.54 21.75
C VAL F 27 -13.91 9.35 22.99
N GLU F 28 -14.47 9.34 24.19
CA GLU F 28 -13.72 9.15 25.43
C GLU F 28 -13.15 7.74 25.52
N ALA F 29 -13.95 6.73 25.09
CA ALA F 29 -13.47 5.35 25.14
C ALA F 29 -12.30 5.16 24.17
N ALA F 30 -12.39 5.75 22.96
CA ALA F 30 -11.32 5.66 21.95
C ALA F 30 -10.06 6.41 22.42
N GLU F 31 -10.25 7.57 23.08
CA GLU F 31 -9.13 8.36 23.61
C GLU F 31 -8.36 7.59 24.69
N ALA F 32 -9.07 6.83 25.56
CA ALA F 32 -8.42 6.02 26.61
C ALA F 32 -7.53 4.93 25.97
N ILE F 33 -7.97 4.37 24.85
CA ILE F 33 -7.21 3.36 24.13
C ILE F 33 -5.98 4.02 23.47
N SER F 34 -6.19 5.12 22.69
CA SER F 34 -5.06 5.78 22.00
C SER F 34 -4.03 6.39 22.99
N GLN F 35 -4.48 6.78 24.19
CA GLN F 35 -3.58 7.32 25.22
C GLN F 35 -2.56 6.30 25.74
N GLN F 36 -2.75 5.00 25.44
CA GLN F 36 -1.78 3.97 25.81
C GLN F 36 -0.54 3.99 24.91
N THR F 37 -0.59 4.71 23.78
CA THR F 37 0.53 4.78 22.84
C THR F 37 1.39 6.01 23.11
N LEU F 38 2.69 5.88 22.88
CA LEU F 38 3.63 6.97 23.10
C LEU F 38 4.86 6.68 22.26
N LEU F 39 5.67 7.69 22.09
CA LEU F 39 6.96 7.61 21.42
C LEU F 39 8.04 7.64 22.49
N ARG F 40 9.09 6.86 22.28
CA ARG F 40 10.23 6.78 23.20
C ARG F 40 11.51 6.73 22.37
N LEU F 41 12.68 6.82 23.03
CA LEU F 41 13.99 6.72 22.38
C LEU F 41 14.23 7.81 21.32
N ALA F 42 13.76 9.03 21.62
CA ALA F 42 13.90 10.17 20.74
C ALA F 42 15.38 10.54 20.62
N CYS F 43 15.86 10.67 19.38
CA CYS F 43 17.27 11.00 19.12
C CYS F 43 17.42 11.64 17.76
N GLU F 44 18.42 12.50 17.61
CA GLU F 44 18.74 13.16 16.36
C GLU F 44 19.63 12.21 15.56
N VAL F 45 19.33 12.05 14.24
CA VAL F 45 20.13 11.19 13.36
C VAL F 45 21.01 12.07 12.46
N ARG F 46 22.32 11.77 12.42
CA ARG F 46 23.27 12.45 11.56
C ARG F 46 24.09 11.42 10.81
N GLN F 47 24.20 11.59 9.47
CA GLN F 47 24.97 10.69 8.64
C GLN F 47 25.58 11.45 7.47
N VAL F 48 26.90 11.29 7.31
CA VAL F 48 27.64 11.90 6.21
C VAL F 48 27.76 10.85 5.12
N GLY F 49 26.95 11.00 4.06
CA GLY F 49 26.88 10.08 2.94
C GLY F 49 26.41 8.70 3.38
N ASP F 50 27.24 7.68 3.13
CA ASP F 50 26.97 6.30 3.53
C ASP F 50 27.91 5.83 4.66
N ARG F 51 28.56 6.79 5.35
CA ARG F 51 29.46 6.52 6.49
C ARG F 51 28.66 6.10 7.73
N GLN F 52 29.35 5.85 8.87
CA GLN F 52 28.75 5.42 10.12
C GLN F 52 27.76 6.49 10.67
N PRO F 53 26.48 6.13 10.93
CA PRO F 53 25.53 7.14 11.44
C PRO F 53 25.74 7.45 12.93
N ARG F 54 25.20 8.58 13.39
CA ARG F 54 25.28 9.01 14.79
C ARG F 54 23.87 9.27 15.32
N PHE F 55 23.56 8.73 16.51
CA PHE F 55 22.27 8.87 17.17
C PHE F 55 22.55 9.66 18.45
N THR F 56 22.00 10.87 18.56
CA THR F 56 22.30 11.74 19.69
C THR F 56 21.04 12.14 20.43
N ALA F 57 20.97 11.76 21.71
CA ALA F 57 19.82 12.09 22.56
C ALA F 57 20.22 13.13 23.62
N THR F 58 21.50 13.54 23.60
CA THR F 58 22.14 14.45 24.56
C THR F 58 22.25 15.92 24.12
N SER F 59 21.89 16.22 22.87
CA SER F 59 21.98 17.55 22.24
C SER F 59 21.45 18.71 23.09
N ILE F 60 20.33 18.50 23.82
CA ILE F 60 19.73 19.54 24.69
C ILE F 60 20.03 19.27 26.17
N ALA F 61 20.86 20.14 26.78
CA ALA F 61 21.26 20.05 28.18
C ALA F 61 20.25 20.72 29.12
N ARG F 62 19.60 21.80 28.65
CA ARG F 62 18.65 22.57 29.46
C ARG F 62 17.54 23.15 28.59
N VAL F 63 16.34 23.29 29.18
CA VAL F 63 15.16 23.87 28.53
C VAL F 63 14.62 25.03 29.39
N ASP F 64 14.22 26.13 28.75
CA ASP F 64 13.60 27.28 29.40
C ASP F 64 12.53 27.87 28.48
N VAL F 65 11.51 28.50 29.07
CA VAL F 65 10.41 29.09 28.33
C VAL F 65 10.58 30.62 28.28
N ALA F 66 10.52 31.19 27.06
CA ALA F 66 10.64 32.64 26.80
C ALA F 66 9.38 33.42 27.26
N PRO F 67 9.40 34.79 27.40
CA PRO F 67 8.18 35.51 27.82
C PRO F 67 6.93 35.26 26.97
N GLY F 68 7.11 35.09 25.66
CA GLY F 68 6.03 34.81 24.71
C GLY F 68 5.75 33.33 24.52
N CYS F 69 6.01 32.53 25.57
CA CYS F 69 5.86 31.07 25.66
C CYS F 69 6.46 30.28 24.45
N ARG F 70 7.70 30.61 24.10
CA ARG F 70 8.48 29.94 23.05
C ARG F 70 9.63 29.22 23.75
N LEU F 71 10.01 28.05 23.24
CA LEU F 71 11.08 27.27 23.83
C LEU F 71 12.48 27.77 23.49
N ARG F 72 13.39 27.76 24.46
CA ARG F 72 14.80 28.09 24.27
C ARG F 72 15.66 27.00 24.92
N PHE F 73 16.81 26.65 24.31
CA PHE F 73 17.65 25.56 24.79
C PHE F 73 19.10 25.92 25.06
N VAL F 74 19.71 25.24 26.03
CA VAL F 74 21.15 25.31 26.27
C VAL F 74 21.61 24.01 25.64
N LEU F 75 22.43 24.10 24.60
CA LEU F 75 22.91 22.91 23.89
C LEU F 75 24.06 22.25 24.65
N ASP F 76 24.29 20.95 24.38
CA ASP F 76 25.38 20.17 25.00
C ASP F 76 26.73 20.75 24.60
N GLY F 77 27.56 21.06 25.60
CA GLY F 77 28.89 21.63 25.41
C GLY F 77 28.94 23.14 25.48
N SER F 78 27.78 23.80 25.41
CA SER F 78 27.65 25.27 25.47
C SER F 78 27.67 25.78 26.91
N PRO F 79 28.08 27.04 27.19
CA PRO F 79 28.07 27.53 28.59
C PRO F 79 26.68 27.44 29.24
N GLU F 80 26.65 27.16 30.55
CA GLU F 80 25.47 26.95 31.41
C GLU F 80 24.25 27.85 31.12
N ASP F 81 24.50 29.15 30.86
CA ASP F 81 23.45 30.14 30.60
C ASP F 81 23.48 30.70 29.15
N ALA F 82 24.02 29.92 28.20
CA ALA F 82 24.07 30.33 26.80
C ALA F 82 22.95 29.65 26.02
N TYR F 83 21.76 30.27 26.06
CA TYR F 83 20.57 29.78 25.40
C TYR F 83 20.51 30.14 23.92
N VAL F 84 19.89 29.27 23.14
CA VAL F 84 19.61 29.44 21.72
C VAL F 84 18.09 29.29 21.59
N THR F 85 17.44 30.08 20.72
CA THR F 85 15.99 29.95 20.53
C THR F 85 15.74 28.61 19.81
N SER F 86 14.55 28.01 20.01
CA SER F 86 14.21 26.76 19.31
C SER F 86 14.20 26.99 17.78
N GLU F 87 13.84 28.23 17.35
CA GLU F 87 13.84 28.61 15.94
C GLU F 87 15.26 28.58 15.36
N ASP F 88 16.25 29.16 16.07
CA ASP F 88 17.65 29.16 15.62
C ASP F 88 18.23 27.74 15.55
N TYR F 89 17.85 26.87 16.51
CA TYR F 89 18.30 25.47 16.52
C TYR F 89 17.62 24.66 15.39
N PHE F 90 16.34 25.00 15.07
CA PHE F 90 15.58 24.39 13.96
C PHE F 90 16.25 24.75 12.62
N LYS F 91 16.62 26.03 12.41
CA LYS F 91 17.29 26.52 11.20
C LYS F 91 18.68 25.88 11.02
N ARG F 92 19.45 25.77 12.12
CA ARG F 92 20.79 25.17 12.15
C ARG F 92 20.71 23.69 11.71
N CYS F 93 19.75 22.93 12.24
CA CYS F 93 19.54 21.51 11.90
C CYS F 93 19.11 21.35 10.45
N CYS F 94 18.16 22.20 9.98
CA CYS F 94 17.68 22.17 8.59
C CYS F 94 18.77 22.49 7.58
N GLY F 95 19.75 23.29 8.01
CA GLY F 95 20.90 23.68 7.19
C GLY F 95 22.06 22.72 7.21
N GLN F 96 22.04 21.70 8.11
CA GLN F 96 23.11 20.69 8.21
C GLN F 96 22.83 19.55 7.23
N SER F 97 23.74 19.33 6.26
CA SER F 97 23.60 18.27 5.25
C SER F 97 23.58 16.86 5.83
N SER F 98 24.23 16.65 6.98
CA SER F 98 24.30 15.36 7.68
C SER F 98 23.04 15.05 8.45
N TYR F 99 22.32 16.09 8.89
CA TYR F 99 21.08 15.97 9.67
C TYR F 99 19.97 15.24 8.90
N ARG F 100 19.41 14.17 9.49
CA ARG F 100 18.39 13.33 8.85
C ARG F 100 17.03 13.39 9.51
N GLY F 101 16.94 14.09 10.65
CA GLY F 101 15.71 14.20 11.44
C GLY F 101 15.83 13.48 12.77
N PHE F 102 14.69 13.13 13.39
CA PHE F 102 14.66 12.39 14.65
C PHE F 102 14.21 10.95 14.48
N ALA F 103 14.87 10.01 15.16
CA ALA F 103 14.40 8.63 15.17
C ALA F 103 13.59 8.51 16.46
N VAL F 104 12.46 7.81 16.39
CA VAL F 104 11.58 7.55 17.54
C VAL F 104 11.05 6.14 17.43
N ALA F 105 10.76 5.51 18.59
CA ALA F 105 10.16 4.17 18.61
C ALA F 105 8.78 4.32 19.20
N VAL F 106 7.76 3.71 18.56
CA VAL F 106 6.38 3.75 19.02
C VAL F 106 6.12 2.54 19.92
N LEU F 107 5.48 2.75 21.09
CA LEU F 107 5.23 1.68 22.06
C LEU F 107 3.88 1.87 22.66
N THR F 108 3.42 0.88 23.43
CA THR F 108 2.26 0.99 24.32
C THR F 108 2.88 1.08 25.72
N ALA F 109 2.20 1.76 26.65
CA ALA F 109 2.72 2.02 28.03
C ALA F 109 3.15 0.75 28.81
N ASN F 110 2.45 -0.37 28.58
CA ASN F 110 2.75 -1.65 29.23
C ASN F 110 4.08 -2.27 28.77
N GLU F 111 4.66 -1.78 27.66
CA GLU F 111 5.91 -2.32 27.09
C GLU F 111 7.17 -1.71 27.72
N ASP F 112 7.06 -0.54 28.36
CA ASP F 112 8.26 0.08 28.91
C ASP F 112 8.52 -0.54 30.32
N HIS F 113 9.52 -1.43 30.41
CA HIS F 113 9.81 -2.12 31.68
C HIS F 113 11.00 -1.52 32.43
N VAL F 114 11.19 -0.17 32.32
CA VAL F 114 12.19 0.63 33.05
C VAL F 114 13.63 0.38 32.55
N HIS F 115 14.25 -0.78 32.84
CA HIS F 115 15.62 -1.07 32.38
C HIS F 115 15.63 -1.87 31.08
N SER F 116 14.45 -2.15 30.53
CA SER F 116 14.27 -2.89 29.29
C SER F 116 12.92 -2.55 28.68
N LEU F 117 12.72 -2.96 27.42
CA LEU F 117 11.45 -2.82 26.73
C LEU F 117 10.95 -4.24 26.51
N ALA F 118 9.64 -4.51 26.75
CA ALA F 118 9.10 -5.84 26.56
C ALA F 118 8.75 -6.07 25.08
N VAL F 119 9.68 -5.70 24.20
CA VAL F 119 9.54 -5.80 22.76
C VAL F 119 10.78 -6.54 22.26
N PRO F 120 10.67 -7.77 21.69
CA PRO F 120 11.87 -8.45 21.17
C PRO F 120 12.66 -7.59 20.17
N PRO F 121 14.01 -7.69 20.11
CA PRO F 121 14.79 -6.81 19.19
C PRO F 121 14.34 -6.81 17.72
N LEU F 122 13.92 -7.96 17.18
CA LEU F 122 13.48 -8.04 15.79
C LEU F 122 12.10 -7.42 15.59
N VAL F 123 11.31 -7.30 16.67
CA VAL F 123 10.01 -6.62 16.65
C VAL F 123 10.26 -5.12 16.77
N LEU F 124 11.19 -4.71 17.67
CA LEU F 124 11.53 -3.29 17.87
C LEU F 124 12.00 -2.62 16.59
N LEU F 125 12.68 -3.38 15.74
CA LEU F 125 13.17 -2.98 14.42
C LEU F 125 12.05 -2.31 13.61
N HIS F 126 10.81 -2.83 13.72
CA HIS F 126 9.60 -2.37 13.02
C HIS F 126 8.82 -1.28 13.77
N ARG F 127 9.33 -0.82 14.94
CA ARG F 127 8.68 0.25 15.71
C ARG F 127 9.31 1.61 15.48
N PHE F 128 10.47 1.66 14.80
CA PHE F 128 11.15 2.93 14.56
C PHE F 128 10.57 3.64 13.35
N SER F 129 10.54 4.95 13.41
CA SER F 129 10.15 5.82 12.31
C SER F 129 11.03 7.05 12.35
N LEU F 130 11.19 7.68 11.18
CA LEU F 130 12.00 8.88 11.03
C LEU F 130 11.10 10.08 10.98
N PHE F 131 11.35 11.06 11.85
CA PHE F 131 10.55 12.27 11.92
C PHE F 131 11.27 13.45 11.33
N ASN F 132 10.62 14.10 10.36
CA ASN F 132 11.16 15.31 9.76
C ASN F 132 10.17 16.40 10.12
N PRO F 133 10.50 17.19 11.18
CA PRO F 133 9.58 18.25 11.63
C PRO F 133 9.10 19.14 10.48
N ARG F 134 7.78 19.29 10.39
CA ARG F 134 7.07 20.03 9.35
C ARG F 134 7.10 21.54 9.63
N ASP F 135 7.23 21.92 10.91
CA ASP F 135 7.31 23.32 11.38
C ASP F 135 8.03 23.39 12.74
N LEU F 136 8.11 24.60 13.33
CA LEU F 136 8.76 24.82 14.60
C LEU F 136 8.15 24.04 15.77
N LEU F 137 6.80 24.06 15.91
CA LEU F 137 6.12 23.32 16.99
C LEU F 137 6.47 21.83 17.00
N ASP F 138 6.51 21.20 15.81
CA ASP F 138 6.90 19.79 15.63
C ASP F 138 8.33 19.58 16.15
N PHE F 139 9.25 20.47 15.76
CA PHE F 139 10.65 20.41 16.17
C PHE F 139 10.80 20.53 17.70
N GLU F 140 10.07 21.49 18.31
CA GLU F 140 10.08 21.76 19.75
C GLU F 140 9.60 20.54 20.54
N LEU F 141 8.53 19.88 20.05
CA LEU F 141 7.96 18.67 20.66
C LEU F 141 8.94 17.51 20.68
N ALA F 142 9.65 17.29 19.56
CA ALA F 142 10.66 16.23 19.46
C ALA F 142 11.84 16.55 20.37
N CYS F 143 12.25 17.84 20.39
CA CYS F 143 13.34 18.36 21.23
C CYS F 143 13.01 18.16 22.72
N LEU F 144 11.77 18.48 23.13
CA LEU F 144 11.30 18.36 24.51
C LEU F 144 11.20 16.91 24.96
N LEU F 145 10.69 16.02 24.10
CA LEU F 145 10.61 14.61 24.42
C LEU F 145 12.01 14.05 24.69
N MET F 146 12.95 14.36 23.80
CA MET F 146 14.33 13.91 23.90
C MET F 146 14.99 14.46 25.18
N TYR F 147 14.72 15.74 25.50
CA TYR F 147 15.25 16.39 26.70
C TYR F 147 14.75 15.68 27.98
N LEU F 148 13.43 15.47 28.07
CA LEU F 148 12.77 14.86 29.24
C LEU F 148 13.27 13.44 29.48
N GLU F 149 13.52 12.67 28.42
CA GLU F 149 14.00 11.30 28.54
C GLU F 149 15.43 11.26 29.07
N ASN F 150 16.22 12.29 28.80
CA ASN F 150 17.63 12.34 29.17
C ASN F 150 17.94 13.27 30.32
N CYS F 151 16.91 13.91 30.89
CA CYS F 151 17.01 14.87 32.00
C CYS F 151 17.63 14.24 33.28
N PRO F 152 18.77 14.77 33.78
CA PRO F 152 19.34 14.22 35.02
C PRO F 152 18.64 14.76 36.27
N ARG F 153 18.97 14.21 37.46
CA ARG F 153 18.45 14.64 38.77
C ARG F 153 18.52 16.15 39.02
N SER F 154 19.66 16.78 38.66
CA SER F 154 19.93 18.21 38.85
C SER F 154 18.90 19.14 38.20
N HIS F 155 18.36 18.73 37.05
CA HIS F 155 17.39 19.55 36.33
C HIS F 155 15.93 19.10 36.52
N ALA F 156 15.71 17.95 37.20
CA ALA F 156 14.37 17.42 37.50
C ALA F 156 13.87 18.11 38.77
N THR F 157 13.52 19.40 38.63
CA THR F 157 13.12 20.27 39.73
C THR F 157 11.69 20.80 39.56
N PRO F 158 11.02 21.23 40.68
CA PRO F 158 9.66 21.81 40.56
C PRO F 158 9.55 22.95 39.53
N SER F 159 10.57 23.84 39.45
CA SER F 159 10.63 24.96 38.52
C SER F 159 10.58 24.47 37.06
N THR F 160 11.44 23.48 36.71
CA THR F 160 11.46 22.86 35.38
C THR F 160 10.10 22.22 35.08
N PHE F 161 9.53 21.47 36.06
CA PHE F 161 8.24 20.80 35.90
C PHE F 161 7.10 21.80 35.59
N ALA F 162 7.05 22.93 36.32
CA ALA F 162 6.06 23.99 36.13
C ALA F 162 6.15 24.62 34.73
N LYS F 163 7.39 24.92 34.26
CA LYS F 163 7.66 25.56 32.96
C LYS F 163 7.26 24.63 31.82
N VAL F 164 7.63 23.33 31.94
CA VAL F 164 7.31 22.31 30.95
C VAL F 164 5.80 22.13 30.83
N LEU F 165 5.08 22.00 31.97
CA LEU F 165 3.61 21.85 31.98
C LEU F 165 2.90 23.04 31.35
N ALA F 166 3.33 24.27 31.71
CA ALA F 166 2.77 25.51 31.18
C ALA F 166 2.94 25.56 29.65
N TRP F 167 4.13 25.20 29.15
CA TRP F 167 4.40 25.17 27.70
C TRP F 167 3.53 24.12 27.02
N LEU F 168 3.42 22.91 27.60
CA LEU F 168 2.59 21.82 27.07
C LEU F 168 1.11 22.20 27.03
N GLY F 169 0.68 23.01 28.00
CA GLY F 169 -0.68 23.53 28.07
C GLY F 169 -0.99 24.46 26.91
N VAL F 170 -0.03 25.36 26.59
CA VAL F 170 -0.15 26.31 25.48
C VAL F 170 -0.09 25.55 24.13
N ALA F 171 0.84 24.58 24.02
CA ALA F 171 0.96 23.75 22.82
C ALA F 171 -0.31 22.90 22.59
N GLY F 172 -0.87 22.37 23.69
CA GLY F 172 -2.10 21.57 23.69
C GLY F 172 -3.32 22.32 23.20
N ARG F 173 -3.47 23.60 23.61
CA ARG F 173 -4.58 24.48 23.21
C ARG F 173 -4.53 24.85 21.72
N ARG F 174 -3.32 24.89 21.14
CA ARG F 174 -3.05 25.15 19.72
C ARG F 174 -3.33 23.91 18.85
N THR F 175 -3.43 22.72 19.49
CA THR F 175 -3.63 21.42 18.81
C THR F 175 -5.05 20.85 18.92
N SER F 176 -5.56 20.29 17.81
CA SER F 176 -6.86 19.63 17.71
C SER F 176 -6.63 18.09 17.75
N PRO F 177 -7.60 17.25 18.21
CA PRO F 177 -7.36 15.79 18.24
C PRO F 177 -7.17 15.13 16.88
N PHE F 178 -7.47 15.87 15.79
CA PHE F 178 -7.31 15.40 14.41
C PHE F 178 -5.87 15.58 13.92
N GLU F 179 -5.04 16.33 14.70
CA GLU F 179 -3.60 16.49 14.47
C GLU F 179 -2.95 15.36 15.30
N ARG F 180 -3.13 14.14 14.80
CA ARG F 180 -2.74 12.86 15.41
C ARG F 180 -1.28 12.77 15.83
N VAL F 181 -0.35 13.21 14.96
CA VAL F 181 1.10 13.15 15.23
C VAL F 181 1.50 14.12 16.36
N ARG F 182 1.01 15.39 16.30
CA ARG F 182 1.28 16.39 17.36
C ARG F 182 0.77 15.88 18.71
N CYS F 183 -0.46 15.33 18.72
CA CYS F 183 -1.09 14.73 19.91
C CYS F 183 -0.24 13.59 20.46
N LEU F 184 0.32 12.75 19.58
CA LEU F 184 1.19 11.64 19.98
C LEU F 184 2.43 12.16 20.69
N PHE F 185 3.10 13.19 20.13
CA PHE F 185 4.28 13.78 20.77
C PHE F 185 3.94 14.47 22.10
N LEU F 186 2.77 15.15 22.14
CA LEU F 186 2.30 15.84 23.36
C LEU F 186 2.07 14.84 24.50
N ARG F 187 1.30 13.74 24.24
CA ARG F 187 1.06 12.77 25.32
C ARG F 187 2.35 12.04 25.72
N SER F 188 3.29 11.83 24.77
CA SER F 188 4.58 11.22 25.08
C SER F 188 5.32 12.10 26.09
N CYS F 189 5.26 13.44 25.91
CA CYS F 189 5.87 14.39 26.86
C CYS F 189 5.21 14.28 28.22
N HIS F 190 3.86 14.14 28.28
CA HIS F 190 3.13 14.01 29.54
C HIS F 190 3.50 12.71 30.28
N TRP F 191 3.64 11.57 29.56
CA TRP F 191 4.06 10.29 30.16
C TRP F 191 5.46 10.45 30.76
N VAL F 192 6.42 10.97 29.98
CA VAL F 192 7.80 11.09 30.43
C VAL F 192 7.94 12.09 31.58
N LEU F 193 7.23 13.24 31.48
CA LEU F 193 7.25 14.27 32.53
C LEU F 193 6.70 13.75 33.87
N ASN F 194 5.49 13.17 33.86
CA ASN F 194 4.85 12.70 35.09
C ASN F 194 5.61 11.55 35.74
N THR F 195 6.20 10.66 34.91
CA THR F 195 7.01 9.56 35.42
C THR F 195 8.28 10.11 36.06
N LEU F 196 8.92 11.11 35.40
CA LEU F 196 10.12 11.76 35.92
C LEU F 196 9.89 12.38 37.29
N MET F 197 8.75 13.07 37.48
CA MET F 197 8.37 13.71 38.74
C MET F 197 8.21 12.64 39.81
N PHE F 198 7.50 11.55 39.48
CA PHE F 198 7.31 10.43 40.38
C PHE F 198 8.65 9.81 40.82
N MET F 199 9.58 9.61 39.87
CA MET F 199 10.89 9.00 40.15
C MET F 199 11.77 9.86 41.06
N VAL F 200 11.56 11.20 41.08
CA VAL F 200 12.30 12.11 41.99
C VAL F 200 11.49 12.39 43.27
N HIS F 201 10.44 11.57 43.52
CA HIS F 201 9.60 11.66 44.73
C HIS F 201 8.85 13.00 44.83
N VAL F 202 8.40 13.51 43.68
CA VAL F 202 7.62 14.75 43.59
C VAL F 202 6.25 14.32 43.07
N LYS F 203 5.16 14.81 43.72
CA LYS F 203 3.80 14.49 43.32
C LYS F 203 3.60 14.83 41.83
N PRO F 204 3.29 13.83 40.97
CA PRO F 204 3.05 14.15 39.56
C PRO F 204 1.83 15.04 39.36
N PHE F 205 1.81 15.81 38.27
CA PHE F 205 0.65 16.64 37.92
C PHE F 205 -0.56 15.75 37.64
N ASP F 206 -0.31 14.57 37.03
CA ASP F 206 -1.32 13.58 36.69
C ASP F 206 -0.76 12.18 36.91
N ASP F 207 -1.15 11.51 38.01
CA ASP F 207 -0.62 10.18 38.31
C ASP F 207 -1.09 9.10 37.31
N GLU F 208 -2.09 9.41 36.44
CA GLU F 208 -2.54 8.50 35.37
C GLU F 208 -1.49 8.49 34.25
N PHE F 209 -0.59 9.48 34.23
CA PHE F 209 0.52 9.59 33.26
C PHE F 209 1.87 9.13 33.82
N VAL F 210 1.87 8.37 34.93
CA VAL F 210 3.09 7.73 35.41
C VAL F 210 3.10 6.35 34.71
N LEU F 211 4.18 6.04 33.98
CA LEU F 211 4.31 4.76 33.27
C LEU F 211 4.10 3.61 34.28
N PRO F 212 3.19 2.64 33.99
CA PRO F 212 2.77 1.67 35.02
C PRO F 212 3.86 0.81 35.64
N HIS F 213 4.85 0.36 34.84
CA HIS F 213 5.94 -0.47 35.40
C HIS F 213 6.91 0.39 36.21
N TRP F 214 7.05 1.67 35.87
CA TRP F 214 7.90 2.62 36.61
C TRP F 214 7.31 2.88 37.99
N TYR F 215 5.96 2.92 38.08
CA TYR F 215 5.29 3.10 39.37
C TYR F 215 5.67 1.95 40.31
N MET F 216 5.64 0.71 39.77
CA MET F 216 6.01 -0.50 40.52
C MET F 216 7.50 -0.53 40.84
N ALA F 217 8.35 -0.25 39.83
CA ALA F 217 9.82 -0.29 40.01
C ALA F 217 10.36 0.66 41.08
N ARG F 218 9.81 1.87 41.20
CA ARG F 218 10.30 2.80 42.23
C ARG F 218 10.18 2.19 43.64
N TYR F 219 9.10 1.46 43.90
CA TYR F 219 8.90 0.80 45.18
C TYR F 219 9.70 -0.49 45.31
N LEU F 220 9.60 -1.36 44.29
CA LEU F 220 10.23 -2.69 44.33
C LEU F 220 11.76 -2.68 44.21
N LEU F 221 12.35 -1.69 43.53
CA LEU F 221 13.81 -1.62 43.36
C LEU F 221 14.48 -0.52 44.20
N ALA F 222 13.75 0.05 45.19
CA ALA F 222 14.20 1.16 46.05
C ALA F 222 15.59 1.01 46.67
N ASN F 223 15.87 -0.15 47.31
CA ASN F 223 17.13 -0.38 47.98
C ASN F 223 17.45 -1.87 48.06
N ASN F 224 18.64 -2.27 47.55
CA ASN F 224 19.13 -3.65 47.52
C ASN F 224 18.00 -4.66 47.16
N PRO F 225 17.33 -4.52 45.98
CA PRO F 225 16.23 -5.42 45.65
C PRO F 225 16.65 -6.89 45.49
N PRO F 226 15.79 -7.87 45.83
CA PRO F 226 16.17 -9.27 45.59
C PRO F 226 16.17 -9.58 44.08
N PRO F 227 17.07 -10.46 43.57
CA PRO F 227 17.11 -10.76 42.13
C PRO F 227 15.76 -11.03 41.47
N VAL F 228 14.85 -11.73 42.18
CA VAL F 228 13.49 -12.07 41.70
C VAL F 228 12.66 -10.80 41.31
N LEU F 229 12.86 -9.66 42.02
CA LEU F 229 12.18 -8.39 41.73
C LEU F 229 12.91 -7.63 40.63
N SER F 230 14.26 -7.65 40.66
CA SER F 230 15.08 -7.00 39.63
C SER F 230 14.84 -7.63 38.25
N ALA F 231 14.60 -8.97 38.21
CA ALA F 231 14.32 -9.76 37.00
C ALA F 231 13.08 -9.29 36.23
N LEU F 232 12.11 -8.65 36.91
CA LEU F 232 10.89 -8.14 36.27
C LEU F 232 11.14 -6.95 35.34
N PHE F 233 12.28 -6.27 35.54
CA PHE F 233 12.60 -5.05 34.82
C PHE F 233 13.92 -5.07 34.05
N CYS F 234 14.83 -6.01 34.41
CA CYS F 234 16.20 -6.20 33.91
C CYS F 234 17.11 -5.07 34.40
N CYS F 253 27.88 4.22 18.61
CA CYS F 253 27.44 5.37 17.84
C CYS F 253 26.12 5.99 18.37
N VAL F 254 25.65 5.54 19.55
CA VAL F 254 24.44 6.01 20.23
C VAL F 254 24.84 6.77 21.51
N ALA F 255 24.63 8.10 21.50
CA ALA F 255 24.92 8.97 22.64
C ALA F 255 23.62 9.30 23.38
N TYR F 256 23.53 8.89 24.64
CA TYR F 256 22.40 9.15 25.54
C TYR F 256 23.00 9.58 26.88
N ASN F 257 22.21 10.23 27.74
CA ASN F 257 22.77 10.69 29.02
C ASN F 257 22.73 9.50 30.00
N PRO F 258 23.90 9.00 30.47
CA PRO F 258 23.86 7.86 31.43
C PRO F 258 23.21 8.20 32.76
N ALA F 259 23.15 9.51 33.10
CA ALA F 259 22.51 10.02 34.31
C ALA F 259 21.05 10.44 34.06
N GLY F 260 20.55 10.20 32.85
CA GLY F 260 19.17 10.50 32.47
C GLY F 260 18.23 9.57 33.22
N ILE F 261 17.38 10.13 34.10
CA ILE F 261 16.44 9.34 34.91
C ILE F 261 15.48 8.50 34.06
N MET F 262 14.88 9.10 33.02
CA MET F 262 13.92 8.41 32.16
C MET F 262 14.53 7.66 30.95
N GLY F 263 15.85 7.69 30.83
CA GLY F 263 16.51 7.07 29.70
C GLY F 263 17.14 5.73 29.95
N SER F 264 16.79 5.06 31.08
CA SER F 264 17.41 3.77 31.43
C SER F 264 17.18 2.64 30.39
N CYS F 265 16.18 2.76 29.47
CA CYS F 265 15.95 1.79 28.38
C CYS F 265 17.08 1.79 27.36
N TRP F 266 17.78 2.93 27.22
CA TRP F 266 18.91 3.09 26.29
C TRP F 266 20.10 2.18 26.61
N ALA F 267 20.28 1.77 27.88
CA ALA F 267 21.42 0.94 28.30
C ALA F 267 21.43 -0.45 27.63
N SER F 268 20.24 -0.99 27.33
CA SER F 268 20.02 -2.31 26.73
C SER F 268 20.53 -2.40 25.28
N GLU F 269 21.35 -3.43 25.00
CA GLU F 269 21.86 -3.74 23.67
C GLU F 269 20.66 -4.20 22.78
N GLU F 270 19.60 -4.73 23.40
CA GLU F 270 18.37 -5.17 22.72
C GLU F 270 17.50 -3.97 22.28
N VAL F 271 17.95 -2.74 22.61
CA VAL F 271 17.32 -1.48 22.23
C VAL F 271 18.21 -0.77 21.18
N ARG F 272 19.54 -0.64 21.46
CA ARG F 272 20.49 0.06 20.59
C ARG F 272 20.85 -0.68 19.30
N ALA F 273 21.09 -2.00 19.34
CA ALA F 273 21.41 -2.75 18.11
C ALA F 273 20.24 -2.67 17.10
N PRO F 274 18.94 -2.84 17.49
CA PRO F 274 17.85 -2.67 16.51
C PRO F 274 17.78 -1.26 15.90
N LEU F 275 18.08 -0.21 16.69
CA LEU F 275 18.06 1.18 16.18
C LEU F 275 19.06 1.34 15.02
N VAL F 276 20.30 0.88 15.23
CA VAL F 276 21.37 0.96 14.25
C VAL F 276 21.04 0.08 13.03
N TYR F 277 20.61 -1.18 13.27
CA TYR F 277 20.25 -2.10 12.19
C TYR F 277 19.08 -1.56 11.37
N TRP F 278 18.08 -0.95 12.03
CA TRP F 278 16.95 -0.31 11.34
C TRP F 278 17.48 0.80 10.43
N TRP F 279 18.39 1.66 10.94
CA TRP F 279 18.90 2.74 10.11
C TRP F 279 19.67 2.29 8.87
N LEU F 280 20.56 1.30 9.03
N LEU F 280 20.43 1.20 8.98
CA LEU F 280 21.42 0.81 7.95
CA LEU F 280 21.26 0.72 7.87
C LEU F 280 20.69 0.06 6.83
C LEU F 280 20.58 -0.34 6.95
N SER F 281 19.53 -0.56 7.14
N SER F 281 19.58 -1.09 7.43
CA SER F 281 18.73 -1.34 6.19
CA SER F 281 18.94 -2.15 6.62
C SER F 281 18.34 -0.54 4.94
C SER F 281 17.53 -1.87 6.11
N GLU F 282 18.46 -1.16 3.77
N GLU F 282 16.67 -1.18 6.90
CA GLU F 282 18.14 -0.56 2.47
CA GLU F 282 15.27 -0.88 6.52
C GLU F 282 16.62 -0.43 2.21
C GLU F 282 15.19 -0.10 5.20
N THR F 283 15.78 -1.03 3.08
N THR F 283 14.68 -0.78 4.14
CA THR F 283 14.31 -0.96 2.98
CA THR F 283 14.58 -0.24 2.77
C THR F 283 13.85 0.47 3.35
C THR F 283 13.64 1.01 2.77
N PRO F 284 12.97 1.14 2.54
N PRO F 284 12.29 0.90 2.90
CA PRO F 284 12.53 2.50 2.88
CA PRO F 284 11.46 2.12 2.92
C PRO F 284 11.97 2.64 4.29
C PRO F 284 11.19 2.57 4.37
N LYS F 285 12.22 3.79 4.91
N LYS F 285 11.94 3.57 4.85
CA LYS F 285 11.81 4.07 6.29
CA LYS F 285 11.79 4.08 6.21
C LYS F 285 10.44 4.69 6.41
C LYS F 285 10.45 4.75 6.43
N ARG F 286 9.74 4.32 7.47
CA ARG F 286 8.44 4.86 7.81
C ARG F 286 8.66 6.29 8.33
N GLN F 287 7.85 7.24 7.83
CA GLN F 287 7.91 8.65 8.23
CA GLN F 287 7.93 8.63 8.27
C GLN F 287 6.96 8.79 9.43
N THR F 288 7.44 9.38 10.55
CA THR F 288 6.60 9.56 11.74
C THR F 288 5.34 10.38 11.41
N SER F 289 5.46 11.34 10.47
CA SER F 289 4.31 12.18 10.09
C SER F 289 3.21 11.39 9.33
N SER F 290 3.49 10.13 8.93
CA SER F 290 2.57 9.23 8.24
C SER F 290 2.08 8.03 9.10
N LEU F 291 2.34 8.04 10.42
CA LEU F 291 1.93 6.94 11.32
C LEU F 291 0.43 6.68 11.37
N PHE F 292 -0.37 7.72 11.15
CA PHE F 292 -1.83 7.64 11.19
C PHE F 292 -2.40 7.73 9.80
N TYR F 293 -2.87 6.61 9.27
CA TYR F 293 -3.47 6.58 7.95
C TYR F 293 -4.59 7.60 7.86
N GLN F 294 -4.64 8.34 6.74
CA GLN F 294 -5.73 9.25 6.48
C GLN F 294 -6.21 9.11 5.05
N PHE F 295 -7.53 9.24 4.88
CA PHE F 295 -8.14 9.34 3.57
C PHE F 295 -9.19 10.44 3.61
N CYS F 296 -9.19 11.31 2.61
CA CYS F 296 -10.24 12.29 2.44
C CYS F 296 -10.60 12.30 0.95
N GLY F 297 -11.87 12.09 0.66
CA GLY F 297 -12.30 12.06 -0.73
C GLY F 297 -13.77 11.77 -0.94
N SER F 298 -14.14 11.64 -2.20
CA SER F 298 -15.53 11.41 -2.54
C SER F 298 -15.84 9.92 -2.54
N LEU F 299 -17.05 9.57 -2.10
CA LEU F 299 -17.55 8.21 -2.12
C LEU F 299 -18.84 8.22 -2.93
N GLU F 300 -18.92 7.44 -4.00
CA GLU F 300 -20.11 7.30 -4.82
C GLU F 300 -20.55 5.84 -4.75
N VAL F 301 -21.84 5.60 -4.46
CA VAL F 301 -22.39 4.26 -4.31
C VAL F 301 -23.53 4.10 -5.30
N LEU F 302 -23.44 3.10 -6.20
CA LEU F 302 -24.46 2.84 -7.22
C LEU F 302 -25.09 1.49 -6.96
N PHE F 303 -26.42 1.41 -6.85
CA PHE F 303 -27.09 0.12 -6.63
C PHE F 303 -28.50 0.11 -7.20
N GLN F 304 -29.04 -1.09 -7.44
CA GLN F 304 -30.41 -1.31 -7.90
C GLN F 304 -31.20 -2.02 -6.80
N SER G 11 -17.71 10.28 -12.56
CA SER G 11 -17.70 9.10 -13.40
C SER G 11 -18.81 8.07 -13.01
N ALA G 12 -19.25 8.01 -11.73
CA ALA G 12 -20.35 7.12 -11.33
C ALA G 12 -21.66 7.59 -11.95
N ALA G 13 -21.84 8.94 -12.07
CA ALA G 13 -23.01 9.53 -12.73
C ALA G 13 -23.04 9.11 -14.22
N THR G 14 -21.86 8.92 -14.86
CA THR G 14 -21.74 8.47 -16.24
C THR G 14 -22.22 7.02 -16.37
N ILE G 15 -21.83 6.14 -15.42
CA ILE G 15 -22.27 4.74 -15.39
C ILE G 15 -23.79 4.68 -15.24
N LEU G 16 -24.34 5.48 -14.33
CA LEU G 16 -25.78 5.55 -14.07
C LEU G 16 -26.51 5.97 -15.35
N LYS G 17 -26.03 7.04 -16.02
CA LYS G 17 -26.61 7.53 -17.28
C LYS G 17 -26.57 6.44 -18.36
N GLN G 18 -25.43 5.73 -18.51
CA GLN G 18 -25.26 4.66 -19.48
C GLN G 18 -26.17 3.48 -19.20
N ALA G 19 -26.29 3.08 -17.92
CA ALA G 19 -27.17 1.97 -17.54
C ALA G 19 -28.62 2.29 -17.91
N ILE G 20 -29.10 3.49 -17.56
CA ILE G 20 -30.48 3.93 -17.88
C ILE G 20 -30.70 4.07 -19.38
N ALA G 21 -29.80 4.79 -20.09
CA ALA G 21 -29.94 5.04 -21.52
C ALA G 21 -29.99 3.77 -22.38
N GLY G 22 -29.19 2.76 -22.02
CA GLY G 22 -29.14 1.50 -22.75
C GLY G 22 -30.03 0.43 -22.15
N ASP G 23 -30.71 0.74 -21.03
CA ASP G 23 -31.54 -0.17 -20.22
C ASP G 23 -30.72 -1.42 -19.86
N ARG G 24 -29.47 -1.20 -19.42
CA ARG G 24 -28.55 -2.27 -19.01
C ARG G 24 -28.46 -2.25 -17.49
N SER G 25 -28.52 -3.43 -16.87
CA SER G 25 -28.37 -3.51 -15.40
C SER G 25 -27.01 -2.92 -15.02
N LEU G 26 -26.80 -2.57 -13.74
CA LEU G 26 -25.48 -2.05 -13.34
C LEU G 26 -24.35 -3.05 -13.60
N VAL G 27 -24.65 -4.37 -13.47
CA VAL G 27 -23.69 -5.46 -13.74
C VAL G 27 -23.31 -5.42 -15.23
N GLU G 28 -24.30 -5.25 -16.12
CA GLU G 28 -24.07 -5.17 -17.56
C GLU G 28 -23.32 -3.89 -17.93
N ALA G 29 -23.68 -2.76 -17.29
CA ALA G 29 -23.01 -1.49 -17.57
C ALA G 29 -21.54 -1.57 -17.14
N ALA G 30 -21.25 -2.17 -15.97
CA ALA G 30 -19.88 -2.33 -15.47
C ALA G 30 -19.08 -3.28 -16.37
N GLU G 31 -19.73 -4.38 -16.82
CA GLU G 31 -19.08 -5.34 -17.71
C GLU G 31 -18.68 -4.69 -19.04
N ALA G 32 -19.51 -3.77 -19.60
CA ALA G 32 -19.18 -3.06 -20.86
C ALA G 32 -17.92 -2.20 -20.69
N ILE G 33 -17.77 -1.58 -19.51
CA ILE G 33 -16.59 -0.78 -19.19
C ILE G 33 -15.37 -1.70 -19.02
N SER G 34 -15.46 -2.75 -18.17
CA SER G 34 -14.32 -3.65 -17.97
C SER G 34 -13.89 -4.41 -19.24
N GLN G 35 -14.84 -4.67 -20.16
CA GLN G 35 -14.56 -5.34 -21.43
C GLN G 35 -13.64 -4.53 -22.35
N GLN G 36 -13.44 -3.24 -22.06
CA GLN G 36 -12.50 -2.41 -22.84
C GLN G 36 -11.04 -2.72 -22.49
N THR G 37 -10.79 -3.44 -21.37
CA THR G 37 -9.42 -3.79 -20.96
C THR G 37 -9.01 -5.14 -21.49
N LEU G 38 -7.72 -5.28 -21.82
CA LEU G 38 -7.20 -6.54 -22.32
C LEU G 38 -5.73 -6.54 -22.07
N LEU G 39 -5.13 -7.71 -22.19
CA LEU G 39 -3.70 -7.93 -22.09
C LEU G 39 -3.18 -8.13 -23.49
N ARG G 40 -1.98 -7.61 -23.75
CA ARG G 40 -1.31 -7.74 -25.04
C ARG G 40 0.15 -7.98 -24.79
N LEU G 41 0.92 -8.32 -25.85
CA LEU G 41 2.37 -8.50 -25.77
C LEU G 41 2.77 -9.66 -24.83
N ALA G 42 2.00 -10.74 -24.86
CA ALA G 42 2.24 -11.92 -24.06
C ALA G 42 3.53 -12.58 -24.53
N CYS G 43 4.43 -12.88 -23.59
CA CYS G 43 5.71 -13.51 -23.90
C CYS G 43 6.26 -14.20 -22.68
N GLU G 44 7.07 -15.24 -22.92
CA GLU G 44 7.72 -15.99 -21.85
C GLU G 44 9.02 -15.30 -21.52
N VAL G 45 9.30 -15.14 -20.22
CA VAL G 45 10.55 -14.51 -19.75
C VAL G 45 11.51 -15.57 -19.25
N ARG G 46 12.74 -15.56 -19.77
CA ARG G 46 13.82 -16.45 -19.33
C ARG G 46 15.03 -15.62 -19.05
N GLN G 47 15.68 -15.87 -17.90
CA GLN G 47 16.89 -15.19 -17.51
C GLN G 47 17.73 -16.11 -16.66
N VAL G 48 18.97 -16.35 -17.10
CA VAL G 48 19.94 -17.19 -16.39
C VAL G 48 20.74 -16.26 -15.47
N GLY G 49 20.42 -16.31 -14.18
CA GLY G 49 21.06 -15.49 -13.15
C GLY G 49 20.79 -14.02 -13.39
N ASP G 50 21.87 -13.23 -13.55
CA ASP G 50 21.78 -11.80 -13.84
C ASP G 50 22.23 -11.46 -15.27
N ARG G 51 22.27 -12.48 -16.15
CA ARG G 51 22.62 -12.33 -17.57
C ARG G 51 21.48 -11.64 -18.36
N GLN G 52 21.67 -11.43 -19.67
CA GLN G 52 20.70 -10.77 -20.55
C GLN G 52 19.35 -11.53 -20.59
N PRO G 53 18.20 -10.86 -20.32
CA PRO G 53 16.92 -11.58 -20.36
C PRO G 53 16.49 -11.91 -21.78
N ARG G 54 15.58 -12.89 -21.92
CA ARG G 54 15.05 -13.30 -23.22
C ARG G 54 13.54 -13.33 -23.13
N PHE G 55 12.87 -12.69 -24.11
CA PHE G 55 11.41 -12.57 -24.17
C PHE G 55 10.98 -13.30 -25.42
N THR G 56 10.25 -14.41 -25.26
CA THR G 56 9.85 -15.27 -26.37
C THR G 56 8.35 -15.37 -26.52
N ALA G 57 7.85 -15.01 -27.70
CA ALA G 57 6.42 -15.07 -28.00
C ALA G 57 6.15 -16.13 -29.09
N THR G 58 7.20 -16.84 -29.52
CA THR G 58 7.15 -17.84 -30.60
C THR G 58 7.15 -19.32 -30.18
N SER G 59 7.18 -19.60 -28.88
CA SER G 59 7.29 -20.97 -28.33
C SER G 59 6.22 -21.94 -28.81
N ILE G 60 4.99 -21.45 -29.06
CA ILE G 60 3.90 -22.30 -29.54
C ILE G 60 3.61 -22.07 -31.03
N ALA G 61 3.96 -23.06 -31.85
CA ALA G 61 3.76 -23.03 -33.31
C ALA G 61 2.35 -23.42 -33.70
N ARG G 62 1.72 -24.36 -32.96
CA ARG G 62 0.39 -24.85 -33.27
C ARG G 62 -0.39 -25.18 -32.01
N VAL G 63 -1.72 -25.02 -32.06
CA VAL G 63 -2.63 -25.34 -30.96
C VAL G 63 -3.70 -26.32 -31.47
N ASP G 64 -4.05 -27.32 -30.64
CA ASP G 64 -5.11 -28.30 -30.92
C ASP G 64 -5.86 -28.63 -29.62
N VAL G 65 -7.12 -29.06 -29.74
CA VAL G 65 -7.98 -29.41 -28.61
C VAL G 65 -8.15 -30.95 -28.53
N ALA G 66 -7.78 -31.52 -27.37
CA ALA G 66 -7.86 -32.97 -27.08
C ALA G 66 -9.34 -33.45 -26.93
N PRO G 67 -9.65 -34.79 -26.98
CA PRO G 67 -11.06 -35.22 -26.85
C PRO G 67 -11.80 -34.71 -25.60
N GLY G 68 -11.10 -34.65 -24.47
CA GLY G 68 -11.63 -34.15 -23.20
C GLY G 68 -11.47 -32.64 -23.02
N CYS G 69 -11.47 -31.90 -24.15
CA CYS G 69 -11.33 -30.44 -24.27
C CYS G 69 -10.14 -29.85 -23.45
N ARG G 70 -8.95 -30.46 -23.61
CA ARG G 70 -7.71 -30.00 -23.00
C ARG G 70 -6.80 -29.52 -24.14
N LEU G 71 -6.02 -28.48 -23.89
CA LEU G 71 -5.13 -27.92 -24.91
C LEU G 71 -3.86 -28.73 -25.14
N ARG G 72 -3.47 -28.90 -26.43
CA ARG G 72 -2.26 -29.61 -26.87
C ARG G 72 -1.46 -28.64 -27.74
N PHE G 73 -0.12 -28.66 -27.64
CA PHE G 73 0.72 -27.74 -28.38
C PHE G 73 1.79 -28.40 -29.21
N VAL G 74 2.10 -27.82 -30.38
CA VAL G 74 3.26 -28.21 -31.18
C VAL G 74 4.20 -27.06 -30.86
N LEU G 75 5.34 -27.36 -30.24
CA LEU G 75 6.28 -26.32 -29.88
C LEU G 75 7.16 -25.93 -31.05
N ASP G 76 7.75 -24.73 -31.01
CA ASP G 76 8.65 -24.22 -32.05
C ASP G 76 9.89 -25.09 -32.18
N GLY G 77 10.14 -25.55 -33.41
CA GLY G 77 11.27 -26.42 -33.73
C GLY G 77 10.96 -27.91 -33.69
N SER G 78 9.79 -28.29 -33.13
CA SER G 78 9.35 -29.68 -33.03
C SER G 78 8.68 -30.15 -34.34
N PRO G 79 8.66 -31.46 -34.68
CA PRO G 79 7.97 -31.90 -35.92
C PRO G 79 6.51 -31.47 -35.97
N GLU G 80 6.01 -31.14 -37.18
CA GLU G 80 4.68 -30.61 -37.51
C GLU G 80 3.51 -31.22 -36.70
N ASP G 81 3.52 -32.54 -36.49
CA ASP G 81 2.48 -33.27 -35.76
C ASP G 81 2.96 -33.88 -34.42
N ALA G 82 4.01 -33.29 -33.81
CA ALA G 82 4.52 -33.76 -32.53
C ALA G 82 4.00 -32.86 -31.40
N TYR G 83 2.82 -33.22 -30.90
CA TYR G 83 2.14 -32.50 -29.84
C TYR G 83 2.67 -32.85 -28.45
N VAL G 84 2.59 -31.88 -27.55
CA VAL G 84 2.90 -32.01 -26.13
C VAL G 84 1.61 -31.54 -25.42
N THR G 85 1.25 -32.17 -24.30
CA THR G 85 0.05 -31.74 -23.57
C THR G 85 0.37 -30.40 -22.90
N SER G 86 -0.65 -29.55 -22.69
CA SER G 86 -0.44 -28.28 -21.99
C SER G 86 0.13 -28.55 -20.57
N GLU G 87 -0.23 -29.71 -19.97
CA GLU G 87 0.25 -30.12 -18.65
C GLU G 87 1.75 -30.40 -18.68
N ASP G 88 2.23 -31.15 -19.69
CA ASP G 88 3.66 -31.47 -19.81
C ASP G 88 4.50 -30.20 -20.07
N TYR G 89 3.97 -29.24 -20.86
CA TYR G 89 4.65 -27.97 -21.13
C TYR G 89 4.66 -27.07 -19.87
N PHE G 90 3.59 -27.13 -19.06
CA PHE G 90 3.48 -26.42 -17.78
C PHE G 90 4.55 -26.95 -16.80
N LYS G 91 4.68 -28.28 -16.69
CA LYS G 91 5.68 -28.94 -15.80
C LYS G 91 7.13 -28.60 -16.24
N ARG G 92 7.39 -28.64 -17.56
CA ARG G 92 8.69 -28.32 -18.16
C ARG G 92 9.10 -26.87 -17.82
N CYS G 93 8.18 -25.91 -17.97
CA CYS G 93 8.44 -24.50 -17.67
C CYS G 93 8.68 -24.29 -16.17
N CYS G 94 7.85 -24.93 -15.31
CA CYS G 94 7.98 -24.85 -13.85
C CYS G 94 9.30 -25.41 -13.35
N GLY G 95 9.83 -26.40 -14.09
CA GLY G 95 11.10 -27.06 -13.79
C GLY G 95 12.33 -26.38 -14.34
N GLN G 96 12.16 -25.33 -15.20
CA GLN G 96 13.28 -24.57 -15.78
C GLN G 96 13.67 -23.45 -14.82
N SER G 97 14.92 -23.47 -14.30
CA SER G 97 15.40 -22.45 -13.35
C SER G 97 15.44 -21.04 -13.95
N SER G 98 15.65 -20.94 -15.27
CA SER G 98 15.69 -19.66 -15.97
C SER G 98 14.31 -19.06 -16.23
N TYR G 99 13.26 -19.90 -16.27
CA TYR G 99 11.88 -19.49 -16.51
C TYR G 99 11.34 -18.56 -15.39
N ARG G 100 10.83 -17.38 -15.77
CA ARG G 100 10.35 -16.38 -14.81
C ARG G 100 8.85 -16.11 -14.89
N GLY G 101 8.17 -16.72 -15.86
CA GLY G 101 6.75 -16.57 -16.09
C GLY G 101 6.47 -15.84 -17.38
N PHE G 102 5.28 -15.24 -17.51
CA PHE G 102 4.90 -14.47 -18.70
C PHE G 102 4.87 -12.97 -18.43
N ALA G 103 5.37 -12.17 -19.37
CA ALA G 103 5.23 -10.71 -19.26
C ALA G 103 4.03 -10.37 -20.12
N VAL G 104 3.19 -9.45 -19.64
CA VAL G 104 1.98 -8.98 -20.34
C VAL G 104 1.84 -7.49 -20.10
N ALA G 105 1.23 -6.76 -21.05
CA ALA G 105 0.97 -5.33 -20.87
C ALA G 105 -0.54 -5.15 -20.90
N VAL G 106 -1.07 -4.38 -19.95
CA VAL G 106 -2.50 -4.10 -19.83
C VAL G 106 -2.81 -2.83 -20.60
N LEU G 107 -3.89 -2.86 -21.43
CA LEU G 107 -4.27 -1.74 -22.27
C LEU G 107 -5.77 -1.61 -22.25
N THR G 108 -6.28 -0.53 -22.85
CA THR G 108 -7.68 -0.37 -23.21
C THR G 108 -7.71 -0.55 -24.73
N ALA G 109 -8.80 -1.04 -25.29
CA ALA G 109 -8.95 -1.34 -26.74
C ALA G 109 -8.62 -0.16 -27.67
N ASN G 110 -8.93 1.08 -27.24
CA ASN G 110 -8.66 2.29 -28.02
C ASN G 110 -7.16 2.61 -28.15
N GLU G 111 -6.30 1.99 -27.32
CA GLU G 111 -4.85 2.23 -27.33
C GLU G 111 -4.09 1.39 -28.36
N ASP G 112 -4.69 0.29 -28.85
CA ASP G 112 -3.99 -0.56 -29.82
C ASP G 112 -4.16 0.04 -31.23
N HIS G 113 -3.13 0.73 -31.72
CA HIS G 113 -3.19 1.40 -33.04
C HIS G 113 -2.52 0.59 -34.18
N VAL G 114 -2.57 -0.76 -34.08
CA VAL G 114 -2.14 -1.72 -35.12
C VAL G 114 -0.61 -1.81 -35.22
N HIS G 115 0.07 -0.80 -35.77
CA HIS G 115 1.53 -0.83 -35.91
C HIS G 115 2.21 -0.08 -34.76
N SER G 116 1.42 0.40 -33.80
CA SER G 116 1.92 1.12 -32.62
C SER G 116 0.87 1.06 -31.52
N LEU G 117 1.27 1.47 -30.30
CA LEU G 117 0.36 1.58 -29.16
C LEU G 117 0.29 3.06 -28.82
N ALA G 118 -0.91 3.60 -28.56
CA ALA G 118 -1.06 5.02 -28.24
C ALA G 118 -0.75 5.24 -26.76
N VAL G 119 0.38 4.68 -26.31
CA VAL G 119 0.83 4.75 -24.92
C VAL G 119 2.30 5.19 -24.98
N PRO G 120 2.67 6.39 -24.48
CA PRO G 120 4.10 6.79 -24.51
C PRO G 120 5.01 5.76 -23.84
N PRO G 121 6.27 5.56 -24.32
CA PRO G 121 7.14 4.50 -23.75
C PRO G 121 7.32 4.54 -22.23
N LEU G 122 7.41 5.74 -21.62
CA LEU G 122 7.57 5.85 -20.17
C LEU G 122 6.29 5.52 -19.40
N VAL G 123 5.13 5.61 -20.07
CA VAL G 123 3.83 5.22 -19.51
C VAL G 123 3.69 3.69 -19.67
N LEU G 124 4.11 3.15 -20.84
CA LEU G 124 4.05 1.71 -21.11
C LEU G 124 4.83 0.87 -20.09
N LEU G 125 5.92 1.45 -19.56
CA LEU G 125 6.79 0.87 -18.51
C LEU G 125 5.94 0.43 -17.31
N HIS G 126 4.89 1.22 -16.99
CA HIS G 126 3.99 0.99 -15.86
C HIS G 126 2.78 0.10 -16.18
N ARG G 127 2.68 -0.39 -17.45
CA ARG G 127 1.60 -1.28 -17.88
C ARG G 127 1.98 -2.75 -17.85
N PHE G 128 3.29 -3.06 -17.69
CA PHE G 128 3.72 -4.45 -17.67
C PHE G 128 3.55 -5.07 -16.31
N SER G 129 3.23 -6.37 -16.30
CA SER G 129 3.15 -7.17 -15.08
C SER G 129 3.67 -8.56 -15.41
N LEU G 130 4.12 -9.27 -14.37
CA LEU G 130 4.68 -10.60 -14.51
C LEU G 130 3.64 -11.61 -14.02
N PHE G 131 3.31 -12.59 -14.88
CA PHE G 131 2.32 -13.61 -14.57
C PHE G 131 2.96 -14.93 -14.25
N ASN G 132 2.64 -15.46 -13.06
CA ASN G 132 3.10 -16.79 -12.67
C ASN G 132 1.85 -17.63 -12.55
N PRO G 133 1.55 -18.43 -13.61
CA PRO G 133 0.32 -19.25 -13.59
C PRO G 133 0.17 -20.07 -12.31
N ARG G 134 -1.00 -19.94 -11.69
CA ARG G 134 -1.37 -20.56 -10.42
C ARG G 134 -1.78 -22.02 -10.60
N ASP G 135 -2.26 -22.38 -11.81
CA ASP G 135 -2.67 -23.73 -12.19
C ASP G 135 -2.59 -23.91 -13.73
N LEU G 136 -3.00 -25.08 -14.23
CA LEU G 136 -2.98 -25.39 -15.65
C LEU G 136 -3.82 -24.45 -16.51
N LEU G 137 -5.09 -24.18 -16.10
CA LEU G 137 -5.98 -23.29 -16.86
C LEU G 137 -5.36 -21.90 -17.08
N ASP G 138 -4.72 -21.33 -16.05
CA ASP G 138 -4.00 -20.05 -16.12
C ASP G 138 -2.89 -20.12 -17.17
N PHE G 139 -2.09 -21.21 -17.14
CA PHE G 139 -0.98 -21.42 -18.07
C PHE G 139 -1.50 -21.52 -19.51
N GLU G 140 -2.59 -22.29 -19.73
CA GLU G 140 -3.22 -22.49 -21.03
C GLU G 140 -3.70 -21.16 -21.63
N LEU G 141 -4.32 -20.31 -20.81
CA LEU G 141 -4.82 -18.99 -21.21
C LEU G 141 -3.69 -18.06 -21.67
N ALA G 142 -2.57 -18.05 -20.93
CA ALA G 142 -1.41 -17.22 -21.29
C ALA G 142 -0.78 -17.76 -22.59
N CYS G 143 -0.70 -19.11 -22.71
CA CYS G 143 -0.16 -19.79 -23.88
C CYS G 143 -1.02 -19.49 -25.12
N LEU G 144 -2.35 -19.53 -24.97
CA LEU G 144 -3.30 -19.27 -26.06
C LEU G 144 -3.25 -17.82 -26.50
N LEU G 145 -3.17 -16.85 -25.57
CA LEU G 145 -3.07 -15.44 -25.91
C LEU G 145 -1.81 -15.19 -26.74
N MET G 146 -0.68 -15.71 -26.30
CA MET G 146 0.60 -15.55 -26.98
C MET G 146 0.55 -16.21 -28.36
N TYR G 147 -0.08 -17.39 -28.45
CA TYR G 147 -0.21 -18.11 -29.72
C TYR G 147 -1.02 -17.26 -30.73
N LEU G 148 -2.20 -16.79 -30.31
CA LEU G 148 -3.11 -16.00 -31.16
C LEU G 148 -2.47 -14.70 -31.65
N GLU G 149 -1.65 -14.05 -30.81
CA GLU G 149 -1.00 -12.78 -31.19
C GLU G 149 0.08 -13.02 -32.22
N ASN G 150 0.67 -14.22 -32.22
CA ASN G 150 1.78 -14.56 -33.13
C ASN G 150 1.41 -15.51 -34.25
N CYS G 151 0.13 -15.89 -34.33
CA CYS G 151 -0.42 -16.81 -35.34
C CYS G 151 -0.25 -16.27 -36.77
N PRO G 152 0.45 -17.02 -37.67
CA PRO G 152 0.59 -16.55 -39.06
C PRO G 152 -0.65 -16.90 -39.90
N ARG G 153 -0.71 -16.39 -41.15
CA ARG G 153 -1.80 -16.65 -42.12
C ARG G 153 -2.12 -18.14 -42.31
N SER G 154 -1.09 -19.00 -42.39
CA SER G 154 -1.22 -20.44 -42.60
C SER G 154 -2.07 -21.16 -41.55
N HIS G 155 -2.02 -20.69 -40.29
CA HIS G 155 -2.79 -21.32 -39.21
C HIS G 155 -4.07 -20.56 -38.85
N ALA G 156 -4.29 -19.37 -39.45
CA ALA G 156 -5.49 -18.55 -39.22
C ALA G 156 -6.59 -19.08 -40.16
N THR G 157 -7.11 -20.26 -39.82
CA THR G 157 -8.09 -20.99 -40.64
C THR G 157 -9.42 -21.20 -39.89
N PRO G 158 -10.55 -21.43 -40.63
CA PRO G 158 -11.83 -21.71 -39.96
C PRO G 158 -11.77 -22.83 -38.91
N SER G 159 -11.03 -23.92 -39.21
CA SER G 159 -10.84 -25.06 -38.31
C SER G 159 -10.21 -24.62 -36.97
N THR G 160 -9.10 -23.87 -37.04
CA THR G 160 -8.41 -23.31 -35.86
C THR G 160 -9.38 -22.40 -35.08
N PHE G 161 -10.10 -21.51 -35.79
CA PHE G 161 -11.05 -20.57 -35.18
C PHE G 161 -12.15 -21.30 -34.39
N ALA G 162 -12.74 -22.37 -34.99
CA ALA G 162 -13.78 -23.19 -34.37
C ALA G 162 -13.28 -23.88 -33.08
N LYS G 163 -12.06 -24.48 -33.13
CA LYS G 163 -11.45 -25.19 -32.00
C LYS G 163 -11.14 -24.24 -30.85
N VAL G 164 -10.58 -23.06 -31.17
CA VAL G 164 -10.25 -22.03 -30.18
C VAL G 164 -11.52 -21.52 -29.50
N LEU G 165 -12.59 -21.20 -30.28
CA LEU G 165 -13.86 -20.72 -29.71
C LEU G 165 -14.51 -21.76 -28.79
N ALA G 166 -14.53 -23.03 -29.23
CA ALA G 166 -15.08 -24.14 -28.45
C ALA G 166 -14.34 -24.28 -27.11
N TRP G 167 -13.00 -24.22 -27.14
CA TRP G 167 -12.19 -24.30 -25.91
C TRP G 167 -12.46 -23.11 -25.00
N LEU G 168 -12.54 -21.87 -25.56
CA LEU G 168 -12.83 -20.66 -24.81
C LEU G 168 -14.23 -20.72 -24.16
N GLY G 169 -15.16 -21.38 -24.84
CA GLY G 169 -16.51 -21.59 -24.35
C GLY G 169 -16.53 -22.46 -23.11
N VAL G 170 -15.75 -23.56 -23.14
CA VAL G 170 -15.62 -24.50 -22.03
C VAL G 170 -14.87 -23.83 -20.87
N ALA G 171 -13.79 -23.08 -21.17
CA ALA G 171 -13.02 -22.34 -20.16
C ALA G 171 -13.88 -21.25 -19.51
N GLY G 172 -14.71 -20.57 -20.32
CA GLY G 172 -15.63 -19.53 -19.86
C GLY G 172 -16.67 -20.01 -18.88
N ARG G 173 -17.27 -21.21 -19.15
CA ARG G 173 -18.28 -21.84 -18.29
C ARG G 173 -17.71 -22.28 -16.93
N ARG G 174 -16.41 -22.61 -16.88
CA ARG G 174 -15.67 -22.99 -15.68
C ARG G 174 -15.29 -21.75 -14.83
N THR G 175 -15.32 -20.56 -15.43
CA THR G 175 -14.90 -19.30 -14.82
C THR G 175 -16.06 -18.43 -14.31
N SER G 176 -15.89 -17.85 -13.10
CA SER G 176 -16.83 -16.94 -12.45
C SER G 176 -16.41 -15.47 -12.72
N PRO G 177 -17.33 -14.48 -12.83
CA PRO G 177 -16.90 -13.09 -13.07
C PRO G 177 -16.05 -12.48 -11.94
N PHE G 178 -16.00 -13.14 -10.77
CA PHE G 178 -15.20 -12.72 -9.63
C PHE G 178 -13.75 -13.22 -9.74
N GLU G 179 -13.49 -14.14 -10.71
CA GLU G 179 -12.14 -14.60 -11.05
C GLU G 179 -11.66 -13.62 -12.12
N ARG G 180 -11.31 -12.41 -11.64
CA ARG G 180 -10.99 -11.24 -12.44
C ARG G 180 -9.86 -11.43 -13.42
N VAL G 181 -8.78 -12.11 -12.99
CA VAL G 181 -7.61 -12.34 -13.82
C VAL G 181 -7.92 -13.35 -14.94
N ARG G 182 -8.61 -14.48 -14.63
CA ARG G 182 -8.99 -15.47 -15.65
C ARG G 182 -9.88 -14.82 -16.72
N CYS G 183 -10.86 -14.01 -16.28
CA CYS G 183 -11.77 -13.26 -17.14
C CYS G 183 -10.98 -12.32 -18.06
N LEU G 184 -9.95 -11.63 -17.51
CA LEU G 184 -9.12 -10.71 -18.27
C LEU G 184 -8.40 -11.47 -19.39
N PHE G 185 -7.78 -12.63 -19.08
CA PHE G 185 -7.10 -13.44 -20.10
C PHE G 185 -8.10 -13.98 -21.15
N LEU G 186 -9.29 -14.41 -20.71
CA LEU G 186 -10.34 -14.93 -21.60
C LEU G 186 -10.80 -13.87 -22.60
N ARG G 187 -11.15 -12.64 -22.13
CA ARG G 187 -11.60 -11.60 -23.06
C ARG G 187 -10.46 -11.14 -23.96
N SER G 188 -9.20 -11.17 -23.48
CA SER G 188 -8.03 -10.82 -24.30
C SER G 188 -7.95 -11.82 -25.47
N CYS G 189 -8.22 -13.12 -25.22
CA CYS G 189 -8.23 -14.14 -26.28
C CYS G 189 -9.35 -13.84 -27.27
N HIS G 190 -10.56 -13.43 -26.79
CA HIS G 190 -11.67 -13.10 -27.68
C HIS G 190 -11.36 -11.89 -28.58
N TRP G 191 -10.70 -10.83 -28.04
CA TRP G 191 -10.30 -9.65 -28.81
C TRP G 191 -9.32 -10.07 -29.91
N VAL G 192 -8.27 -10.81 -29.53
CA VAL G 192 -7.23 -11.20 -30.49
C VAL G 192 -7.78 -12.16 -31.54
N LEU G 193 -8.61 -13.14 -31.12
CA LEU G 193 -9.21 -14.12 -32.02
C LEU G 193 -10.13 -13.46 -33.08
N ASN G 194 -11.09 -12.63 -32.63
CA ASN G 194 -12.04 -11.99 -33.55
C ASN G 194 -11.37 -11.01 -34.47
N THR G 195 -10.34 -10.28 -33.99
CA THR G 195 -9.59 -9.35 -34.84
C THR G 195 -8.81 -10.13 -35.89
N LEU G 196 -8.20 -11.27 -35.49
CA LEU G 196 -7.46 -12.16 -36.41
C LEU G 196 -8.35 -12.66 -37.56
N MET G 197 -9.57 -13.10 -37.23
CA MET G 197 -10.54 -13.59 -38.23
C MET G 197 -10.88 -12.45 -39.20
N PHE G 198 -11.15 -11.24 -38.66
CA PHE G 198 -11.44 -10.06 -39.47
C PHE G 198 -10.29 -9.74 -40.42
N MET G 199 -9.04 -9.78 -39.92
CA MET G 199 -7.85 -9.47 -40.72
C MET G 199 -7.60 -10.45 -41.85
N VAL G 200 -8.09 -11.70 -41.72
CA VAL G 200 -7.96 -12.71 -42.80
C VAL G 200 -9.26 -12.77 -43.64
N HIS G 201 -10.12 -11.73 -43.52
CA HIS G 201 -11.36 -11.57 -44.31
C HIS G 201 -12.36 -12.70 -44.06
N VAL G 202 -12.39 -13.19 -42.81
CA VAL G 202 -13.33 -14.22 -42.36
C VAL G 202 -14.27 -13.52 -41.39
N LYS G 203 -15.59 -13.78 -41.48
CA LYS G 203 -16.58 -13.17 -40.58
C LYS G 203 -16.25 -13.52 -39.12
N PRO G 204 -15.98 -12.51 -38.27
CA PRO G 204 -15.71 -12.81 -36.85
C PRO G 204 -16.92 -13.42 -36.16
N PHE G 205 -16.68 -14.21 -35.11
CA PHE G 205 -17.76 -14.80 -34.30
C PHE G 205 -18.54 -13.68 -33.62
N ASP G 206 -17.83 -12.60 -33.20
CA ASP G 206 -18.40 -11.44 -32.55
C ASP G 206 -17.66 -10.18 -33.04
N ASP G 207 -18.31 -9.39 -33.92
CA ASP G 207 -17.67 -8.19 -34.47
C ASP G 207 -17.47 -7.08 -33.41
N GLU G 208 -18.09 -7.21 -32.22
CA GLU G 208 -17.86 -6.29 -31.10
C GLU G 208 -16.48 -6.54 -30.49
N PHE G 209 -15.89 -7.72 -30.78
CA PHE G 209 -14.55 -8.09 -30.32
C PHE G 209 -13.44 -7.91 -31.38
N VAL G 210 -13.73 -7.13 -32.43
CA VAL G 210 -12.69 -6.74 -33.39
C VAL G 210 -12.12 -5.42 -32.81
N LEU G 211 -10.81 -5.36 -32.57
CA LEU G 211 -10.14 -4.16 -32.04
C LEU G 211 -10.49 -2.96 -32.93
N PRO G 212 -11.01 -1.84 -32.35
CA PRO G 212 -11.59 -0.78 -33.18
C PRO G 212 -10.67 -0.11 -34.20
N HIS G 213 -9.38 0.10 -33.88
CA HIS G 213 -8.45 0.69 -34.87
C HIS G 213 -8.08 -0.32 -35.95
N TRP G 214 -8.08 -1.63 -35.62
CA TRP G 214 -7.79 -2.71 -36.60
C TRP G 214 -8.91 -2.77 -37.63
N TYR G 215 -10.17 -2.52 -37.19
CA TYR G 215 -11.30 -2.52 -38.11
C TYR G 215 -11.09 -1.42 -39.16
N MET G 216 -10.65 -0.23 -38.73
CA MET G 216 -10.36 0.90 -39.59
C MET G 216 -9.15 0.63 -40.47
N ALA G 217 -8.04 0.15 -39.87
CA ALA G 217 -6.79 -0.09 -40.61
C ALA G 217 -6.91 -1.10 -41.76
N ARG G 218 -7.70 -2.18 -41.60
CA ARG G 218 -7.84 -3.14 -42.70
C ARG G 218 -8.36 -2.46 -43.97
N TYR G 219 -9.29 -1.52 -43.82
CA TYR G 219 -9.84 -0.79 -44.97
C TYR G 219 -8.92 0.33 -45.43
N LEU G 220 -8.44 1.17 -44.49
CA LEU G 220 -7.64 2.35 -44.82
C LEU G 220 -6.22 2.04 -45.32
N LEU G 221 -5.61 0.92 -44.89
CA LEU G 221 -4.25 0.57 -45.32
C LEU G 221 -4.19 -0.60 -46.33
N ALA G 222 -5.35 -0.96 -46.93
CA ALA G 222 -5.50 -2.11 -47.84
C ALA G 222 -4.47 -2.20 -48.98
N ASN G 223 -4.25 -1.09 -49.71
CA ASN G 223 -3.33 -1.08 -50.85
C ASN G 223 -2.79 0.32 -51.08
N ASN G 224 -1.45 0.46 -51.11
CA ASN G 224 -0.72 1.72 -51.33
C ASN G 224 -1.39 2.91 -50.58
N PRO G 225 -1.55 2.84 -49.24
CA PRO G 225 -2.24 3.93 -48.52
C PRO G 225 -1.51 5.27 -48.59
N PRO G 226 -2.22 6.42 -48.60
CA PRO G 226 -1.50 7.71 -48.58
C PRO G 226 -0.84 7.93 -47.21
N PRO G 227 0.34 8.61 -47.15
CA PRO G 227 1.02 8.82 -45.85
C PRO G 227 0.13 9.31 -44.71
N VAL G 228 -0.83 10.21 -45.01
CA VAL G 228 -1.77 10.80 -44.05
C VAL G 228 -2.63 9.71 -43.31
N LEU G 229 -2.96 8.60 -44.01
CA LEU G 229 -3.71 7.51 -43.41
C LEU G 229 -2.79 6.57 -42.66
N SER G 230 -1.60 6.26 -43.23
CA SER G 230 -0.58 5.43 -42.60
C SER G 230 -0.12 6.03 -41.25
N ALA G 231 -0.05 7.37 -41.17
CA ALA G 231 0.34 8.16 -39.98
C ALA G 231 -0.56 7.90 -38.77
N LEU G 232 -1.83 7.49 -39.00
CA LEU G 232 -2.80 7.21 -37.91
C LEU G 232 -2.43 5.95 -37.12
N PHE G 233 -1.62 5.08 -37.73
CA PHE G 233 -1.30 3.77 -37.16
C PHE G 233 0.19 3.51 -36.95
N CYS G 234 1.06 4.25 -37.67
CA CYS G 234 2.52 4.12 -37.77
C CYS G 234 2.90 2.88 -38.55
N CYS G 253 16.91 -9.52 -28.11
CA CYS G 253 16.47 -10.39 -27.02
C CYS G 253 14.93 -10.63 -27.00
N VAL G 254 14.17 -9.90 -27.85
CA VAL G 254 12.72 -10.06 -27.97
C VAL G 254 12.37 -10.87 -29.25
N ALA G 255 11.94 -12.14 -29.07
CA ALA G 255 11.56 -13.01 -30.19
C ALA G 255 10.03 -13.05 -30.37
N TYR G 256 9.54 -12.55 -31.51
CA TYR G 256 8.13 -12.53 -31.87
C TYR G 256 8.05 -13.03 -33.31
N ASN G 257 6.87 -13.49 -33.76
CA ASN G 257 6.75 -14.00 -35.11
C ASN G 257 6.57 -12.80 -36.06
N PRO G 258 7.54 -12.51 -36.97
CA PRO G 258 7.35 -11.37 -37.89
C PRO G 258 6.16 -11.54 -38.85
N ALA G 259 5.73 -12.80 -39.07
CA ALA G 259 4.57 -13.14 -39.91
C ALA G 259 3.28 -13.25 -39.08
N GLY G 260 3.36 -12.96 -37.77
CA GLY G 260 2.21 -12.97 -36.87
C GLY G 260 1.27 -11.83 -37.23
N ILE G 261 0.06 -12.17 -37.67
CA ILE G 261 -0.94 -11.16 -38.10
C ILE G 261 -1.29 -10.16 -36.98
N MET G 262 -1.52 -10.66 -35.75
CA MET G 262 -1.90 -9.80 -34.61
C MET G 262 -0.72 -9.26 -33.79
N GLY G 263 0.50 -9.59 -34.20
CA GLY G 263 1.68 -9.16 -33.47
C GLY G 263 2.40 -7.94 -34.01
N SER G 264 1.78 -7.15 -34.91
CA SER G 264 2.48 -5.99 -35.51
C SER G 264 2.91 -4.91 -34.49
N CYS G 265 2.31 -4.84 -33.28
CA CYS G 265 2.75 -3.87 -32.24
C CYS G 265 4.16 -4.16 -31.74
N TRP G 266 4.62 -5.42 -31.87
CA TRP G 266 5.94 -5.84 -31.46
C TRP G 266 7.07 -5.17 -32.26
N ALA G 267 6.81 -4.76 -33.52
CA ALA G 267 7.82 -4.16 -34.39
C ALA G 267 8.39 -2.83 -33.85
N SER G 268 7.56 -2.06 -33.14
CA SER G 268 7.89 -0.76 -32.55
C SER G 268 8.93 -0.82 -31.44
N GLU G 269 9.97 0.02 -31.56
CA GLU G 269 11.02 0.18 -30.56
C GLU G 269 10.42 0.83 -29.29
N GLU G 270 9.33 1.60 -29.46
CA GLU G 270 8.60 2.25 -28.36
C GLU G 270 7.75 1.26 -27.56
N VAL G 271 7.75 -0.03 -27.97
CA VAL G 271 7.09 -1.15 -27.32
C VAL G 271 8.16 -2.05 -26.68
N ARG G 272 9.21 -2.44 -27.46
CA ARG G 272 10.25 -3.37 -26.99
C ARG G 272 11.25 -2.76 -26.00
N ALA G 273 11.72 -1.51 -26.20
CA ALA G 273 12.65 -0.90 -25.23
C ALA G 273 12.00 -0.76 -23.84
N PRO G 274 10.73 -0.30 -23.69
CA PRO G 274 10.11 -0.28 -22.35
C PRO G 274 10.00 -1.68 -21.70
N LEU G 275 9.73 -2.75 -22.49
CA LEU G 275 9.64 -4.12 -21.94
C LEU G 275 10.95 -4.52 -21.28
N VAL G 276 12.06 -4.33 -21.99
CA VAL G 276 13.40 -4.67 -21.52
C VAL G 276 13.77 -3.79 -20.30
N TYR G 277 13.55 -2.47 -20.42
CA TYR G 277 13.85 -1.52 -19.32
C TYR G 277 13.02 -1.85 -18.08
N TRP G 278 11.74 -2.23 -18.26
CA TRP G 278 10.87 -2.63 -17.14
C TRP G 278 11.46 -3.85 -16.46
N TRP G 279 11.92 -4.83 -17.27
CA TRP G 279 12.47 -6.04 -16.70
C TRP G 279 13.76 -5.81 -15.89
N LEU G 280 14.69 -5.02 -16.45
N LEU G 280 14.58 -4.82 -16.31
CA LEU G 280 16.00 -4.76 -15.86
CA LEU G 280 15.85 -4.50 -15.65
C LEU G 280 15.98 -3.87 -14.62
C LEU G 280 15.82 -3.34 -14.64
N SER G 281 14.88 -3.10 -14.41
N SER G 281 14.75 -2.51 -14.60
CA SER G 281 14.74 -2.22 -13.25
CA SER G 281 14.66 -1.36 -13.68
C SER G 281 14.70 -2.99 -11.93
C SER G 281 13.59 -1.45 -12.60
N GLU G 282 15.28 -2.40 -10.88
N GLU G 282 12.41 -2.02 -12.95
CA GLU G 282 15.37 -2.98 -9.53
CA GLU G 282 11.31 -2.19 -12.00
C GLU G 282 14.07 -2.84 -8.72
C GLU G 282 11.66 -3.34 -11.05
N THR G 283 13.09 -2.05 -9.20
N THR G 283 12.30 -3.02 -9.92
CA THR G 283 11.78 -1.85 -8.57
CA THR G 283 12.71 -3.98 -8.89
C THR G 283 10.99 -3.19 -8.62
C THR G 283 11.45 -4.63 -8.30
N PRO G 284 10.43 -3.71 -7.49
N PRO G 284 10.45 -3.89 -7.76
CA PRO G 284 9.69 -4.99 -7.55
CA PRO G 284 9.22 -4.56 -7.30
C PRO G 284 8.54 -4.97 -8.56
C PRO G 284 8.26 -4.73 -8.48
N LYS G 285 8.42 -6.05 -9.34
N LYS G 285 8.27 -5.91 -9.11
CA LYS G 285 7.41 -6.16 -10.39
CA LYS G 285 7.42 -6.17 -10.27
C LYS G 285 6.01 -6.46 -9.91
C LYS G 285 5.99 -6.47 -9.87
N ARG G 286 5.03 -5.84 -10.56
CA ARG G 286 3.61 -6.06 -10.31
C ARG G 286 3.30 -7.47 -10.82
N GLN G 287 2.57 -8.24 -10.00
CA GLN G 287 2.15 -9.61 -10.30
CA GLN G 287 2.18 -9.61 -10.34
C GLN G 287 0.85 -9.53 -11.06
N THR G 288 0.74 -10.19 -12.23
CA THR G 288 -0.53 -10.13 -12.98
C THR G 288 -1.70 -10.65 -12.13
N SER G 289 -1.45 -11.67 -11.30
CA SER G 289 -2.49 -12.28 -10.46
C SER G 289 -3.02 -11.31 -9.38
N SER G 290 -2.34 -10.16 -9.18
CA SER G 290 -2.69 -9.13 -8.21
C SER G 290 -3.24 -7.82 -8.83
N LEU G 291 -3.53 -7.81 -10.16
CA LEU G 291 -4.04 -6.61 -10.86
C LEU G 291 -5.33 -6.05 -10.30
N PHE G 292 -6.17 -6.92 -9.73
CA PHE G 292 -7.48 -6.55 -9.19
C PHE G 292 -7.48 -6.61 -7.68
N TYR G 293 -7.46 -5.44 -7.05
CA TYR G 293 -7.49 -5.34 -5.61
C TYR G 293 -8.70 -6.12 -5.06
N GLN G 294 -8.46 -6.89 -4.00
CA GLN G 294 -9.52 -7.57 -3.29
C GLN G 294 -9.37 -7.42 -1.79
N PHE G 295 -10.51 -7.29 -1.10
CA PHE G 295 -10.58 -7.34 0.34
C PHE G 295 -11.76 -8.22 0.74
N CYS G 296 -11.55 -9.10 1.70
CA CYS G 296 -12.63 -9.87 2.30
C CYS G 296 -12.37 -9.90 3.82
N GLY G 297 -13.35 -9.46 4.58
CA GLY G 297 -13.20 -9.42 6.02
C GLY G 297 -14.37 -8.83 6.79
N SER G 298 -14.18 -8.64 8.07
CA SER G 298 -15.26 -8.14 8.91
C SER G 298 -15.22 -6.64 8.97
N LEU G 299 -16.41 -6.03 9.04
CA LEU G 299 -16.57 -4.60 9.18
C LEU G 299 -17.42 -4.37 10.42
N GLU G 300 -16.90 -3.62 11.41
CA GLU G 300 -17.64 -3.31 12.62
C GLU G 300 -17.76 -1.79 12.68
N VAL G 301 -18.99 -1.30 12.92
CA VAL G 301 -19.30 0.13 12.96
C VAL G 301 -19.89 0.46 14.32
N LEU G 302 -19.27 1.38 15.06
CA LEU G 302 -19.71 1.80 16.38
C LEU G 302 -20.09 3.26 16.34
N PHE G 303 -21.31 3.62 16.79
CA PHE G 303 -21.75 5.02 16.78
C PHE G 303 -22.80 5.29 17.83
N GLN G 304 -22.93 6.58 18.22
CA GLN G 304 -23.93 7.06 19.17
C GLN G 304 -24.93 7.94 18.42
N SER H 11 -18.69 -14.15 -4.95
CA SER H 11 -18.27 -15.01 -3.85
C SER H 11 -19.05 -14.76 -2.55
N ALA H 12 -19.59 -13.54 -2.31
CA ALA H 12 -20.41 -13.27 -1.11
C ALA H 12 -21.73 -14.01 -1.20
N ALA H 13 -22.29 -14.16 -2.43
CA ALA H 13 -23.51 -14.94 -2.67
C ALA H 13 -23.25 -16.44 -2.31
N THR H 14 -22.00 -16.92 -2.51
CA THR H 14 -21.62 -18.29 -2.16
C THR H 14 -21.64 -18.48 -0.64
N ILE H 15 -21.11 -17.49 0.11
CA ILE H 15 -21.10 -17.54 1.58
C ILE H 15 -22.54 -17.56 2.09
N LEU H 16 -23.40 -16.69 1.53
CA LEU H 16 -24.81 -16.58 1.90
C LEU H 16 -25.50 -17.94 1.67
N LYS H 17 -25.30 -18.55 0.49
CA LYS H 17 -25.88 -19.85 0.13
C LYS H 17 -25.40 -20.94 1.11
N GLN H 18 -24.10 -20.96 1.44
CA GLN H 18 -23.52 -21.92 2.37
C GLN H 18 -24.05 -21.74 3.79
N ALA H 19 -24.18 -20.49 4.27
CA ALA H 19 -24.72 -20.21 5.59
C ALA H 19 -26.16 -20.74 5.70
N ILE H 20 -27.01 -20.42 4.71
CA ILE H 20 -28.41 -20.89 4.70
C ILE H 20 -28.50 -22.42 4.56
N ALA H 21 -27.80 -23.00 3.59
CA ALA H 21 -27.84 -24.45 3.33
C ALA H 21 -27.42 -25.31 4.54
N GLY H 22 -26.41 -24.86 5.29
CA GLY H 22 -25.90 -25.59 6.44
C GLY H 22 -26.50 -25.12 7.74
N ASP H 23 -27.34 -24.07 7.69
CA ASP H 23 -27.94 -23.36 8.84
C ASP H 23 -26.82 -22.92 9.80
N ARG H 24 -25.75 -22.34 9.22
CA ARG H 24 -24.61 -21.86 10.00
C ARG H 24 -24.67 -20.34 10.03
N SER H 25 -24.40 -19.73 11.18
CA SER H 25 -24.38 -18.25 11.27
C SER H 25 -23.31 -17.72 10.30
N LEU H 26 -23.34 -16.41 9.97
CA LEU H 26 -22.30 -15.87 9.08
C LEU H 26 -20.89 -16.02 9.69
N VAL H 27 -20.79 -15.94 11.03
CA VAL H 27 -19.52 -16.11 11.76
C VAL H 27 -19.03 -17.56 11.57
N GLU H 28 -19.94 -18.54 11.69
CA GLU H 28 -19.59 -19.95 11.48
C GLU H 28 -19.24 -20.23 10.03
N ALA H 29 -19.99 -19.62 9.08
CA ALA H 29 -19.70 -19.82 7.66
C ALA H 29 -18.31 -19.25 7.32
N ALA H 30 -17.98 -18.06 7.86
CA ALA H 30 -16.67 -17.43 7.62
C ALA H 30 -15.54 -18.25 8.26
N GLU H 31 -15.79 -18.79 9.47
CA GLU H 31 -14.80 -19.62 10.17
C GLU H 31 -14.47 -20.89 9.37
N ALA H 32 -15.49 -21.51 8.72
CA ALA H 32 -15.26 -22.72 7.90
C ALA H 32 -14.34 -22.40 6.71
N ILE H 33 -14.49 -21.20 6.14
CA ILE H 33 -13.65 -20.74 5.04
C ILE H 33 -12.23 -20.48 5.53
N SER H 34 -12.07 -19.65 6.60
CA SER H 34 -10.74 -19.35 7.14
C SER H 34 -9.99 -20.59 7.67
N GLN H 35 -10.73 -21.60 8.17
CA GLN H 35 -10.13 -22.85 8.67
C GLN H 35 -9.42 -23.66 7.60
N GLN H 36 -9.65 -23.34 6.30
CA GLN H 36 -8.95 -24.00 5.19
C GLN H 36 -7.50 -23.50 5.06
N THR H 37 -7.14 -22.38 5.74
CA THR H 37 -5.79 -21.83 5.66
C THR H 37 -4.92 -22.33 6.80
N LEU H 38 -3.63 -22.50 6.53
CA LEU H 38 -2.69 -22.98 7.53
C LEU H 38 -1.32 -22.56 7.09
N LEU H 39 -0.38 -22.64 8.02
CA LEU H 39 1.03 -22.39 7.79
C LEU H 39 1.74 -23.72 7.74
N ARG H 40 2.72 -23.83 6.85
CA ARG H 40 3.52 -25.05 6.71
C ARG H 40 4.95 -24.63 6.49
N LEU H 41 5.89 -25.61 6.50
CA LEU H 41 7.32 -25.37 6.23
C LEU H 41 7.96 -24.42 7.26
N ALA H 42 7.56 -24.56 8.52
CA ALA H 42 8.08 -23.75 9.61
C ALA H 42 9.55 -24.09 9.83
N CYS H 43 10.39 -23.05 9.87
CA CYS H 43 11.82 -23.24 10.07
C CYS H 43 12.45 -21.97 10.63
N GLU H 44 13.55 -22.12 11.38
CA GLU H 44 14.28 -20.98 11.91
C GLU H 44 15.26 -20.49 10.84
N VAL H 45 15.36 -19.18 10.67
CA VAL H 45 16.28 -18.57 9.71
C VAL H 45 17.46 -17.98 10.46
N ARG H 46 18.68 -18.35 10.02
CA ARG H 46 19.93 -17.82 10.55
C ARG H 46 20.81 -17.34 9.41
N GLN H 47 21.39 -16.15 9.57
CA GLN H 47 22.28 -15.59 8.57
C GLN H 47 23.27 -14.66 9.22
N VAL H 48 24.57 -14.92 8.99
CA VAL H 48 25.69 -14.11 9.51
C VAL H 48 26.02 -13.09 8.42
N GLY H 49 25.59 -11.84 8.63
CA GLY H 49 25.77 -10.75 7.68
C GLY H 49 25.08 -11.02 6.36
N ASP H 50 25.86 -11.03 5.26
CA ASP H 50 25.36 -11.32 3.93
C ASP H 50 25.86 -12.68 3.40
N ARG H 51 26.36 -13.55 4.32
CA ARG H 51 26.83 -14.90 4.00
C ARG H 51 25.65 -15.84 3.69
N GLN H 52 25.95 -17.13 3.40
CA GLN H 52 24.95 -18.16 3.08
C GLN H 52 23.93 -18.34 4.23
N PRO H 53 22.60 -18.20 3.98
CA PRO H 53 21.63 -18.38 5.07
C PRO H 53 21.39 -19.85 5.42
N ARG H 54 20.86 -20.11 6.62
CA ARG H 54 20.56 -21.47 7.09
C ARG H 54 19.12 -21.55 7.53
N PHE H 55 18.37 -22.51 6.97
CA PHE H 55 16.97 -22.75 7.31
C PHE H 55 16.96 -24.08 8.07
N THR H 56 16.50 -24.04 9.32
CA THR H 56 16.53 -25.21 10.19
C THR H 56 15.17 -25.55 10.77
N ALA H 57 14.65 -26.75 10.45
CA ALA H 57 13.37 -27.20 11.00
C ALA H 57 13.57 -28.33 12.00
N THR H 58 14.84 -28.68 12.27
CA THR H 58 15.19 -29.79 13.16
C THR H 58 15.52 -29.42 14.60
N SER H 59 15.59 -28.11 14.92
CA SER H 59 16.01 -27.60 16.23
C SER H 59 15.36 -28.26 17.46
N ILE H 60 14.06 -28.59 17.38
CA ILE H 60 13.37 -29.20 18.53
C ILE H 60 13.17 -30.70 18.30
N ALA H 61 13.94 -31.51 19.06
CA ALA H 61 13.90 -32.98 19.00
C ALA H 61 12.76 -33.57 19.83
N ARG H 62 12.42 -32.93 20.96
CA ARG H 62 11.37 -33.40 21.86
C ARG H 62 10.63 -32.23 22.52
N VAL H 63 9.33 -32.44 22.81
CA VAL H 63 8.47 -31.45 23.47
C VAL H 63 7.86 -32.07 24.72
N ASP H 64 7.72 -31.28 25.79
CA ASP H 64 7.07 -31.70 27.03
C ASP H 64 6.34 -30.52 27.66
N VAL H 65 5.29 -30.80 28.44
CA VAL H 65 4.48 -29.79 29.11
C VAL H 65 4.80 -29.78 30.61
N ALA H 66 5.25 -28.62 31.13
CA ALA H 66 5.62 -28.39 32.54
C ALA H 66 4.36 -28.42 33.47
N PRO H 67 4.50 -28.54 34.84
CA PRO H 67 3.30 -28.56 35.71
C PRO H 67 2.33 -27.38 35.54
N GLY H 68 2.87 -26.19 35.29
CA GLY H 68 2.09 -24.97 35.07
C GLY H 68 1.71 -24.73 33.63
N CYS H 69 1.56 -25.83 32.85
CA CYS H 69 1.23 -25.89 31.42
C CYS H 69 2.06 -24.93 30.53
N ARG H 70 3.39 -24.96 30.71
CA ARG H 70 4.36 -24.20 29.92
C ARG H 70 5.17 -25.21 29.11
N LEU H 71 5.54 -24.85 27.89
CA LEU H 71 6.29 -25.75 27.03
C LEU H 71 7.77 -25.87 27.38
N ARG H 72 8.32 -27.08 27.27
CA ARG H 72 9.76 -27.31 27.44
C ARG H 72 10.27 -28.19 26.29
N PHE H 73 11.53 -27.97 25.88
CA PHE H 73 12.11 -28.64 24.72
C PHE H 73 13.43 -29.33 24.96
N VAL H 74 13.68 -30.43 24.23
CA VAL H 74 14.99 -31.07 24.15
C VAL H 74 15.45 -30.60 22.78
N LEU H 75 16.54 -29.87 22.72
CA LEU H 75 17.04 -29.34 21.46
C LEU H 75 17.85 -30.39 20.71
N ASP H 76 17.98 -30.23 19.37
CA ASP H 76 18.74 -31.15 18.52
C ASP H 76 20.22 -31.14 18.91
N GLY H 77 20.76 -32.32 19.16
CA GLY H 77 22.15 -32.51 19.56
C GLY H 77 22.38 -32.56 21.06
N SER H 78 21.36 -32.17 21.86
CA SER H 78 21.42 -32.17 23.32
C SER H 78 21.08 -33.58 23.88
N PRO H 79 21.55 -33.95 25.10
CA PRO H 79 21.18 -35.28 25.64
C PRO H 79 19.66 -35.48 25.74
N GLU H 80 19.22 -36.74 25.53
CA GLU H 80 17.83 -37.21 25.48
C GLU H 80 16.87 -36.58 26.50
N ASP H 81 17.32 -36.39 27.75
CA ASP H 81 16.52 -35.83 28.84
C ASP H 81 17.03 -34.45 29.32
N ALA H 82 17.73 -33.70 28.46
CA ALA H 82 18.24 -32.38 28.80
C ALA H 82 17.30 -31.31 28.22
N TYR H 83 16.23 -31.02 28.97
CA TYR H 83 15.22 -30.03 28.60
C TYR H 83 15.65 -28.60 28.90
N VAL H 84 15.16 -27.68 28.09
CA VAL H 84 15.30 -26.24 28.23
C VAL H 84 13.85 -25.71 28.25
N THR H 85 13.56 -24.67 29.05
CA THR H 85 12.21 -24.11 29.06
C THR H 85 12.05 -23.36 27.73
N SER H 86 10.82 -23.17 27.26
CA SER H 86 10.55 -22.39 26.04
C SER H 86 11.03 -20.93 26.23
N GLU H 87 10.93 -20.37 27.47
CA GLU H 87 11.38 -19.02 27.79
C GLU H 87 12.89 -18.88 27.60
N ASP H 88 13.68 -19.87 28.09
CA ASP H 88 15.13 -19.86 27.97
C ASP H 88 15.58 -19.98 26.50
N TYR H 89 14.84 -20.77 25.69
CA TYR H 89 15.13 -20.92 24.24
C TYR H 89 14.72 -19.64 23.47
N PHE H 90 13.63 -18.97 23.91
CA PHE H 90 13.18 -17.69 23.34
C PHE H 90 14.25 -16.61 23.57
N LYS H 91 14.79 -16.52 24.79
CA LYS H 91 15.85 -15.55 25.16
C LYS H 91 17.15 -15.81 24.38
N ARG H 92 17.55 -17.09 24.24
CA ARG H 92 18.74 -17.52 23.51
C ARG H 92 18.64 -17.09 22.02
N CYS H 93 17.48 -17.32 21.39
CA CYS H 93 17.24 -16.94 19.99
C CYS H 93 17.24 -15.42 19.81
N CYS H 94 16.58 -14.68 20.73
CA CYS H 94 16.53 -13.21 20.70
C CYS H 94 17.91 -12.58 20.86
N GLY H 95 18.79 -13.28 21.59
CA GLY H 95 20.17 -12.86 21.84
C GLY H 95 21.17 -13.25 20.78
N GLN H 96 20.76 -14.07 19.78
CA GLN H 96 21.63 -14.49 18.68
C GLN H 96 21.54 -13.47 17.54
N SER H 97 22.64 -12.79 17.20
CA SER H 97 22.65 -11.78 16.13
C SER H 97 22.35 -12.36 14.74
N SER H 98 22.64 -13.65 14.53
CA SER H 98 22.38 -14.34 13.26
C SER H 98 20.91 -14.76 13.10
N TYR H 99 20.18 -14.89 14.21
CA TYR H 99 18.77 -15.29 14.23
C TYR H 99 17.87 -14.23 13.58
N ARG H 100 17.06 -14.65 12.60
CA ARG H 100 16.19 -13.74 11.83
C ARG H 100 14.70 -13.97 12.06
N GLY H 101 14.36 -15.02 12.79
CA GLY H 101 12.97 -15.41 13.08
C GLY H 101 12.62 -16.71 12.39
N PHE H 102 11.31 -16.96 12.17
CA PHE H 102 10.84 -18.18 11.51
C PHE H 102 10.31 -17.88 10.11
N ALA H 103 10.65 -18.73 9.14
CA ALA H 103 10.04 -18.62 7.81
C ALA H 103 8.87 -19.61 7.82
N VAL H 104 7.74 -19.22 7.23
CA VAL H 104 6.54 -20.05 7.12
C VAL H 104 5.93 -19.81 5.74
N ALA H 105 5.24 -20.81 5.17
CA ALA H 105 4.51 -20.67 3.91
C ALA H 105 3.02 -20.80 4.23
N VAL H 106 2.19 -19.90 3.69
CA VAL H 106 0.75 -19.94 3.89
C VAL H 106 0.12 -20.74 2.73
N LEU H 107 -0.78 -21.66 3.04
CA LEU H 107 -1.42 -22.54 2.07
C LEU H 107 -2.87 -22.69 2.41
N THR H 108 -3.62 -23.32 1.51
CA THR H 108 -4.97 -23.81 1.78
C THR H 108 -4.79 -25.33 1.87
N ALA H 109 -5.64 -26.02 2.65
CA ALA H 109 -5.53 -27.47 2.90
C ALA H 109 -5.49 -28.36 1.63
N ASN H 110 -6.22 -27.93 0.58
CA ASN H 110 -6.26 -28.67 -0.70
C ASN H 110 -4.93 -28.64 -1.45
N GLU H 111 -4.01 -27.72 -1.09
CA GLU H 111 -2.70 -27.57 -1.78
C GLU H 111 -1.62 -28.53 -1.24
N ASP H 112 -1.82 -29.12 -0.06
CA ASP H 112 -0.81 -30.01 0.48
C ASP H 112 -1.03 -31.42 -0.10
N HIS H 113 -0.19 -31.82 -1.08
CA HIS H 113 -0.33 -33.12 -1.75
C HIS H 113 0.66 -34.17 -1.25
N VAL H 114 1.04 -34.10 0.06
CA VAL H 114 1.86 -35.08 0.79
C VAL H 114 3.35 -35.04 0.38
N HIS H 115 3.72 -35.53 -0.82
CA HIS H 115 5.13 -35.51 -1.24
C HIS H 115 5.46 -34.28 -2.10
N SER H 116 4.47 -33.41 -2.30
CA SER H 116 4.59 -32.19 -3.08
C SER H 116 3.51 -31.21 -2.62
N LEU H 117 3.61 -29.95 -3.09
CA LEU H 117 2.61 -28.91 -2.83
C LEU H 117 2.04 -28.57 -4.21
N ALA H 118 0.71 -28.41 -4.32
CA ALA H 118 0.10 -28.06 -5.61
C ALA H 118 0.19 -26.55 -5.83
N VAL H 119 1.37 -26.00 -5.60
CA VAL H 119 1.67 -24.57 -5.75
C VAL H 119 2.92 -24.49 -6.62
N PRO H 120 2.85 -23.95 -7.88
CA PRO H 120 4.08 -23.83 -8.69
C PRO H 120 5.20 -23.08 -7.93
N PRO H 121 6.49 -23.43 -8.17
CA PRO H 121 7.59 -22.76 -7.42
C PRO H 121 7.59 -21.23 -7.43
N LEU H 122 7.24 -20.60 -8.57
CA LEU H 122 7.21 -19.15 -8.67
C LEU H 122 6.04 -18.52 -7.92
N VAL H 123 4.99 -19.30 -7.68
CA VAL H 123 3.82 -18.89 -6.90
C VAL H 123 4.18 -19.06 -5.40
N LEU H 124 4.85 -20.19 -5.06
CA LEU H 124 5.26 -20.48 -3.67
C LEU H 124 6.16 -19.39 -3.09
N LEU H 125 6.98 -18.77 -3.96
CA LEU H 125 7.88 -17.66 -3.64
C LEU H 125 7.12 -16.54 -2.90
N HIS H 126 5.84 -16.31 -3.31
CA HIS H 126 4.96 -15.27 -2.77
C HIS H 126 4.10 -15.73 -1.57
N ARG H 127 4.29 -17.00 -1.12
CA ARG H 127 3.57 -17.54 0.04
C ARG H 127 4.37 -17.49 1.33
N PHE H 128 5.68 -17.18 1.24
CA PHE H 128 6.53 -17.14 2.43
C PHE H 128 6.42 -15.80 3.13
N SER H 129 6.52 -15.83 4.45
CA SER H 129 6.57 -14.66 5.30
C SER H 129 7.52 -14.94 6.45
N LEU H 130 8.06 -13.87 7.03
CA LEU H 130 9.02 -13.95 8.13
C LEU H 130 8.31 -13.61 9.43
N PHE H 131 8.39 -14.51 10.41
CA PHE H 131 7.72 -14.34 11.69
C PHE H 131 8.70 -13.98 12.77
N ASN H 132 8.45 -12.85 13.44
CA ASN H 132 9.26 -12.43 14.57
C ASN H 132 8.35 -12.46 15.76
N PRO H 133 8.42 -13.57 16.55
CA PRO H 133 7.54 -13.71 17.73
C PRO H 133 7.52 -12.47 18.62
N ARG H 134 6.31 -11.99 18.88
CA ARG H 134 6.02 -10.78 19.64
C ARG H 134 6.13 -11.04 21.16
N ASP H 135 5.90 -12.30 21.58
CA ASP H 135 5.98 -12.74 22.98
C ASP H 135 6.26 -14.26 23.05
N LEU H 136 6.29 -14.83 24.28
CA LEU H 136 6.55 -16.25 24.49
C LEU H 136 5.55 -17.17 23.80
N LEU H 137 4.24 -16.90 23.95
CA LEU H 137 3.18 -17.74 23.33
C LEU H 137 3.36 -17.87 21.81
N ASP H 138 3.68 -16.75 21.13
CA ASP H 138 3.96 -16.71 19.69
C ASP H 138 5.14 -17.64 19.36
N PHE H 139 6.23 -17.53 20.15
CA PHE H 139 7.43 -18.35 19.95
C PHE H 139 7.12 -19.84 20.13
N GLU H 140 6.35 -20.19 21.18
CA GLU H 140 5.97 -21.57 21.51
C GLU H 140 5.15 -22.19 20.36
N LEU H 141 4.22 -21.41 19.79
CA LEU H 141 3.37 -21.84 18.67
C LEU H 141 4.18 -22.17 17.42
N ALA H 142 5.17 -21.31 17.09
CA ALA H 142 6.04 -21.53 15.93
C ALA H 142 6.93 -22.76 16.17
N CYS H 143 7.47 -22.92 17.40
CA CYS H 143 8.30 -24.05 17.82
C CYS H 143 7.51 -25.36 17.74
N LEU H 144 6.23 -25.32 18.20
CA LEU H 144 5.36 -26.49 18.20
C LEU H 144 4.99 -26.92 16.80
N LEU H 145 4.67 -25.95 15.90
CA LEU H 145 4.35 -26.26 14.51
C LEU H 145 5.54 -26.95 13.85
N MET H 146 6.72 -26.38 14.01
CA MET H 146 7.95 -26.91 13.45
C MET H 146 8.25 -28.30 14.00
N TYR H 147 8.05 -28.49 15.31
CA TYR H 147 8.27 -29.78 15.96
C TYR H 147 7.33 -30.86 15.35
N LEU H 148 6.03 -30.55 15.27
CA LEU H 148 5.01 -31.48 14.76
C LEU H 148 5.26 -31.88 13.31
N GLU H 149 5.74 -30.93 12.48
CA GLU H 149 5.99 -31.20 11.06
C GLU H 149 7.18 -32.13 10.91
N ASN H 150 8.13 -32.10 11.88
CA ASN H 150 9.37 -32.88 11.79
C ASN H 150 9.44 -34.05 12.74
N CYS H 151 8.34 -34.30 13.49
CA CYS H 151 8.23 -35.37 14.47
C CYS H 151 8.36 -36.77 13.84
N PRO H 152 9.34 -37.60 14.26
CA PRO H 152 9.46 -38.96 13.70
C PRO H 152 8.48 -39.93 14.37
N ARG H 153 8.40 -41.19 13.85
CA ARG H 153 7.54 -42.26 14.39
C ARG H 153 7.73 -42.50 15.88
N SER H 154 8.98 -42.51 16.37
CA SER H 154 9.34 -42.77 17.77
C SER H 154 8.66 -41.83 18.78
N HIS H 155 8.44 -40.56 18.38
CA HIS H 155 7.81 -39.58 19.26
C HIS H 155 6.32 -39.34 18.98
N ALA H 156 5.79 -39.93 17.88
CA ALA H 156 4.38 -39.82 17.51
C ALA H 156 3.61 -40.89 18.30
N THR H 157 3.46 -40.64 19.60
CA THR H 157 2.84 -41.57 20.55
C THR H 157 1.58 -40.97 21.20
N PRO H 158 0.66 -41.84 21.74
CA PRO H 158 -0.53 -41.32 22.44
C PRO H 158 -0.23 -40.30 23.55
N SER H 159 0.85 -40.52 24.32
CA SER H 159 1.31 -39.64 25.40
C SER H 159 1.64 -38.24 24.87
N THR H 160 2.46 -38.17 23.79
CA THR H 160 2.81 -36.91 23.12
C THR H 160 1.54 -36.22 22.60
N PHE H 161 0.63 -36.99 21.94
CA PHE H 161 -0.61 -36.46 21.39
C PHE H 161 -1.50 -35.80 22.47
N ALA H 162 -1.65 -36.48 23.62
CA ALA H 162 -2.43 -36.00 24.77
C ALA H 162 -1.86 -34.69 25.33
N LYS H 163 -0.52 -34.60 25.51
CA LYS H 163 0.19 -33.43 26.05
C LYS H 163 0.06 -32.24 25.12
N VAL H 164 0.23 -32.47 23.81
CA VAL H 164 0.13 -31.45 22.76
C VAL H 164 -1.30 -30.88 22.73
N LEU H 165 -2.33 -31.76 22.71
CA LEU H 165 -3.74 -31.33 22.70
C LEU H 165 -4.11 -30.51 23.94
N ALA H 166 -3.69 -30.97 25.13
CA ALA H 166 -3.93 -30.28 26.40
C ALA H 166 -3.31 -28.88 26.37
N TRP H 167 -2.06 -28.75 25.88
CA TRP H 167 -1.40 -27.46 25.76
C TRP H 167 -2.14 -26.56 24.77
N LEU H 168 -2.54 -27.10 23.60
CA LEU H 168 -3.29 -26.35 22.58
C LEU H 168 -4.64 -25.87 23.11
N GLY H 169 -5.25 -26.66 23.99
CA GLY H 169 -6.50 -26.31 24.65
C GLY H 169 -6.35 -25.11 25.56
N VAL H 170 -5.25 -25.07 26.33
CA VAL H 170 -4.93 -23.97 27.25
C VAL H 170 -4.57 -22.72 26.44
N ALA H 171 -3.77 -22.89 25.37
CA ALA H 171 -3.39 -21.79 24.48
C ALA H 171 -4.62 -21.20 23.76
N GLY H 172 -5.53 -22.08 23.33
CA GLY H 172 -6.78 -21.72 22.66
C GLY H 172 -7.72 -20.89 23.52
N ARG H 173 -7.84 -21.24 24.83
CA ARG H 173 -8.68 -20.52 25.80
C ARG H 173 -8.16 -19.11 26.11
N ARG H 174 -6.84 -18.92 25.99
CA ARG H 174 -6.14 -17.64 26.18
C ARG H 174 -6.29 -16.73 24.95
N THR H 175 -6.67 -17.30 23.79
CA THR H 175 -6.76 -16.62 22.50
C THR H 175 -8.19 -16.31 22.05
N SER H 176 -8.43 -15.06 21.62
CA SER H 176 -9.70 -14.60 21.07
C SER H 176 -9.66 -14.76 19.53
N PRO H 177 -10.81 -14.83 18.80
CA PRO H 177 -10.75 -15.00 17.33
C PRO H 177 -10.16 -13.81 16.56
N PHE H 178 -10.10 -12.62 17.19
CA PHE H 178 -9.55 -11.42 16.55
C PHE H 178 -8.01 -11.39 16.62
N GLU H 179 -7.40 -12.35 17.34
CA GLU H 179 -5.94 -12.54 17.35
C GLU H 179 -5.71 -13.51 16.18
N ARG H 180 -5.82 -12.97 14.97
CA ARG H 180 -5.80 -13.68 13.68
C ARG H 180 -4.57 -14.52 13.44
N VAL H 181 -3.39 -13.98 13.80
CA VAL H 181 -2.11 -14.69 13.60
C VAL H 181 -1.97 -15.86 14.60
N ARG H 182 -2.29 -15.64 15.90
CA ARG H 182 -2.23 -16.71 16.92
C ARG H 182 -3.15 -17.86 16.50
N CYS H 183 -4.38 -17.52 16.08
CA CYS H 183 -5.41 -18.46 15.61
C CYS H 183 -4.89 -19.26 14.41
N LEU H 184 -4.17 -18.60 13.47
CA LEU H 184 -3.59 -19.24 12.30
C LEU H 184 -2.57 -20.29 12.72
N PHE H 185 -1.67 -19.93 13.66
CA PHE H 185 -0.66 -20.90 14.17
C PHE H 185 -1.33 -22.06 14.93
N LEU H 186 -2.37 -21.75 15.73
CA LEU H 186 -3.11 -22.74 16.50
C LEU H 186 -3.77 -23.77 15.58
N ARG H 187 -4.55 -23.32 14.56
CA ARG H 187 -5.19 -24.28 13.66
C ARG H 187 -4.17 -25.05 12.81
N SER H 188 -3.02 -24.43 12.47
CA SER H 188 -1.94 -25.11 11.74
C SER H 188 -1.45 -26.30 12.60
N CYS H 189 -1.32 -26.08 13.94
CA CYS H 189 -0.91 -27.16 14.86
C CYS H 189 -1.95 -28.27 14.88
N HIS H 190 -3.27 -27.91 14.89
CA HIS H 190 -4.33 -28.90 14.87
C HIS H 190 -4.34 -29.74 13.57
N TRP H 191 -4.11 -29.10 12.39
CA TRP H 191 -4.03 -29.83 11.11
C TRP H 191 -2.85 -30.81 11.16
N VAL H 192 -1.66 -30.33 11.55
CA VAL H 192 -0.46 -31.17 11.55
C VAL H 192 -0.57 -32.31 12.58
N LEU H 193 -1.09 -32.00 13.77
CA LEU H 193 -1.26 -32.98 14.85
C LEU H 193 -2.23 -34.10 14.46
N ASN H 194 -3.45 -33.75 14.00
CA ASN H 194 -4.46 -34.74 13.64
C ASN H 194 -4.05 -35.59 12.45
N THR H 195 -3.34 -34.99 11.49
CA THR H 195 -2.85 -35.74 10.31
C THR H 195 -1.76 -36.71 10.77
N LEU H 196 -0.86 -36.27 11.67
CA LEU H 196 0.21 -37.10 12.23
C LEU H 196 -0.35 -38.34 12.93
N MET H 197 -1.41 -38.16 13.75
CA MET H 197 -2.08 -39.26 14.47
C MET H 197 -2.66 -40.25 13.46
N PHE H 198 -3.34 -39.73 12.43
CA PHE H 198 -3.93 -40.55 11.37
C PHE H 198 -2.84 -41.37 10.66
N MET H 199 -1.69 -40.74 10.33
CA MET H 199 -0.59 -41.39 9.61
C MET H 199 0.07 -42.51 10.40
N VAL H 200 -0.01 -42.45 11.76
CA VAL H 200 0.53 -43.52 12.61
C VAL H 200 -0.59 -44.50 13.04
N HIS H 201 -1.74 -44.46 12.34
CA HIS H 201 -2.89 -45.38 12.55
C HIS H 201 -3.49 -45.24 13.97
N VAL H 202 -3.51 -44.01 14.47
CA VAL H 202 -4.11 -43.66 15.76
C VAL H 202 -5.32 -42.80 15.43
N LYS H 203 -6.46 -43.03 16.09
CA LYS H 203 -7.68 -42.25 15.88
C LYS H 203 -7.40 -40.77 16.16
N PRO H 204 -7.57 -39.88 15.16
CA PRO H 204 -7.34 -38.44 15.43
C PRO H 204 -8.36 -37.89 16.43
N PHE H 205 -7.98 -36.83 17.15
CA PHE H 205 -8.87 -36.14 18.08
C PHE H 205 -10.03 -35.51 17.30
N ASP H 206 -9.74 -35.02 16.07
CA ASP H 206 -10.72 -34.41 15.18
C ASP H 206 -10.38 -34.80 13.74
N ASP H 207 -11.17 -35.74 13.15
CA ASP H 207 -10.88 -36.21 11.79
C ASP H 207 -11.14 -35.12 10.72
N GLU H 208 -11.82 -34.00 11.09
CA GLU H 208 -12.01 -32.86 10.19
C GLU H 208 -10.68 -32.11 10.02
N PHE H 209 -9.71 -32.34 10.93
CA PHE H 209 -8.38 -31.74 10.88
C PHE H 209 -7.29 -32.68 10.32
N VAL H 210 -7.70 -33.75 9.62
CA VAL H 210 -6.75 -34.58 8.87
C VAL H 210 -6.68 -33.92 7.48
N LEU H 211 -5.46 -33.56 7.03
CA LEU H 211 -5.28 -32.93 5.72
C LEU H 211 -5.90 -33.84 4.64
N PRO H 212 -6.75 -33.30 3.75
CA PRO H 212 -7.57 -34.17 2.87
C PRO H 212 -6.80 -35.09 1.92
N HIS H 213 -5.68 -34.62 1.34
CA HIS H 213 -4.86 -35.47 0.46
C HIS H 213 -4.10 -36.54 1.23
N TRP H 214 -3.75 -36.25 2.50
CA TRP H 214 -3.06 -37.20 3.39
C TRP H 214 -4.02 -38.35 3.76
N TYR H 215 -5.32 -38.04 3.94
CA TYR H 215 -6.29 -39.07 4.26
C TYR H 215 -6.35 -40.09 3.09
N MET H 216 -6.32 -39.58 1.84
CA MET H 216 -6.34 -40.41 0.64
C MET H 216 -5.02 -41.16 0.48
N ALA H 217 -3.88 -40.46 0.63
CA ALA H 217 -2.54 -41.06 0.46
C ALA H 217 -2.24 -42.23 1.41
N ARG H 218 -2.68 -42.16 2.67
CA ARG H 218 -2.42 -43.27 3.58
C ARG H 218 -3.00 -44.59 3.06
N TYR H 219 -4.18 -44.54 2.44
CA TYR H 219 -4.80 -45.73 1.86
C TYR H 219 -4.23 -46.09 0.51
N LEU H 220 -4.11 -45.09 -0.41
CA LEU H 220 -3.67 -45.32 -1.78
C LEU H 220 -2.19 -45.67 -1.92
N LEU H 221 -1.32 -45.18 -1.02
CA LEU H 221 0.13 -45.46 -1.10
C LEU H 221 0.64 -46.45 -0.04
N ALA H 222 -0.28 -47.17 0.64
CA ALA H 222 0.02 -48.10 1.75
C ALA H 222 1.13 -49.12 1.47
N ASN H 223 1.05 -49.83 0.33
CA ASN H 223 2.03 -50.87 -0.02
C ASN H 223 2.12 -51.03 -1.52
N ASN H 224 3.36 -50.93 -2.06
CA ASN H 224 3.68 -51.07 -3.49
C ASN H 224 2.61 -50.39 -4.39
N PRO H 225 2.37 -49.05 -4.23
CA PRO H 225 1.33 -48.41 -5.04
C PRO H 225 1.62 -48.39 -6.54
N PRO H 226 0.60 -48.45 -7.42
CA PRO H 226 0.88 -48.37 -8.86
C PRO H 226 1.30 -46.93 -9.21
N PRO H 227 2.18 -46.72 -10.23
CA PRO H 227 2.62 -45.35 -10.58
C PRO H 227 1.52 -44.31 -10.73
N VAL H 228 0.36 -44.70 -11.32
CA VAL H 228 -0.81 -43.85 -11.56
C VAL H 228 -1.36 -43.21 -10.25
N LEU H 229 -1.24 -43.93 -9.11
CA LEU H 229 -1.68 -43.42 -7.81
C LEU H 229 -0.61 -42.56 -7.19
N SER H 230 0.65 -43.01 -7.29
CA SER H 230 1.84 -42.29 -6.80
C SER H 230 1.94 -40.90 -7.46
N ALA H 231 1.55 -40.80 -8.74
CA ALA H 231 1.57 -39.57 -9.56
C ALA H 231 0.68 -38.47 -9.00
N LEU H 232 -0.38 -38.83 -8.23
CA LEU H 232 -1.29 -37.86 -7.61
C LEU H 232 -0.64 -37.06 -6.49
N PHE H 233 0.46 -37.58 -5.94
CA PHE H 233 1.12 -37.00 -4.77
C PHE H 233 2.59 -36.66 -4.97
N CYS H 234 3.26 -37.29 -5.97
CA CYS H 234 4.69 -37.23 -6.32
C CYS H 234 5.51 -37.96 -5.27
N CYS H 253 21.36 -25.96 2.23
CA CYS H 253 21.28 -25.08 3.40
C CYS H 253 19.92 -25.16 4.14
N VAL H 254 19.09 -26.17 3.79
CA VAL H 254 17.80 -26.44 4.40
C VAL H 254 17.85 -27.76 5.18
N ALA H 255 17.80 -27.67 6.52
CA ALA H 255 17.83 -28.84 7.41
C ALA H 255 16.41 -29.15 7.88
N TYR H 256 15.91 -30.35 7.55
CA TYR H 256 14.60 -30.86 7.96
C TYR H 256 14.82 -32.31 8.38
N ASN H 257 13.90 -32.89 9.17
CA ASN H 257 14.10 -34.26 9.61
C ASN H 257 13.66 -35.22 8.47
N PRO H 258 14.58 -36.02 7.87
CA PRO H 258 14.14 -36.93 6.79
C PRO H 258 13.18 -38.01 7.25
N ALA H 259 13.16 -38.31 8.58
CA ALA H 259 12.25 -39.27 9.21
C ALA H 259 10.98 -38.58 9.75
N GLY H 260 10.84 -37.26 9.50
CA GLY H 260 9.67 -36.49 9.92
C GLY H 260 8.46 -36.94 9.12
N ILE H 261 7.45 -37.50 9.81
CA ILE H 261 6.24 -38.02 9.14
C ILE H 261 5.47 -36.93 8.36
N MET H 262 5.28 -35.75 8.97
CA MET H 262 4.54 -34.66 8.34
C MET H 262 5.41 -33.70 7.51
N GLY H 263 6.70 -33.96 7.42
CA GLY H 263 7.61 -33.09 6.67
C GLY H 263 7.97 -33.52 5.28
N SER H 264 7.27 -34.54 4.70
CA SER H 264 7.62 -35.05 3.35
C SER H 264 7.60 -33.98 2.23
N CYS H 265 6.87 -32.85 2.41
CA CYS H 265 6.85 -31.74 1.43
C CYS H 265 8.23 -31.10 1.25
N TRP H 266 9.08 -31.17 2.29
CA TRP H 266 10.43 -30.62 2.30
C TRP H 266 11.38 -31.29 1.30
N ALA H 267 11.12 -32.57 0.93
CA ALA H 267 12.00 -33.31 0.01
C ALA H 267 12.08 -32.71 -1.40
N SER H 268 10.99 -32.07 -1.85
CA SER H 268 10.82 -31.44 -3.16
C SER H 268 11.73 -30.21 -3.34
N GLU H 269 12.48 -30.20 -4.46
CA GLU H 269 13.32 -29.08 -4.87
C GLU H 269 12.41 -27.87 -5.24
N GLU H 270 11.17 -28.16 -5.66
CA GLU H 270 10.16 -27.15 -6.00
C GLU H 270 9.58 -26.46 -4.75
N VAL H 271 10.03 -26.89 -3.55
CA VAL H 271 9.67 -26.33 -2.26
C VAL H 271 10.90 -25.59 -1.68
N ARG H 272 12.09 -26.24 -1.66
CA ARG H 272 13.31 -25.68 -1.09
C ARG H 272 13.97 -24.56 -1.90
N ALA H 273 14.05 -24.69 -3.25
CA ALA H 273 14.64 -23.61 -4.07
C ALA H 273 13.83 -22.30 -3.93
N PRO H 274 12.46 -22.29 -3.96
CA PRO H 274 11.73 -21.03 -3.72
C PRO H 274 11.99 -20.42 -2.35
N LEU H 275 12.15 -21.24 -1.28
CA LEU H 275 12.44 -20.72 0.08
C LEU H 275 13.72 -19.91 0.09
N VAL H 276 14.79 -20.49 -0.47
CA VAL H 276 16.11 -19.85 -0.54
C VAL H 276 16.06 -18.61 -1.43
N TYR H 277 15.44 -18.73 -2.62
CA TYR H 277 15.31 -17.61 -3.56
C TYR H 277 14.49 -16.48 -2.97
N TRP H 278 13.42 -16.79 -2.22
CA TRP H 278 12.60 -15.79 -1.54
C TRP H 278 13.48 -15.06 -0.52
N TRP H 279 14.31 -15.81 0.23
CA TRP H 279 15.15 -15.19 1.24
C TRP H 279 16.19 -14.23 0.64
N LEU H 280 16.69 -14.53 -0.57
N LEU H 280 16.85 -14.66 -0.45
CA LEU H 280 17.70 -13.70 -1.22
CA LEU H 280 17.93 -13.91 -1.11
C LEU H 280 17.15 -12.68 -2.25
C LEU H 280 17.46 -12.61 -1.76
N SER H 281 15.88 -12.80 -2.71
N SER H 281 16.17 -12.49 -2.11
CA SER H 281 15.34 -11.88 -3.74
CA SER H 281 15.61 -11.30 -2.74
C SER H 281 14.21 -10.96 -3.28
C SER H 281 15.70 -10.08 -1.82
N GLU H 282 13.30 -11.42 -2.39
N GLU H 282 16.30 -9.01 -2.34
CA GLU H 282 12.17 -10.62 -1.91
CA GLU H 282 16.52 -7.73 -1.64
C GLU H 282 12.72 -9.48 -1.04
C GLU H 282 15.22 -6.93 -1.41
N THR H 283 12.77 -8.27 -1.61
N THR H 283 14.09 -7.39 -2.00
CA THR H 283 13.32 -7.07 -0.96
CA THR H 283 12.76 -6.79 -1.84
C THR H 283 12.51 -6.74 0.32
C THR H 283 12.30 -7.06 -0.38
N PRO H 284 11.23 -6.29 0.28
N PRO H 284 11.76 -6.04 0.36
CA PRO H 284 10.53 -6.03 1.54
CA PRO H 284 11.33 -6.28 1.76
C PRO H 284 9.73 -7.28 1.96
C PRO H 284 10.38 -7.47 1.90
N LYS H 285 10.37 -8.16 2.74
N LYS H 285 10.56 -8.25 2.97
CA LYS H 285 9.76 -9.40 3.21
CA LYS H 285 9.76 -9.44 3.22
C LYS H 285 8.47 -9.17 3.99
C LYS H 285 8.47 -9.15 3.95
N ARG H 286 7.45 -9.97 3.66
CA ARG H 286 6.16 -9.89 4.32
C ARG H 286 6.35 -10.43 5.74
N GLN H 287 5.78 -9.72 6.73
CA GLN H 287 5.84 -10.10 8.15
CA GLN H 287 5.86 -10.13 8.14
C GLN H 287 4.64 -10.97 8.46
N THR H 288 4.86 -12.15 9.04
CA THR H 288 3.74 -13.07 9.38
C THR H 288 2.74 -12.35 10.29
N SER H 289 3.23 -11.48 11.19
CA SER H 289 2.35 -10.75 12.12
C SER H 289 1.43 -9.73 11.41
N SER H 290 1.71 -9.42 10.11
CA SER H 290 0.93 -8.48 9.29
C SER H 290 0.09 -9.17 8.18
N LEU H 291 -0.06 -10.51 8.22
CA LEU H 291 -0.84 -11.26 7.20
C LEU H 291 -2.30 -10.84 7.07
N PHE H 292 -2.89 -10.39 8.17
CA PHE H 292 -4.30 -9.99 8.21
C PHE H 292 -4.42 -8.48 8.32
N TYR H 293 -4.81 -7.85 7.21
CA TYR H 293 -5.00 -6.40 7.18
C TYR H 293 -5.95 -5.97 8.31
N GLN H 294 -5.60 -4.89 9.00
CA GLN H 294 -6.46 -4.29 9.99
C GLN H 294 -6.50 -2.80 9.84
N PHE H 295 -7.68 -2.22 10.09
CA PHE H 295 -7.87 -0.79 10.20
C PHE H 295 -8.75 -0.51 11.39
N CYS H 296 -8.37 0.46 12.22
CA CYS H 296 -9.22 0.93 13.30
C CYS H 296 -9.14 2.46 13.31
N GLY H 297 -10.27 3.11 13.21
CA GLY H 297 -10.27 4.56 13.18
C GLY H 297 -11.61 5.21 13.04
N SER H 298 -11.61 6.52 12.90
CA SER H 298 -12.86 7.26 12.78
C SER H 298 -13.29 7.32 11.31
N LEU H 299 -14.58 7.29 11.08
CA LEU H 299 -15.17 7.42 9.76
C LEU H 299 -16.17 8.57 9.84
N GLU H 300 -15.98 9.61 9.03
CA GLU H 300 -16.91 10.73 8.96
C GLU H 300 -17.48 10.77 7.56
N VAL H 301 -18.81 10.91 7.45
CA VAL H 301 -19.52 10.91 6.16
C VAL H 301 -20.34 12.19 6.08
N LEU H 302 -20.10 13.01 5.05
CA LEU H 302 -20.80 14.28 4.85
C LEU H 302 -21.60 14.21 3.57
N PHE H 303 -22.91 14.52 3.61
CA PHE H 303 -23.74 14.48 2.38
C PHE H 303 -24.91 15.42 2.48
N GLN H 304 -25.46 15.81 1.32
CA GLN H 304 -26.68 16.64 1.22
C GLN H 304 -27.80 15.81 0.64
#